data_5DH9
#
_entry.id   5DH9
#
_cell.length_a   106.118
_cell.length_b   106.118
_cell.length_c   304.127
_cell.angle_alpha   90.000
_cell.angle_beta   90.000
_cell.angle_gamma   90.000
#
_symmetry.space_group_name_H-M   'P 43 21 2'
#
loop_
_entity.id
_entity.type
_entity.pdbx_description
1 polymer 'GTP-binding nuclear protein Ran'
2 polymer 'Ran-specific GTPase-activating protein 1'
3 polymer Exportin-1
4 polymer 'Engineered Nuclear Export Signal Peptide (PKINES-Flip3 mutant)'
5 non-polymer 'PHOSPHOAMINOPHOSPHONIC ACID-GUANYLATE ESTER'
6 non-polymer 'MAGNESIUM ION'
7 non-polymer GLYCEROL
8 water water
#
loop_
_entity_poly.entity_id
_entity_poly.type
_entity_poly.pdbx_seq_one_letter_code
_entity_poly.pdbx_strand_id
1 'polypeptide(L)'
;METGSSHHHHHHSSGLPRGSHMAAQGEPQVQFKLVLVGDGGTGKTTFVKRHLTGEFEKKYVATLGVEVHPLVFHTNRGPI
KFNVWDTAGQEKFGGLRDGYYIQAQCAIIMFDVTSRVTYKNVPNWHRDLVRVCENIPIVLCGNKVDIKDRKVKAKSIVFH
RKKNLQYYDISAKSNYNFEKPFLWLARKLIGDPNLEFVAMPALAPPEVVMDPALAAQYEHDLEVAQTTALPDEDDDL
;
A
2 'polypeptide(L)'
;GGSDIHFEPVVHLEKVDVKTMEEDEEVLYKVRAKLFRFDADAKEWKERGTGDCKFLKNKKTNKVRILMRRDKTLKICANH
IIAPEYTLKPNVGSDRSWVYACTADIAEGEAEAFTFAIRFGSKENADKFKEEFEKAQEINKKA
;
B
3 'polypeptide(L)'
;GGSMEGILDFSNDLDIALLDQVVSTFYQGSGVQQKQAQEILTKFQDNPDAWQKADQILQFSTNPQSKFIALSILDKLITR
KWKLLPNDHRIGIRNFVVGMIISMCQDDEVFKTQKNLINKSDLTLVQILKQEWPQNWPEFIPELIGSSSSSVNVCENNMI
VLKLLSEEVFDFSAEQMTQAKALHLKNSMSKEFEQIFKLCFQVLEQGSSSSLIVATLESLLRYLHWIPYRYIYETNILEL
LSTKFMTSPDTRAITLKCLTEVSNLKIPQDNDLIKRQTVLFFQNTLQQIATSVMPVTADLKATYANANGNDQSFLQDLAM
FLTTYLARNRALLESDESLRELLLNAHQYLIQLSKIEERELFKTTLDYWHNLVADLFYEPLKKHIYEEICSQLRLVIIEN
MVRPEEDLVVENDEGEIVREFVKESDTIQLYKSEREVLVYLTHLNVIDTEEIMISKLARQIDGSEWSWHNINTLSWAIGS
ISGTMSEDTEKRFVVTVIKDLLGLCEQKRGKDNKAVVASDIMYVVGQYPRFLKAHWNFLRTVILKLFEFMHETHEGVQDM
ACDTFIKIVQKCKYHFVIQQPRESEPFIQTIIRDIQKTTADLQPQQVHTFYKACGIIISEERSVAERNRLLSDLMQLPNM
AWDTIVEQSTANPTLLLDSETVKIIANIIKTNVAVCTSMGADFYPQLGHIYYNMLQLYRAVSSMISAQVAAEGLIATKTP
KVRGLRTIKKEILKLVETYISKARNLDDVVKVLVEPLLNAVLEDYMNNVPDARDAEVLNCMTTVVEKVGHMIPQGVILIL
QSVFECTLDMINKDFTEYPEHRVEFYKLLKVINEKSFAAFLELPPAAFKLFVDAICWAFKHNNRDVEVNGLQIALDLVKN
IERMGNVPFANEFHKNYFFIFVSETFFVLTDSDHKSGFSKQALLLMKLISLVYDNKISVPLYQEAEVPQGTSNQVYLSQY
LANMLSNAFPHLTSEQIASFLSALTKQCKDLVVFKGTLRDFLVQIKEVGGDPTDYLFAEDKENA
;
C
4 'polypeptide(L)' GGSYRSFDMNELALKLAGLD D
#
# COMPACT_ATOMS: atom_id res chain seq x y z
N VAL A 30 -21.82 -7.56 -24.11
CA VAL A 30 -20.37 -7.49 -24.01
C VAL A 30 -19.95 -7.22 -22.57
N GLN A 31 -20.28 -8.15 -21.67
CA GLN A 31 -20.01 -7.97 -20.25
C GLN A 31 -19.15 -9.09 -19.68
N PHE A 32 -18.34 -8.76 -18.68
CA PHE A 32 -17.39 -9.69 -18.08
C PHE A 32 -17.54 -9.73 -16.56
N LYS A 33 -17.52 -10.92 -15.99
CA LYS A 33 -17.62 -11.07 -14.55
C LYS A 33 -16.26 -10.84 -13.89
N LEU A 34 -16.22 -9.91 -12.94
CA LEU A 34 -15.00 -9.60 -12.21
C LEU A 34 -15.20 -9.89 -10.73
N VAL A 35 -14.34 -10.73 -10.16
CA VAL A 35 -14.38 -10.98 -8.73
C VAL A 35 -13.29 -10.17 -8.06
N LEU A 36 -13.67 -9.51 -6.98
CA LEU A 36 -12.77 -8.66 -6.24
C LEU A 36 -12.62 -9.25 -4.83
N VAL A 37 -11.40 -9.70 -4.51
CA VAL A 37 -11.14 -10.36 -3.24
C VAL A 37 -9.97 -9.71 -2.51
N GLY A 38 -9.86 -9.99 -1.22
CA GLY A 38 -8.80 -9.43 -0.39
C GLY A 38 -9.25 -9.29 1.05
N ASP A 39 -8.30 -9.06 1.95
CA ASP A 39 -8.60 -8.94 3.38
C ASP A 39 -9.60 -7.81 3.66
N GLY A 40 -10.26 -7.91 4.81
CA GLY A 40 -11.20 -6.90 5.24
C GLY A 40 -10.50 -5.57 5.50
N GLY A 41 -11.07 -4.50 4.97
CA GLY A 41 -10.58 -3.16 5.22
C GLY A 41 -9.56 -2.67 4.23
N THR A 42 -9.31 -3.45 3.19
CA THR A 42 -8.27 -3.11 2.21
C THR A 42 -8.75 -2.06 1.19
N GLY A 43 -10.04 -1.79 1.18
CA GLY A 43 -10.60 -0.73 0.34
C GLY A 43 -11.25 -1.23 -0.93
N LYS A 44 -11.65 -2.51 -0.94
CA LYS A 44 -12.30 -3.10 -2.11
C LYS A 44 -13.60 -2.36 -2.46
N THR A 45 -14.45 -2.18 -1.47
CA THR A 45 -15.76 -1.56 -1.68
C THR A 45 -15.60 -0.07 -2.00
N THR A 46 -14.67 0.59 -1.30
CA THR A 46 -14.42 2.01 -1.52
C THR A 46 -13.93 2.24 -2.94
N PHE A 47 -13.03 1.37 -3.39
CA PHE A 47 -12.50 1.42 -4.76
C PHE A 47 -13.59 1.31 -5.82
N VAL A 48 -14.48 0.35 -5.67
CA VAL A 48 -15.57 0.16 -6.63
C VAL A 48 -16.52 1.35 -6.61
N LYS A 49 -16.83 1.86 -5.41
CA LYS A 49 -17.70 3.01 -5.26
C LYS A 49 -17.16 4.22 -5.99
N ARG A 50 -15.85 4.43 -5.88
CA ARG A 50 -15.19 5.52 -6.55
C ARG A 50 -15.43 5.46 -8.07
N HIS A 51 -15.40 4.25 -8.63
CA HIS A 51 -15.62 4.07 -10.06
C HIS A 51 -17.09 4.21 -10.45
N LEU A 52 -17.98 3.88 -9.51
CA LEU A 52 -19.42 3.94 -9.77
C LEU A 52 -19.95 5.37 -9.73
N THR A 53 -19.80 6.03 -8.59
CA THR A 53 -20.41 7.35 -8.36
C THR A 53 -19.38 8.48 -8.31
N GLY A 54 -18.12 8.15 -8.10
CA GLY A 54 -17.07 9.16 -7.98
C GLY A 54 -16.82 9.60 -6.54
N GLU A 55 -17.62 9.10 -5.61
CA GLU A 55 -17.50 9.49 -4.21
C GLU A 55 -16.38 8.72 -3.51
N PHE A 56 -15.86 9.31 -2.44
CA PHE A 56 -14.95 8.61 -1.55
C PHE A 56 -15.62 8.34 -0.20
N GLU A 57 -15.87 7.07 0.09
CA GLU A 57 -16.45 6.69 1.37
C GLU A 57 -15.38 6.60 2.43
N LYS A 58 -15.55 7.38 3.49
CA LYS A 58 -14.60 7.39 4.62
C LYS A 58 -14.92 6.27 5.61
N LYS A 59 -16.19 5.95 5.75
CA LYS A 59 -16.64 4.94 6.72
C LYS A 59 -16.37 3.52 6.25
N TYR A 60 -16.04 2.65 7.20
CA TYR A 60 -15.83 1.24 6.92
C TYR A 60 -17.05 0.43 7.32
N VAL A 61 -17.97 0.24 6.38
CA VAL A 61 -19.10 -0.66 6.57
C VAL A 61 -18.80 -1.97 5.85
N ALA A 62 -18.55 -3.02 6.63
CA ALA A 62 -18.12 -4.30 6.09
C ALA A 62 -19.15 -4.89 5.13
N THR A 63 -18.66 -5.39 4.01
CA THR A 63 -19.51 -6.07 3.03
C THR A 63 -19.95 -7.43 3.57
N LEU A 64 -21.22 -7.78 3.34
CA LEU A 64 -21.75 -9.04 3.82
C LEU A 64 -21.93 -10.02 2.66
N GLY A 65 -21.01 -10.97 2.56
CA GLY A 65 -21.05 -11.94 1.48
C GLY A 65 -20.49 -11.34 0.20
N VAL A 66 -21.34 -10.63 -0.54
CA VAL A 66 -20.92 -10.03 -1.80
C VAL A 66 -21.90 -8.94 -2.25
N GLU A 67 -21.41 -7.99 -3.04
CA GLU A 67 -22.26 -7.01 -3.70
C GLU A 67 -21.92 -6.94 -5.18
N VAL A 68 -22.94 -7.10 -6.02
CA VAL A 68 -22.77 -7.06 -7.47
C VAL A 68 -23.09 -5.66 -7.99
N HIS A 69 -22.16 -5.11 -8.76
CA HIS A 69 -22.34 -3.78 -9.35
C HIS A 69 -21.89 -3.75 -10.81
N PRO A 70 -22.82 -3.44 -11.73
CA PRO A 70 -22.38 -3.23 -13.12
C PRO A 70 -21.50 -1.99 -13.25
N LEU A 71 -20.43 -2.10 -14.03
CA LEU A 71 -19.50 -0.99 -14.21
C LEU A 71 -19.10 -0.93 -15.68
N VAL A 72 -19.48 0.16 -16.35
CA VAL A 72 -19.22 0.32 -17.77
C VAL A 72 -18.15 1.38 -18.04
N PHE A 73 -17.23 1.04 -18.93
CA PHE A 73 -16.23 1.99 -19.42
C PHE A 73 -16.41 2.21 -20.91
N HIS A 74 -16.10 3.43 -21.37
CA HIS A 74 -16.16 3.74 -22.78
C HIS A 74 -14.76 3.69 -23.38
N THR A 75 -14.58 2.79 -24.34
CA THR A 75 -13.29 2.62 -25.00
C THR A 75 -13.40 2.88 -26.50
N ASN A 76 -12.25 2.94 -27.16
CA ASN A 76 -12.19 3.09 -28.61
C ASN A 76 -12.71 1.84 -29.32
N ARG A 77 -12.74 0.72 -28.60
CA ARG A 77 -13.29 -0.52 -29.13
C ARG A 77 -14.71 -0.74 -28.62
N GLY A 78 -15.45 0.35 -28.42
CA GLY A 78 -16.81 0.28 -27.95
C GLY A 78 -16.86 0.21 -26.44
N PRO A 79 -18.08 0.16 -25.86
CA PRO A 79 -18.21 0.08 -24.40
C PRO A 79 -17.89 -1.31 -23.88
N ILE A 80 -17.30 -1.38 -22.69
CA ILE A 80 -17.06 -2.65 -22.02
C ILE A 80 -17.72 -2.62 -20.65
N LYS A 81 -18.40 -3.72 -20.31
CA LYS A 81 -19.16 -3.80 -19.06
C LYS A 81 -18.53 -4.81 -18.12
N PHE A 82 -18.26 -4.37 -16.90
CA PHE A 82 -17.78 -5.26 -15.86
C PHE A 82 -18.88 -5.53 -14.83
N ASN A 83 -19.30 -6.78 -14.71
CA ASN A 83 -20.14 -7.17 -13.60
C ASN A 83 -19.25 -7.48 -12.40
N VAL A 84 -19.06 -6.47 -11.56
CA VAL A 84 -18.12 -6.58 -10.45
C VAL A 84 -18.75 -7.23 -9.23
N TRP A 85 -18.13 -8.32 -8.80
CA TRP A 85 -18.53 -9.02 -7.59
C TRP A 85 -17.60 -8.62 -6.45
N ASP A 86 -18.02 -7.62 -5.67
CA ASP A 86 -17.25 -7.13 -4.55
C ASP A 86 -17.49 -8.03 -3.34
N THR A 87 -16.56 -8.95 -3.09
CA THR A 87 -16.73 -9.92 -2.02
C THR A 87 -16.26 -9.40 -0.67
N ALA A 88 -16.64 -10.13 0.37
CA ALA A 88 -16.32 -9.78 1.75
C ALA A 88 -14.97 -10.36 2.14
N GLY A 89 -14.14 -9.54 2.77
CA GLY A 89 -12.83 -9.95 3.23
C GLY A 89 -12.79 -10.46 4.65
N GLN A 90 -13.82 -10.15 5.44
CA GLN A 90 -13.88 -10.64 6.82
C GLN A 90 -14.44 -12.05 6.81
N GLU A 91 -13.81 -12.93 7.57
CA GLU A 91 -14.19 -14.33 7.59
C GLU A 91 -15.62 -14.53 8.09
N LYS A 92 -16.00 -13.78 9.13
CA LYS A 92 -17.33 -13.92 9.71
C LYS A 92 -18.42 -13.41 8.76
N PHE A 93 -18.01 -12.74 7.69
CA PHE A 93 -18.94 -12.23 6.69
C PHE A 93 -18.65 -12.85 5.32
N GLY A 94 -17.86 -13.93 5.34
CA GLY A 94 -17.36 -14.54 4.11
C GLY A 94 -18.43 -15.01 3.15
N GLY A 95 -19.61 -15.36 3.66
CA GLY A 95 -20.69 -15.80 2.82
C GLY A 95 -20.38 -17.11 2.11
N LEU A 96 -20.62 -17.15 0.81
CA LEU A 96 -20.38 -18.35 0.01
C LEU A 96 -18.90 -18.54 -0.34
N ARG A 97 -18.08 -17.59 0.08
CA ARG A 97 -16.62 -17.65 -0.11
C ARG A 97 -16.25 -17.89 -1.58
N ASP A 98 -15.68 -19.05 -1.88
CA ASP A 98 -15.20 -19.31 -3.24
C ASP A 98 -16.34 -19.64 -4.19
N GLY A 99 -17.55 -19.73 -3.65
CA GLY A 99 -18.73 -19.89 -4.48
C GLY A 99 -18.95 -18.68 -5.36
N TYR A 100 -18.44 -17.53 -4.93
CA TYR A 100 -18.57 -16.30 -5.71
C TYR A 100 -17.66 -16.30 -6.93
N TYR A 101 -16.67 -17.18 -6.95
CA TYR A 101 -15.63 -17.13 -7.99
C TYR A 101 -16.04 -17.88 -9.25
N ILE A 102 -17.06 -18.71 -9.14
CA ILE A 102 -17.49 -19.56 -10.24
C ILE A 102 -17.75 -18.76 -11.52
N GLN A 103 -17.10 -19.16 -12.61
CA GLN A 103 -17.30 -18.56 -13.93
C GLN A 103 -16.91 -17.08 -13.98
N ALA A 104 -16.06 -16.64 -13.06
CA ALA A 104 -15.47 -15.32 -13.19
C ALA A 104 -14.51 -15.33 -14.37
N GLN A 105 -14.43 -14.21 -15.09
CA GLN A 105 -13.58 -14.10 -16.27
C GLN A 105 -12.35 -13.25 -16.00
N CYS A 106 -12.31 -12.61 -14.83
CA CYS A 106 -11.18 -11.80 -14.44
C CYS A 106 -11.30 -11.49 -12.96
N ALA A 107 -10.25 -10.95 -12.36
CA ALA A 107 -10.25 -10.72 -10.93
C ALA A 107 -9.26 -9.66 -10.49
N ILE A 108 -9.55 -9.04 -9.36
CA ILE A 108 -8.62 -8.16 -8.69
C ILE A 108 -8.40 -8.68 -7.27
N ILE A 109 -7.13 -8.86 -6.93
CA ILE A 109 -6.73 -9.17 -5.57
C ILE A 109 -6.22 -7.87 -4.94
N MET A 110 -6.84 -7.50 -3.81
N MET A 110 -6.84 -7.46 -3.84
CA MET A 110 -6.55 -6.25 -3.14
CA MET A 110 -6.49 -6.19 -3.20
C MET A 110 -5.85 -6.49 -1.80
C MET A 110 -5.92 -6.41 -1.80
N PHE A 111 -4.87 -5.66 -1.49
CA PHE A 111 -4.31 -5.64 -0.14
C PHE A 111 -4.01 -4.19 0.24
N ASP A 112 -3.46 -4.02 1.43
CA ASP A 112 -3.31 -2.69 2.03
C ASP A 112 -1.84 -2.48 2.37
N VAL A 113 -1.20 -1.52 1.68
CA VAL A 113 0.24 -1.34 1.86
C VAL A 113 0.59 -0.78 3.24
N THR A 114 -0.40 -0.38 4.02
CA THR A 114 -0.17 0.03 5.40
C THR A 114 -0.41 -1.12 6.38
N SER A 115 -0.64 -2.32 5.85
CA SER A 115 -0.91 -3.49 6.69
C SER A 115 -0.26 -4.76 6.13
N ARG A 116 0.88 -5.15 6.70
CA ARG A 116 1.66 -6.29 6.21
C ARG A 116 0.85 -7.58 6.14
N VAL A 117 -0.03 -7.79 7.11
CA VAL A 117 -0.82 -9.02 7.17
C VAL A 117 -1.71 -9.17 5.93
N THR A 118 -2.19 -8.05 5.40
CA THR A 118 -3.05 -8.13 4.22
C THR A 118 -2.28 -8.64 3.02
N TYR A 119 -0.98 -8.34 2.96
CA TYR A 119 -0.14 -8.84 1.88
C TYR A 119 0.26 -10.28 2.15
N LYS A 120 0.40 -10.63 3.42
CA LYS A 120 0.72 -12.00 3.81
C LYS A 120 -0.38 -12.96 3.37
N ASN A 121 -1.62 -12.46 3.32
CA ASN A 121 -2.77 -13.30 2.99
C ASN A 121 -3.07 -13.35 1.49
N VAL A 122 -2.32 -12.60 0.69
CA VAL A 122 -2.52 -12.57 -0.76
C VAL A 122 -2.38 -13.96 -1.37
N PRO A 123 -1.33 -14.71 -1.00
CA PRO A 123 -1.22 -16.07 -1.55
C PRO A 123 -2.42 -16.95 -1.22
N ASN A 124 -3.10 -16.67 -0.11
CA ASN A 124 -4.26 -17.46 0.27
C ASN A 124 -5.48 -17.11 -0.56
N TRP A 125 -5.68 -15.82 -0.81
CA TRP A 125 -6.77 -15.37 -1.67
C TRP A 125 -6.54 -15.88 -3.08
N HIS A 126 -5.30 -15.78 -3.54
CA HIS A 126 -4.93 -16.21 -4.88
C HIS A 126 -5.15 -17.71 -5.03
N ARG A 127 -4.83 -18.46 -3.98
CA ARG A 127 -5.00 -19.91 -3.95
C ARG A 127 -6.45 -20.30 -4.16
N ASP A 128 -7.34 -19.73 -3.35
CA ASP A 128 -8.76 -20.06 -3.43
C ASP A 128 -9.33 -19.60 -4.75
N LEU A 129 -8.74 -18.56 -5.33
CA LEU A 129 -9.24 -18.00 -6.57
C LEU A 129 -8.90 -18.90 -7.76
N VAL A 130 -7.62 -19.22 -7.95
CA VAL A 130 -7.21 -19.95 -9.16
C VAL A 130 -7.63 -21.41 -9.14
N ARG A 131 -8.05 -21.91 -7.98
CA ARG A 131 -8.57 -23.28 -7.90
C ARG A 131 -9.94 -23.37 -8.58
N VAL A 132 -10.70 -22.28 -8.52
CA VAL A 132 -11.97 -22.19 -9.23
C VAL A 132 -11.76 -21.65 -10.65
N CYS A 133 -11.03 -20.53 -10.74
CA CYS A 133 -10.79 -19.86 -12.02
C CYS A 133 -9.36 -20.13 -12.48
N GLU A 134 -9.18 -21.22 -13.22
CA GLU A 134 -7.85 -21.75 -13.50
C GLU A 134 -7.01 -20.88 -14.45
N ASN A 135 -7.69 -20.14 -15.34
CA ASN A 135 -6.98 -19.34 -16.34
C ASN A 135 -7.70 -18.03 -16.64
N ILE A 136 -7.45 -17.02 -15.81
CA ILE A 136 -8.05 -15.70 -16.01
C ILE A 136 -7.03 -14.60 -15.73
N PRO A 137 -7.17 -13.46 -16.42
CA PRO A 137 -6.30 -12.33 -16.07
C PRO A 137 -6.61 -11.80 -14.67
N ILE A 138 -5.58 -11.60 -13.87
CA ILE A 138 -5.73 -11.15 -12.49
C ILE A 138 -4.82 -9.96 -12.21
N VAL A 139 -5.39 -8.93 -11.59
CA VAL A 139 -4.63 -7.76 -11.14
C VAL A 139 -4.43 -7.78 -9.64
N LEU A 140 -3.18 -7.63 -9.20
CA LEU A 140 -2.86 -7.47 -7.79
C LEU A 140 -2.70 -5.98 -7.48
N CYS A 141 -3.51 -5.47 -6.55
CA CYS A 141 -3.51 -4.05 -6.21
C CYS A 141 -3.10 -3.80 -4.76
N GLY A 142 -2.08 -2.95 -4.58
CA GLY A 142 -1.68 -2.49 -3.26
C GLY A 142 -2.28 -1.12 -3.01
N ASN A 143 -3.36 -1.10 -2.24
CA ASN A 143 -4.13 0.12 -2.03
C ASN A 143 -3.57 0.99 -0.90
N LYS A 144 -4.04 2.24 -0.86
CA LYS A 144 -3.73 3.19 0.22
C LYS A 144 -2.29 3.66 0.20
N VAL A 145 -1.72 3.86 -0.99
CA VAL A 145 -0.37 4.41 -1.09
C VAL A 145 -0.36 5.90 -0.78
N ASP A 146 -1.54 6.47 -0.54
CA ASP A 146 -1.65 7.88 -0.19
C ASP A 146 -1.22 8.15 1.24
N ILE A 147 -1.17 7.08 2.04
CA ILE A 147 -0.77 7.18 3.44
C ILE A 147 0.75 7.14 3.55
N LYS A 148 1.32 8.09 4.29
CA LYS A 148 2.77 8.24 4.39
C LYS A 148 3.47 7.02 4.97
N ASP A 149 3.04 6.60 6.16
CA ASP A 149 3.72 5.51 6.87
C ASP A 149 3.44 4.16 6.22
N ARG A 150 3.97 3.97 5.02
CA ARG A 150 3.79 2.73 4.27
C ARG A 150 4.56 1.58 4.93
N LYS A 151 3.92 0.43 5.05
CA LYS A 151 4.49 -0.72 5.76
C LYS A 151 5.00 -1.80 4.80
N VAL A 152 4.23 -2.07 3.76
CA VAL A 152 4.64 -3.05 2.75
C VAL A 152 5.44 -2.34 1.66
N LYS A 153 6.76 -2.41 1.78
CA LYS A 153 7.65 -1.70 0.87
C LYS A 153 7.61 -2.27 -0.54
N ALA A 154 7.82 -1.40 -1.52
CA ALA A 154 7.75 -1.76 -2.93
C ALA A 154 8.68 -2.93 -3.28
N LYS A 155 9.86 -2.95 -2.65
CA LYS A 155 10.84 -3.98 -2.91
C LYS A 155 10.38 -5.35 -2.43
N SER A 156 9.38 -5.37 -1.56
CA SER A 156 8.92 -6.59 -0.92
C SER A 156 7.78 -7.27 -1.70
N ILE A 157 7.16 -6.50 -2.59
CA ILE A 157 6.00 -6.97 -3.35
C ILE A 157 6.47 -7.67 -4.62
N VAL A 158 6.47 -8.99 -4.59
CA VAL A 158 7.00 -9.79 -5.70
C VAL A 158 6.15 -11.01 -6.04
N PHE A 159 5.10 -11.24 -5.24
CA PHE A 159 4.29 -12.45 -5.36
C PHE A 159 3.72 -12.63 -6.77
N HIS A 160 3.44 -11.50 -7.42
CA HIS A 160 2.80 -11.47 -8.73
C HIS A 160 3.67 -12.02 -9.85
N ARG A 161 4.99 -12.02 -9.65
CA ARG A 161 5.92 -12.44 -10.69
C ARG A 161 5.71 -13.87 -11.19
N LYS A 162 5.77 -14.84 -10.28
CA LYS A 162 5.63 -16.24 -10.67
C LYS A 162 4.18 -16.60 -11.00
N LYS A 163 3.23 -15.81 -10.52
CA LYS A 163 1.81 -16.10 -10.74
C LYS A 163 1.24 -15.35 -11.93
N ASN A 164 2.10 -14.57 -12.60
CA ASN A 164 1.73 -13.84 -13.82
C ASN A 164 0.58 -12.87 -13.59
N LEU A 165 0.54 -12.26 -12.41
CA LEU A 165 -0.44 -11.24 -12.09
C LEU A 165 0.12 -9.87 -12.48
N GLN A 166 -0.72 -9.00 -13.01
CA GLN A 166 -0.35 -7.60 -13.19
C GLN A 166 -0.41 -6.94 -11.83
N TYR A 167 0.56 -6.06 -11.53
CA TYR A 167 0.56 -5.35 -10.26
C TYR A 167 0.48 -3.84 -10.42
N TYR A 168 -0.31 -3.21 -9.54
CA TYR A 168 -0.42 -1.76 -9.49
C TYR A 168 -0.48 -1.23 -8.06
N ASP A 169 0.35 -0.23 -7.78
CA ASP A 169 0.13 0.64 -6.62
C ASP A 169 -1.10 1.49 -6.93
N ILE A 170 -2.08 1.49 -6.04
CA ILE A 170 -3.28 2.32 -6.23
C ILE A 170 -3.70 3.03 -4.95
N SER A 171 -4.53 4.05 -5.12
CA SER A 171 -5.14 4.75 -4.00
C SER A 171 -6.55 5.21 -4.34
N ALA A 172 -7.54 4.62 -3.68
CA ALA A 172 -8.92 4.99 -3.92
C ALA A 172 -9.14 6.43 -3.48
N LYS A 173 -8.38 6.87 -2.49
CA LYS A 173 -8.53 8.22 -1.95
C LYS A 173 -7.99 9.30 -2.88
N SER A 174 -6.79 9.08 -3.42
CA SER A 174 -6.15 10.07 -4.29
C SER A 174 -6.28 9.72 -5.77
N ASN A 175 -6.97 8.62 -6.05
CA ASN A 175 -7.20 8.16 -7.42
C ASN A 175 -5.91 7.81 -8.17
N TYR A 176 -4.82 7.65 -7.44
CA TYR A 176 -3.56 7.19 -8.03
C TYR A 176 -3.75 5.82 -8.70
N ASN A 177 -3.48 5.76 -10.00
CA ASN A 177 -3.57 4.52 -10.78
C ASN A 177 -4.93 3.82 -10.66
N PHE A 178 -5.97 4.55 -10.27
CA PHE A 178 -7.25 3.91 -9.97
C PHE A 178 -7.90 3.29 -11.21
N GLU A 179 -7.49 3.75 -12.40
CA GLU A 179 -8.08 3.27 -13.64
C GLU A 179 -7.29 2.10 -14.24
N LYS A 180 -6.05 1.93 -13.80
CA LYS A 180 -5.13 0.97 -14.40
C LYS A 180 -5.65 -0.48 -14.38
N PRO A 181 -6.18 -0.94 -13.23
CA PRO A 181 -6.62 -2.33 -13.19
C PRO A 181 -7.71 -2.66 -14.21
N PHE A 182 -8.64 -1.74 -14.44
CA PHE A 182 -9.72 -1.99 -15.38
C PHE A 182 -9.25 -1.86 -16.83
N LEU A 183 -8.33 -0.92 -17.07
CA LEU A 183 -7.77 -0.73 -18.41
C LEU A 183 -6.98 -1.97 -18.84
N TRP A 184 -6.15 -2.48 -17.93
CA TRP A 184 -5.36 -3.68 -18.20
C TRP A 184 -6.27 -4.88 -18.48
N LEU A 185 -7.27 -5.06 -17.62
CA LEU A 185 -8.21 -6.18 -17.76
C LEU A 185 -9.03 -6.04 -19.03
N ALA A 186 -9.40 -4.80 -19.37
CA ALA A 186 -10.13 -4.54 -20.60
C ALA A 186 -9.29 -4.99 -21.80
N ARG A 187 -8.02 -4.63 -21.79
CA ARG A 187 -7.13 -4.96 -22.91
C ARG A 187 -6.97 -6.47 -23.04
N LYS A 188 -6.82 -7.16 -21.92
CA LYS A 188 -6.70 -8.61 -21.91
C LYS A 188 -7.97 -9.29 -22.41
N LEU A 189 -9.12 -8.88 -21.88
CA LEU A 189 -10.39 -9.53 -22.17
C LEU A 189 -10.84 -9.33 -23.62
N ILE A 190 -10.58 -8.14 -24.16
CA ILE A 190 -10.96 -7.81 -25.53
C ILE A 190 -9.92 -8.33 -26.53
N GLY A 191 -8.68 -8.48 -26.07
CA GLY A 191 -7.61 -8.97 -26.92
C GLY A 191 -6.97 -7.89 -27.75
N ASP A 192 -7.08 -6.65 -27.29
CA ASP A 192 -6.51 -5.50 -27.99
C ASP A 192 -5.60 -4.73 -27.04
N PRO A 193 -4.28 -4.84 -27.24
CA PRO A 193 -3.35 -4.13 -26.34
C PRO A 193 -3.37 -2.62 -26.56
N ASN A 194 -3.98 -2.16 -27.65
CA ASN A 194 -4.04 -0.74 -27.97
C ASN A 194 -5.34 -0.09 -27.50
N LEU A 195 -6.20 -0.88 -26.86
CA LEU A 195 -7.46 -0.38 -26.33
C LEU A 195 -7.21 0.77 -25.37
N GLU A 196 -8.02 1.81 -25.47
CA GLU A 196 -7.90 3.01 -24.65
C GLU A 196 -9.26 3.46 -24.17
N PHE A 197 -9.30 4.14 -23.02
CA PHE A 197 -10.51 4.79 -22.55
C PHE A 197 -10.73 6.08 -23.33
N VAL A 198 -11.93 6.25 -23.86
CA VAL A 198 -12.27 7.46 -24.61
C VAL A 198 -13.41 8.20 -23.94
N ALA A 199 -13.53 9.48 -24.28
CA ALA A 199 -14.56 10.33 -23.71
C ALA A 199 -15.94 9.94 -24.22
N MET A 200 -16.87 9.73 -23.30
CA MET A 200 -18.26 9.44 -23.66
C MET A 200 -18.88 10.67 -24.30
N PRO A 201 -19.85 10.47 -25.22
CA PRO A 201 -20.48 11.60 -25.90
C PRO A 201 -21.27 12.49 -24.94
N ALA A 202 -21.15 13.80 -25.10
CA ALA A 202 -21.83 14.76 -24.24
C ALA A 202 -23.03 15.37 -24.96
N LEU A 203 -24.21 14.85 -24.66
CA LEU A 203 -25.44 15.35 -25.27
C LEU A 203 -25.73 16.77 -24.79
N ALA A 204 -26.46 17.53 -25.59
CA ALA A 204 -26.86 18.88 -25.21
C ALA A 204 -27.89 18.82 -24.07
N PRO A 205 -27.64 19.54 -22.96
CA PRO A 205 -28.58 19.50 -21.84
C PRO A 205 -29.82 20.37 -22.07
N PRO A 206 -30.95 20.01 -21.44
CA PRO A 206 -32.21 20.75 -21.60
C PRO A 206 -32.24 22.06 -20.82
N GLU A 207 -33.38 22.76 -20.85
CA GLU A 207 -33.55 23.99 -20.08
C GLU A 207 -34.79 23.93 -19.19
N ASP A 211 -40.55 24.65 -11.32
CA ASP A 211 -41.81 25.39 -11.21
C ASP A 211 -41.88 26.11 -9.87
N PRO A 212 -42.74 27.14 -9.76
CA PRO A 212 -42.86 27.91 -8.51
C PRO A 212 -43.27 27.06 -7.31
N ALA A 213 -43.92 25.93 -7.56
CA ALA A 213 -44.40 25.07 -6.48
C ALA A 213 -43.25 24.36 -5.77
N LEU A 214 -42.05 24.43 -6.34
CA LEU A 214 -40.87 23.83 -5.74
C LEU A 214 -39.80 24.88 -5.44
N ALA A 215 -40.17 26.15 -5.54
CA ALA A 215 -39.24 27.25 -5.28
C ALA A 215 -38.77 27.22 -3.83
N ALA A 216 -39.71 26.99 -2.91
CA ALA A 216 -39.40 26.94 -1.48
C ALA A 216 -38.82 25.59 -1.08
N GLN A 217 -39.06 24.57 -1.92
CA GLN A 217 -38.52 23.25 -1.67
C GLN A 217 -37.01 23.22 -1.88
N TYR A 218 -36.58 23.69 -3.05
CA TYR A 218 -35.16 23.71 -3.37
C TYR A 218 -34.43 24.76 -2.55
N GLU A 219 -35.16 25.73 -2.00
CA GLU A 219 -34.55 26.76 -1.17
C GLU A 219 -34.25 26.21 0.23
N HIS A 220 -35.02 25.21 0.64
CA HIS A 220 -34.79 24.51 1.90
C HIS A 220 -33.52 23.66 1.81
N ASP A 221 -33.43 22.85 0.76
CA ASP A 221 -32.31 21.95 0.55
C ASP A 221 -31.02 22.74 0.34
N LEU A 222 -31.14 23.93 -0.23
CA LEU A 222 -29.99 24.77 -0.55
C LEU A 222 -29.37 25.30 0.74
N GLU A 223 -30.23 25.74 1.65
CA GLU A 223 -29.77 26.36 2.89
C GLU A 223 -29.12 25.33 3.81
N VAL A 224 -29.69 24.12 3.85
CA VAL A 224 -29.10 23.01 4.60
C VAL A 224 -27.73 22.65 4.03
N ALA A 225 -27.57 22.80 2.71
CA ALA A 225 -26.36 22.40 2.02
C ALA A 225 -25.22 23.40 2.26
N GLN A 226 -25.56 24.69 2.32
CA GLN A 226 -24.57 25.73 2.56
C GLN A 226 -23.96 25.61 3.95
N THR A 227 -24.79 25.23 4.92
CA THR A 227 -24.36 25.17 6.32
C THR A 227 -23.63 23.86 6.63
N THR A 228 -23.71 22.90 5.72
CA THR A 228 -22.95 21.66 5.84
C THR A 228 -21.60 21.83 5.15
N ALA A 229 -20.53 21.82 5.95
CA ALA A 229 -19.19 22.09 5.45
C ALA A 229 -18.70 21.00 4.49
N LEU A 230 -18.08 21.42 3.40
CA LEU A 230 -17.49 20.50 2.45
C LEU A 230 -16.38 19.69 3.11
N PRO A 231 -16.26 18.40 2.78
CA PRO A 231 -15.23 17.56 3.38
C PRO A 231 -13.84 17.85 2.83
N ASP A 232 -12.81 17.45 3.58
CA ASP A 232 -11.42 17.53 3.11
C ASP A 232 -11.06 18.90 2.58
N GLU A 233 -11.22 19.93 3.40
CA GLU A 233 -10.96 21.30 2.97
C GLU A 233 -9.45 21.61 2.91
N ASP A 234 -8.64 20.71 3.48
CA ASP A 234 -7.19 20.88 3.41
C ASP A 234 -6.62 20.26 2.14
N ASP A 235 -7.46 19.56 1.37
CA ASP A 235 -7.01 18.94 0.12
C ASP A 235 -6.69 20.00 -0.93
N ASP A 236 -5.81 19.63 -1.86
CA ASP A 236 -5.36 20.53 -2.92
C ASP A 236 -6.50 20.96 -3.84
N LEU A 237 -7.59 20.20 -3.83
CA LEU A 237 -8.72 20.48 -4.72
C LEU A 237 -10.02 19.88 -4.18
N HIS B 6 3.49 5.32 -61.91
CA HIS B 6 2.62 5.53 -60.76
C HIS B 6 2.65 4.35 -59.80
N PHE B 7 2.66 4.65 -58.50
CA PHE B 7 2.65 3.63 -57.46
C PHE B 7 1.56 3.90 -56.44
N GLU B 8 0.70 2.90 -56.20
CA GLU B 8 -0.35 3.02 -55.21
C GLU B 8 0.22 3.04 -53.80
N PRO B 9 -0.24 3.97 -52.95
CA PRO B 9 0.29 4.01 -51.58
C PRO B 9 -0.39 2.98 -50.68
N VAL B 10 0.21 2.73 -49.51
CA VAL B 10 -0.34 1.76 -48.56
C VAL B 10 -1.59 2.31 -47.88
N THR B 20 -17.38 12.70 -29.65
CA THR B 20 -17.53 13.21 -28.29
C THR B 20 -18.65 14.24 -28.19
N MET B 21 -19.09 14.73 -29.35
CA MET B 21 -20.16 15.74 -29.43
C MET B 21 -19.77 17.02 -28.69
N GLU B 22 -18.61 17.56 -29.02
CA GLU B 22 -18.13 18.82 -28.45
C GLU B 22 -17.45 19.70 -29.49
N GLU B 23 -17.49 19.26 -30.75
CA GLU B 23 -16.82 19.97 -31.84
C GLU B 23 -17.59 21.22 -32.24
N ASP B 24 -18.92 21.17 -32.12
CA ASP B 24 -19.76 22.29 -32.50
C ASP B 24 -19.81 23.38 -31.42
N GLU B 25 -18.90 23.30 -30.45
CA GLU B 25 -18.87 24.23 -29.34
C GLU B 25 -17.52 24.93 -29.21
N GLU B 26 -17.50 26.01 -28.42
CA GLU B 26 -16.30 26.79 -28.18
C GLU B 26 -16.05 26.86 -26.68
N VAL B 27 -14.79 26.73 -26.27
CA VAL B 27 -14.43 26.79 -24.86
C VAL B 27 -14.28 28.25 -24.42
N LEU B 28 -15.16 28.70 -23.53
CA LEU B 28 -15.11 30.06 -23.02
C LEU B 28 -14.20 30.14 -21.81
N TYR B 29 -14.28 29.11 -20.97
CA TYR B 29 -13.52 29.07 -19.73
C TYR B 29 -13.21 27.63 -19.38
N LYS B 30 -11.99 27.40 -18.87
CA LYS B 30 -11.57 26.09 -18.42
C LYS B 30 -10.87 26.21 -17.07
N VAL B 31 -11.26 25.39 -16.11
CA VAL B 31 -10.63 25.40 -14.80
C VAL B 31 -10.74 24.04 -14.12
N ARG B 32 -9.65 23.63 -13.45
CA ARG B 32 -9.63 22.41 -12.67
C ARG B 32 -10.49 22.58 -11.41
N ALA B 33 -11.31 21.57 -11.11
CA ALA B 33 -12.19 21.65 -9.95
C ALA B 33 -12.61 20.28 -9.45
N LYS B 34 -13.17 20.26 -8.24
CA LYS B 34 -13.72 19.05 -7.65
C LYS B 34 -15.20 19.28 -7.38
N LEU B 35 -16.05 18.43 -7.96
CA LEU B 35 -17.49 18.60 -7.88
C LEU B 35 -18.10 17.72 -6.79
N PHE B 36 -19.01 18.31 -6.03
CA PHE B 36 -19.73 17.59 -4.98
C PHE B 36 -21.24 17.64 -5.22
N ARG B 37 -21.93 16.58 -4.84
N ARG B 37 -21.92 16.56 -4.85
CA ARG B 37 -23.39 16.58 -4.82
CA ARG B 37 -23.37 16.55 -4.79
C ARG B 37 -23.86 16.38 -3.38
C ARG B 37 -23.80 16.48 -3.33
N PHE B 38 -24.96 17.05 -3.02
CA PHE B 38 -25.49 16.97 -1.67
C PHE B 38 -26.47 15.81 -1.53
N ASP B 39 -26.12 14.85 -0.68
CA ASP B 39 -27.05 13.79 -0.30
C ASP B 39 -27.90 14.31 0.85
N ALA B 40 -29.10 14.77 0.53
CA ALA B 40 -29.98 15.37 1.52
C ALA B 40 -30.41 14.37 2.57
N ASP B 41 -30.65 13.13 2.16
CA ASP B 41 -31.14 12.10 3.06
C ASP B 41 -30.05 11.65 4.05
N ALA B 42 -28.82 12.06 3.79
CA ALA B 42 -27.70 11.74 4.68
C ALA B 42 -27.06 13.01 5.24
N LYS B 43 -27.52 14.17 4.77
CA LYS B 43 -26.96 15.46 5.16
C LYS B 43 -25.43 15.43 5.04
N GLU B 44 -24.97 15.03 3.86
CA GLU B 44 -23.56 14.75 3.64
C GLU B 44 -23.20 15.08 2.20
N TRP B 45 -22.07 15.76 2.00
CA TRP B 45 -21.56 16.02 0.67
C TRP B 45 -20.88 14.78 0.13
N LYS B 46 -21.07 14.51 -1.15
CA LYS B 46 -20.40 13.39 -1.82
C LYS B 46 -19.75 13.86 -3.11
N GLU B 47 -18.49 13.50 -3.29
CA GLU B 47 -17.75 13.85 -4.50
C GLU B 47 -18.41 13.18 -5.71
N ARG B 48 -18.42 13.88 -6.83
CA ARG B 48 -18.98 13.33 -8.07
C ARG B 48 -17.90 13.21 -9.13
N GLY B 49 -16.83 13.96 -8.97
CA GLY B 49 -15.77 13.94 -9.97
C GLY B 49 -14.76 15.06 -9.84
N THR B 50 -13.56 14.78 -10.34
CA THR B 50 -12.45 15.73 -10.32
C THR B 50 -11.79 15.78 -11.69
N GLY B 51 -11.74 16.96 -12.27
CA GLY B 51 -11.12 17.13 -13.57
C GLY B 51 -11.28 18.56 -14.08
N ASP B 52 -11.24 18.72 -15.40
CA ASP B 52 -11.42 20.03 -16.00
C ASP B 52 -12.90 20.37 -16.14
N CYS B 53 -13.28 21.54 -15.63
CA CYS B 53 -14.62 22.07 -15.80
C CYS B 53 -14.60 23.14 -16.88
N LYS B 54 -15.43 22.95 -17.91
CA LYS B 54 -15.41 23.82 -19.09
C LYS B 54 -16.73 24.53 -19.31
N PHE B 55 -16.66 25.76 -19.78
CA PHE B 55 -17.84 26.50 -20.22
C PHE B 55 -17.88 26.43 -21.75
N LEU B 56 -18.84 25.69 -22.27
CA LEU B 56 -18.92 25.42 -23.71
C LEU B 56 -20.07 26.17 -24.37
N LYS B 57 -19.72 27.04 -25.31
CA LYS B 57 -20.71 27.81 -26.06
C LYS B 57 -21.02 27.16 -27.41
N ASN B 58 -22.28 26.80 -27.60
CA ASN B 58 -22.73 26.23 -28.86
C ASN B 58 -22.72 27.29 -29.95
N LYS B 59 -22.12 26.97 -31.10
CA LYS B 59 -21.96 27.94 -32.17
C LYS B 59 -23.26 28.16 -32.94
N LYS B 60 -24.19 27.20 -32.82
CA LYS B 60 -25.45 27.26 -33.55
C LYS B 60 -26.61 27.78 -32.71
N THR B 61 -26.38 27.97 -31.40
CA THR B 61 -27.44 28.46 -30.51
C THR B 61 -26.93 29.51 -29.52
N ASN B 62 -25.61 29.68 -29.46
CA ASN B 62 -24.97 30.62 -28.53
C ASN B 62 -25.29 30.31 -27.07
N LYS B 63 -25.79 29.12 -26.81
CA LYS B 63 -26.07 28.66 -25.44
C LYS B 63 -24.80 28.14 -24.78
N VAL B 64 -24.58 28.54 -23.53
CA VAL B 64 -23.41 28.12 -22.77
C VAL B 64 -23.80 27.07 -21.73
N ARG B 65 -23.01 26.01 -21.66
CA ARG B 65 -23.22 24.96 -20.67
C ARG B 65 -21.97 24.68 -19.87
N ILE B 66 -22.13 23.96 -18.77
CA ILE B 66 -21.00 23.39 -18.03
C ILE B 66 -20.85 21.93 -18.42
N LEU B 67 -19.66 21.57 -18.88
CA LEU B 67 -19.33 20.18 -19.13
C LEU B 67 -18.06 19.82 -18.38
N MET B 68 -18.18 18.87 -17.45
CA MET B 68 -17.05 18.45 -16.62
C MET B 68 -16.84 16.95 -16.73
N ARG B 69 -15.58 16.54 -16.87
CA ARG B 69 -15.22 15.13 -16.99
C ARG B 69 -14.21 14.73 -15.94
N ARG B 70 -14.31 13.49 -15.46
CA ARG B 70 -13.33 12.96 -14.52
C ARG B 70 -12.02 12.64 -15.25
N ASP B 71 -10.89 12.83 -14.56
CA ASP B 71 -9.61 12.46 -15.12
C ASP B 71 -9.54 10.96 -15.42
N LYS B 72 -8.73 10.60 -16.40
CA LYS B 72 -8.44 9.21 -16.76
C LYS B 72 -9.63 8.49 -17.41
N THR B 73 -10.74 8.37 -16.69
CA THR B 73 -11.93 7.70 -17.23
C THR B 73 -12.69 8.59 -18.19
N LEU B 74 -12.54 9.90 -18.02
CA LEU B 74 -13.19 10.90 -18.86
C LEU B 74 -14.71 10.78 -18.82
N LYS B 75 -15.24 10.21 -17.75
CA LYS B 75 -16.69 10.09 -17.60
C LYS B 75 -17.29 11.42 -17.17
N ILE B 76 -18.38 11.80 -17.83
CA ILE B 76 -19.05 13.06 -17.54
C ILE B 76 -19.61 13.03 -16.12
N CYS B 77 -19.31 14.07 -15.35
CA CYS B 77 -19.84 14.22 -13.99
C CYS B 77 -20.65 15.51 -13.84
N ALA B 78 -20.75 16.28 -14.91
CA ALA B 78 -21.61 17.45 -14.94
C ALA B 78 -21.92 17.85 -16.37
N ASN B 79 -23.20 18.06 -16.63
CA ASN B 79 -23.66 18.46 -17.96
C ASN B 79 -25.00 19.15 -17.86
N HIS B 80 -24.97 20.48 -17.84
CA HIS B 80 -26.19 21.26 -17.69
C HIS B 80 -25.99 22.71 -18.16
N ILE B 81 -27.08 23.31 -18.61
CA ILE B 81 -27.05 24.71 -19.03
C ILE B 81 -26.84 25.63 -17.84
N ILE B 82 -25.97 26.63 -18.02
CA ILE B 82 -25.77 27.65 -17.00
C ILE B 82 -26.97 28.58 -17.01
N ALA B 83 -28.07 28.12 -16.43
CA ALA B 83 -29.33 28.86 -16.44
C ALA B 83 -29.16 30.23 -15.79
N PRO B 84 -29.83 31.26 -16.34
CA PRO B 84 -29.74 32.60 -15.72
C PRO B 84 -30.40 32.68 -14.34
N GLU B 85 -31.16 31.66 -13.97
CA GLU B 85 -31.89 31.66 -12.70
C GLU B 85 -31.06 31.13 -11.54
N TYR B 86 -29.99 30.41 -11.84
CA TYR B 86 -29.13 29.84 -10.81
C TYR B 86 -28.36 30.92 -10.06
N THR B 87 -27.94 30.61 -8.84
CA THR B 87 -27.24 31.57 -7.99
C THR B 87 -26.15 30.90 -7.18
N LEU B 88 -24.92 31.37 -7.33
CA LEU B 88 -23.76 30.80 -6.64
C LEU B 88 -23.70 31.30 -5.20
N LYS B 89 -23.72 30.37 -4.26
CA LYS B 89 -23.69 30.67 -2.83
C LYS B 89 -22.39 30.17 -2.20
N PRO B 90 -21.85 30.91 -1.24
CA PRO B 90 -20.65 30.43 -0.54
C PRO B 90 -20.97 29.27 0.40
N ASN B 91 -20.02 28.36 0.59
CA ASN B 91 -20.15 27.30 1.58
C ASN B 91 -19.53 27.75 2.91
N VAL B 92 -20.14 27.32 4.01
CA VAL B 92 -19.73 27.79 5.33
C VAL B 92 -18.26 27.49 5.65
N GLY B 93 -17.74 26.40 5.10
CA GLY B 93 -16.38 25.96 5.43
C GLY B 93 -15.36 26.12 4.32
N SER B 94 -15.56 27.07 3.44
CA SER B 94 -14.66 27.24 2.31
C SER B 94 -14.75 28.64 1.69
N ASP B 95 -13.61 29.18 1.28
CA ASP B 95 -13.57 30.46 0.57
C ASP B 95 -13.18 30.27 -0.90
N ARG B 96 -13.18 29.02 -1.35
CA ARG B 96 -12.79 28.67 -2.70
C ARG B 96 -13.80 27.71 -3.31
N SER B 97 -15.06 27.87 -2.92
CA SER B 97 -16.14 27.00 -3.40
C SER B 97 -17.43 27.77 -3.68
N TRP B 98 -18.30 27.19 -4.50
CA TRP B 98 -19.63 27.75 -4.72
C TRP B 98 -20.68 26.64 -4.63
N VAL B 99 -21.78 26.95 -3.97
CA VAL B 99 -22.92 26.04 -3.87
C VAL B 99 -24.10 26.61 -4.65
N TYR B 100 -24.75 25.77 -5.45
CA TYR B 100 -25.95 26.19 -6.17
C TYR B 100 -26.83 25.02 -6.59
N ALA B 101 -28.12 25.29 -6.70
CA ALA B 101 -29.09 24.28 -7.09
C ALA B 101 -29.14 24.15 -8.60
N CYS B 102 -29.15 22.90 -9.06
CA CYS B 102 -29.28 22.61 -10.48
C CYS B 102 -30.51 21.74 -10.70
N THR B 103 -31.37 22.16 -11.63
CA THR B 103 -32.66 21.51 -11.82
C THR B 103 -32.65 20.50 -12.98
N ALA B 104 -31.63 20.53 -13.82
CA ALA B 104 -31.57 19.64 -14.98
C ALA B 104 -30.15 19.28 -15.39
N ASP B 105 -29.57 18.28 -14.72
CA ASP B 105 -28.25 17.77 -15.08
C ASP B 105 -28.36 16.37 -15.68
N ILE B 106 -27.74 16.18 -16.84
CA ILE B 106 -27.87 14.92 -17.59
C ILE B 106 -26.55 14.15 -17.67
N ALA B 107 -25.69 14.36 -16.68
CA ALA B 107 -24.38 13.69 -16.64
C ALA B 107 -24.54 12.19 -16.50
N GLU B 108 -25.63 11.76 -15.87
CA GLU B 108 -25.91 10.34 -15.68
C GLU B 108 -27.34 9.99 -16.09
N GLY B 109 -27.69 10.32 -17.33
CA GLY B 109 -28.97 9.93 -17.91
C GLY B 109 -30.01 11.02 -17.92
N GLU B 110 -31.15 10.75 -17.29
CA GLU B 110 -32.27 11.69 -17.28
C GLU B 110 -31.94 12.98 -16.53
N ALA B 111 -32.56 14.07 -16.97
CA ALA B 111 -32.38 15.36 -16.33
C ALA B 111 -32.87 15.31 -14.89
N GLU B 112 -31.93 15.21 -13.96
CA GLU B 112 -32.23 15.11 -12.54
C GLU B 112 -31.88 16.43 -11.85
N ALA B 113 -32.52 16.69 -10.72
CA ALA B 113 -32.21 17.87 -9.92
C ALA B 113 -31.10 17.57 -8.92
N PHE B 114 -30.18 18.52 -8.75
CA PHE B 114 -29.03 18.35 -7.85
C PHE B 114 -28.69 19.64 -7.13
N THR B 115 -28.26 19.51 -5.87
CA THR B 115 -27.62 20.61 -5.16
C THR B 115 -26.11 20.39 -5.24
N PHE B 116 -25.46 21.18 -6.08
CA PHE B 116 -24.05 21.01 -6.37
C PHE B 116 -23.17 21.91 -5.52
N ALA B 117 -21.93 21.46 -5.31
CA ALA B 117 -20.88 22.31 -4.76
C ALA B 117 -19.60 22.06 -5.55
N ILE B 118 -18.96 23.12 -6.00
CA ILE B 118 -17.74 23.00 -6.79
C ILE B 118 -16.59 23.76 -6.13
N ARG B 119 -15.46 23.09 -5.97
CA ARG B 119 -14.30 23.65 -5.28
C ARG B 119 -13.12 23.77 -6.22
N PHE B 120 -12.26 24.74 -5.96
CA PHE B 120 -11.13 25.03 -6.83
C PHE B 120 -9.83 25.09 -6.04
N GLY B 121 -8.72 25.28 -6.75
CA GLY B 121 -7.41 25.29 -6.13
C GLY B 121 -7.14 26.50 -5.27
N SER B 122 -7.82 27.60 -5.55
CA SER B 122 -7.60 28.85 -4.83
C SER B 122 -8.83 29.75 -4.86
N LYS B 123 -8.86 30.72 -3.97
CA LYS B 123 -9.95 31.70 -3.95
C LYS B 123 -9.95 32.49 -5.24
N GLU B 124 -8.77 32.67 -5.82
CA GLU B 124 -8.65 33.40 -7.09
C GLU B 124 -9.39 32.66 -8.20
N ASN B 125 -9.22 31.35 -8.25
CA ASN B 125 -9.87 30.52 -9.26
C ASN B 125 -11.38 30.51 -9.06
N ALA B 126 -11.82 30.59 -7.81
CA ALA B 126 -13.24 30.57 -7.48
C ALA B 126 -13.92 31.88 -7.89
N ASP B 127 -13.28 33.00 -7.58
CA ASP B 127 -13.82 34.30 -7.96
C ASP B 127 -13.85 34.45 -9.47
N LYS B 128 -12.84 33.93 -10.15
CA LYS B 128 -12.78 33.98 -11.60
C LYS B 128 -13.87 33.08 -12.19
N PHE B 129 -14.10 31.93 -11.56
CA PHE B 129 -15.18 31.05 -11.94
C PHE B 129 -16.52 31.76 -11.82
N LYS B 130 -16.72 32.46 -10.71
CA LYS B 130 -17.95 33.20 -10.48
C LYS B 130 -18.13 34.29 -11.54
N GLU B 131 -17.02 34.91 -11.92
CA GLU B 131 -17.04 35.96 -12.93
C GLU B 131 -17.48 35.39 -14.27
N GLU B 132 -16.84 34.31 -14.70
CA GLU B 132 -17.18 33.68 -15.97
C GLU B 132 -18.57 33.06 -15.92
N PHE B 133 -18.95 32.52 -14.77
CA PHE B 133 -20.26 31.90 -14.60
C PHE B 133 -21.38 32.90 -14.81
N GLU B 134 -21.18 34.12 -14.33
CA GLU B 134 -22.17 35.18 -14.48
C GLU B 134 -22.18 35.75 -15.91
N LYS B 135 -21.00 35.87 -16.51
CA LYS B 135 -20.91 36.30 -17.90
C LYS B 135 -21.66 35.33 -18.79
N ALA B 136 -21.52 34.04 -18.50
CA ALA B 136 -22.17 33.00 -19.29
C ALA B 136 -23.69 33.07 -19.15
N GLN B 137 -24.16 33.46 -17.97
CA GLN B 137 -25.59 33.57 -17.72
C GLN B 137 -26.24 34.64 -18.58
N GLU B 138 -25.52 35.76 -18.76
CA GLU B 138 -26.03 36.87 -19.55
C GLU B 138 -26.01 36.54 -21.04
N ILE B 139 -25.17 35.59 -21.42
CA ILE B 139 -25.13 35.13 -22.81
C ILE B 139 -26.37 34.29 -23.07
N ASN B 140 -26.71 33.43 -22.11
CA ASN B 140 -27.89 32.58 -22.22
C ASN B 140 -29.18 33.38 -22.11
N LYS B 141 -29.08 34.55 -21.49
CA LYS B 141 -30.24 35.44 -21.32
C LYS B 141 -30.80 35.88 -22.66
N LYS B 142 -29.91 36.12 -23.63
CA LYS B 142 -30.31 36.57 -24.95
C LYS B 142 -30.92 35.44 -25.76
N SER C 3 -40.89 -16.15 -1.80
CA SER C 3 -41.19 -17.55 -2.18
C SER C 3 -39.90 -18.36 -2.32
N MET C 4 -38.82 -17.69 -2.69
CA MET C 4 -37.52 -18.35 -2.81
C MET C 4 -37.01 -18.85 -1.46
N GLU C 5 -37.61 -18.36 -0.39
CA GLU C 5 -37.17 -18.68 0.97
C GLU C 5 -37.64 -20.05 1.44
N GLY C 6 -38.24 -20.81 0.54
CA GLY C 6 -38.75 -22.13 0.87
C GLY C 6 -37.66 -23.11 1.26
N ILE C 7 -36.50 -22.97 0.64
CA ILE C 7 -35.41 -23.91 0.88
C ILE C 7 -34.86 -23.78 2.29
N LEU C 8 -35.20 -22.69 2.97
CA LEU C 8 -34.74 -22.44 4.34
C LEU C 8 -35.61 -23.16 5.38
N ASP C 9 -36.63 -23.88 4.94
CA ASP C 9 -37.49 -24.65 5.84
C ASP C 9 -37.06 -26.12 5.86
N PHE C 10 -36.39 -26.52 6.93
CA PHE C 10 -35.83 -27.87 7.02
C PHE C 10 -36.79 -28.89 7.62
N SER C 11 -37.93 -28.42 8.11
CA SER C 11 -38.96 -29.32 8.63
C SER C 11 -39.54 -30.14 7.49
N ASN C 12 -39.69 -29.49 6.33
CA ASN C 12 -40.14 -30.15 5.12
C ASN C 12 -38.96 -30.63 4.30
N ASP C 13 -39.22 -31.49 3.32
CA ASP C 13 -38.19 -31.98 2.42
C ASP C 13 -37.64 -30.82 1.59
N LEU C 14 -36.35 -30.90 1.27
CA LEU C 14 -35.72 -29.90 0.42
C LEU C 14 -36.14 -30.10 -1.04
N ASP C 15 -36.72 -29.06 -1.63
CA ASP C 15 -37.08 -29.08 -3.05
C ASP C 15 -35.86 -28.69 -3.89
N ILE C 16 -35.21 -29.69 -4.49
CA ILE C 16 -33.99 -29.46 -5.27
C ILE C 16 -34.24 -28.50 -6.41
N ALA C 17 -35.42 -28.60 -7.01
CA ALA C 17 -35.81 -27.73 -8.12
C ALA C 17 -35.87 -26.29 -7.66
N LEU C 18 -36.34 -26.07 -6.44
CA LEU C 18 -36.41 -24.72 -5.88
C LEU C 18 -35.00 -24.22 -5.57
N LEU C 19 -34.12 -25.13 -5.14
CA LEU C 19 -32.74 -24.77 -4.86
C LEU C 19 -32.03 -24.37 -6.15
N ASP C 20 -32.27 -25.12 -7.22
CA ASP C 20 -31.65 -24.85 -8.50
C ASP C 20 -32.10 -23.50 -9.07
N GLN C 21 -33.32 -23.09 -8.73
CA GLN C 21 -33.85 -21.80 -9.17
C GLN C 21 -33.19 -20.66 -8.41
N VAL C 22 -33.08 -20.81 -7.09
CA VAL C 22 -32.43 -19.80 -6.26
C VAL C 22 -30.97 -19.61 -6.66
N VAL C 23 -30.29 -20.72 -6.95
CA VAL C 23 -28.90 -20.67 -7.36
C VAL C 23 -28.75 -19.98 -8.72
N SER C 24 -29.62 -20.34 -9.67
CA SER C 24 -29.59 -19.73 -11.00
C SER C 24 -29.87 -18.23 -10.92
N THR C 25 -30.82 -17.86 -10.09
CA THR C 25 -31.20 -16.45 -9.91
C THR C 25 -30.04 -15.63 -9.33
N PHE C 26 -29.14 -16.31 -8.63
CA PHE C 26 -28.00 -15.64 -8.03
C PHE C 26 -26.86 -15.45 -9.03
N TYR C 27 -26.53 -16.51 -9.76
CA TYR C 27 -25.38 -16.47 -10.67
C TYR C 27 -25.71 -15.81 -12.02
N GLN C 28 -26.87 -16.14 -12.58
CA GLN C 28 -27.25 -15.67 -13.92
C GLN C 28 -28.24 -14.51 -13.85
N GLY C 29 -28.88 -14.32 -12.70
CA GLY C 29 -29.84 -13.25 -12.53
C GLY C 29 -29.17 -11.90 -12.34
N SER C 30 -29.95 -10.93 -11.89
CA SER C 30 -29.43 -9.57 -11.72
C SER C 30 -30.35 -8.75 -10.81
N GLY C 31 -29.84 -7.62 -10.35
CA GLY C 31 -30.62 -6.67 -9.59
C GLY C 31 -31.14 -7.18 -8.27
N VAL C 32 -32.37 -6.79 -7.94
CA VAL C 32 -32.97 -7.09 -6.65
C VAL C 32 -33.11 -8.59 -6.43
N GLN C 33 -33.59 -9.30 -7.44
CA GLN C 33 -33.78 -10.75 -7.32
C GLN C 33 -32.46 -11.45 -7.03
N GLN C 34 -31.40 -11.01 -7.70
CA GLN C 34 -30.09 -11.59 -7.49
C GLN C 34 -29.64 -11.38 -6.05
N LYS C 35 -29.89 -10.18 -5.53
CA LYS C 35 -29.51 -9.86 -4.15
C LYS C 35 -30.30 -10.71 -3.15
N GLN C 36 -31.58 -10.90 -3.43
CA GLN C 36 -32.44 -11.68 -2.53
C GLN C 36 -32.03 -13.15 -2.51
N ALA C 37 -31.70 -13.67 -3.68
CA ALA C 37 -31.25 -15.06 -3.79
C ALA C 37 -29.92 -15.25 -3.05
N GLN C 38 -29.08 -14.22 -3.07
CA GLN C 38 -27.77 -14.26 -2.45
C GLN C 38 -27.90 -14.38 -0.93
N GLU C 39 -28.83 -13.65 -0.35
CA GLU C 39 -29.04 -13.66 1.10
C GLU C 39 -29.66 -14.99 1.54
N ILE C 40 -30.42 -15.61 0.66
CA ILE C 40 -31.04 -16.91 0.95
C ILE C 40 -30.00 -18.03 0.90
N LEU C 41 -29.14 -18.02 -0.11
CA LEU C 41 -28.12 -19.05 -0.25
C LEU C 41 -27.13 -19.03 0.91
N THR C 42 -26.82 -17.84 1.39
CA THR C 42 -25.90 -17.70 2.52
C THR C 42 -26.54 -18.30 3.78
N LYS C 43 -27.80 -17.98 4.01
CA LYS C 43 -28.53 -18.51 5.16
C LYS C 43 -28.67 -20.04 5.09
N PHE C 44 -28.82 -20.55 3.87
CA PHE C 44 -28.95 -21.99 3.66
C PHE C 44 -27.63 -22.68 3.96
N GLN C 45 -26.55 -22.15 3.39
CA GLN C 45 -25.21 -22.70 3.55
C GLN C 45 -24.77 -22.63 5.02
N ASP C 46 -25.13 -21.55 5.69
CA ASP C 46 -24.69 -21.32 7.06
C ASP C 46 -25.51 -22.14 8.06
N ASN C 47 -26.52 -22.84 7.56
CA ASN C 47 -27.33 -23.69 8.41
C ASN C 47 -26.50 -24.88 8.90
N PRO C 48 -26.43 -25.10 10.22
CA PRO C 48 -25.57 -26.16 10.74
C PRO C 48 -26.03 -27.57 10.36
N ASP C 49 -27.26 -27.72 9.89
CA ASP C 49 -27.78 -29.01 9.47
C ASP C 49 -27.79 -29.18 7.96
N ALA C 50 -27.29 -28.19 7.23
CA ALA C 50 -27.33 -28.21 5.77
C ALA C 50 -26.51 -29.37 5.20
N TRP C 51 -25.41 -29.70 5.85
CA TRP C 51 -24.52 -30.76 5.36
C TRP C 51 -25.28 -32.07 5.22
N GLN C 52 -26.29 -32.27 6.06
CA GLN C 52 -27.10 -33.48 6.02
C GLN C 52 -27.81 -33.61 4.68
N LYS C 53 -28.16 -32.48 4.09
CA LYS C 53 -28.89 -32.44 2.84
C LYS C 53 -27.94 -32.30 1.65
N ALA C 54 -26.65 -32.54 1.90
CA ALA C 54 -25.64 -32.44 0.85
C ALA C 54 -25.70 -33.66 -0.06
N ASP C 55 -26.01 -34.81 0.50
CA ASP C 55 -26.10 -36.04 -0.30
C ASP C 55 -27.24 -35.97 -1.30
N GLN C 56 -28.31 -35.25 -0.94
CA GLN C 56 -29.46 -35.10 -1.83
C GLN C 56 -29.11 -34.22 -3.03
N ILE C 57 -28.47 -33.09 -2.74
CA ILE C 57 -28.12 -32.12 -3.76
C ILE C 57 -27.12 -32.73 -4.75
N LEU C 58 -26.07 -33.35 -4.23
CA LEU C 58 -25.02 -33.92 -5.07
C LEU C 58 -25.55 -35.08 -5.92
N GLN C 59 -26.70 -35.62 -5.52
CA GLN C 59 -27.27 -36.78 -6.21
C GLN C 59 -28.37 -36.37 -7.20
N PHE C 60 -29.31 -35.53 -6.74
CA PHE C 60 -30.50 -35.22 -7.51
C PHE C 60 -30.39 -33.95 -8.35
N SER C 61 -29.58 -33.00 -7.92
CA SER C 61 -29.46 -31.73 -8.63
C SER C 61 -28.84 -31.92 -10.01
N THR C 62 -29.25 -31.07 -10.95
CA THR C 62 -28.67 -31.04 -12.28
C THR C 62 -27.80 -29.79 -12.45
N ASN C 63 -27.84 -28.91 -11.45
CA ASN C 63 -27.11 -27.66 -11.47
C ASN C 63 -25.72 -27.80 -10.86
N PRO C 64 -24.65 -27.58 -11.65
CA PRO C 64 -23.30 -27.74 -11.10
C PRO C 64 -22.95 -26.72 -10.02
N GLN C 65 -23.57 -25.55 -10.05
CA GLN C 65 -23.34 -24.54 -9.01
C GLN C 65 -23.92 -24.97 -7.68
N SER C 66 -25.06 -25.66 -7.73
CA SER C 66 -25.71 -26.16 -6.51
C SER C 66 -24.87 -27.24 -5.86
N LYS C 67 -24.28 -28.11 -6.69
CA LYS C 67 -23.41 -29.16 -6.20
C LYS C 67 -22.13 -28.58 -5.61
N PHE C 68 -21.64 -27.51 -6.23
CA PHE C 68 -20.47 -26.80 -5.75
C PHE C 68 -20.75 -26.25 -4.35
N ILE C 69 -21.88 -25.58 -4.19
CA ILE C 69 -22.28 -25.03 -2.90
C ILE C 69 -22.48 -26.14 -1.86
N ALA C 70 -22.97 -27.30 -2.29
CA ALA C 70 -23.15 -28.43 -1.39
C ALA C 70 -21.81 -28.92 -0.85
N LEU C 71 -20.81 -28.99 -1.72
CA LEU C 71 -19.48 -29.40 -1.31
C LEU C 71 -18.85 -28.37 -0.38
N SER C 72 -19.17 -27.09 -0.60
CA SER C 72 -18.72 -26.03 0.29
C SER C 72 -19.31 -26.18 1.69
N ILE C 73 -20.58 -26.60 1.75
CA ILE C 73 -21.21 -26.88 3.03
C ILE C 73 -20.50 -28.07 3.69
N LEU C 74 -20.20 -29.08 2.90
CA LEU C 74 -19.48 -30.26 3.39
C LEU C 74 -18.08 -29.89 3.84
N ASP C 75 -17.43 -29.03 3.06
CA ASP C 75 -16.08 -28.59 3.37
C ASP C 75 -16.02 -27.99 4.78
N LYS C 76 -16.99 -27.15 5.10
CA LYS C 76 -17.03 -26.53 6.42
C LYS C 76 -17.20 -27.57 7.51
N LEU C 77 -17.97 -28.61 7.21
CA LEU C 77 -18.28 -29.67 8.16
C LEU C 77 -17.04 -30.51 8.47
N ILE C 78 -16.34 -30.92 7.41
CA ILE C 78 -15.11 -31.70 7.53
C ILE C 78 -14.01 -30.91 8.25
N THR C 79 -13.90 -29.63 7.92
CA THR C 79 -12.85 -28.78 8.46
C THR C 79 -12.99 -28.52 9.95
N ARG C 80 -14.23 -28.40 10.44
CA ARG C 80 -14.47 -27.86 11.76
C ARG C 80 -15.14 -28.83 12.73
N LYS C 81 -15.98 -29.72 12.23
CA LYS C 81 -16.79 -30.59 13.09
C LYS C 81 -16.70 -32.08 12.74
N TRP C 82 -15.68 -32.45 11.97
CA TRP C 82 -15.53 -33.83 11.51
C TRP C 82 -15.49 -34.82 12.66
N LYS C 83 -14.62 -34.59 13.63
CA LYS C 83 -14.41 -35.56 14.71
C LYS C 83 -15.59 -35.60 15.68
N LEU C 84 -16.54 -34.69 15.52
CA LEU C 84 -17.74 -34.67 16.36
C LEU C 84 -18.79 -35.64 15.84
N LEU C 85 -18.75 -35.93 14.54
CA LEU C 85 -19.73 -36.81 13.91
C LEU C 85 -19.76 -38.21 14.51
N PRO C 86 -20.91 -38.91 14.38
CA PRO C 86 -20.87 -40.35 14.61
C PRO C 86 -19.94 -40.99 13.59
N ASN C 87 -19.28 -42.08 13.94
CA ASN C 87 -18.32 -42.69 13.03
C ASN C 87 -18.96 -43.14 11.72
N ASP C 88 -20.25 -43.48 11.78
CA ASP C 88 -20.97 -43.92 10.59
C ASP C 88 -21.03 -42.81 9.54
N HIS C 89 -21.32 -41.59 9.98
CA HIS C 89 -21.45 -40.46 9.07
C HIS C 89 -20.11 -40.12 8.41
N ARG C 90 -19.02 -40.37 9.12
CA ARG C 90 -17.68 -40.10 8.57
C ARG C 90 -17.38 -41.00 7.39
N ILE C 91 -17.78 -42.27 7.50
CA ILE C 91 -17.55 -43.23 6.42
C ILE C 91 -18.51 -42.95 5.26
N GLY C 92 -19.74 -42.59 5.58
CA GLY C 92 -20.74 -42.28 4.57
C GLY C 92 -20.32 -41.15 3.67
N ILE C 93 -19.89 -40.05 4.27
CA ILE C 93 -19.43 -38.88 3.52
C ILE C 93 -18.23 -39.24 2.65
N ARG C 94 -17.30 -40.00 3.22
CA ARG C 94 -16.11 -40.44 2.51
C ARG C 94 -16.45 -41.30 1.30
N ASN C 95 -17.26 -42.33 1.51
CA ASN C 95 -17.70 -43.19 0.42
C ASN C 95 -18.47 -42.42 -0.64
N PHE C 96 -19.27 -41.46 -0.19
CA PHE C 96 -20.09 -40.68 -1.10
C PHE C 96 -19.23 -39.77 -1.98
N VAL C 97 -18.20 -39.18 -1.39
CA VAL C 97 -17.33 -38.26 -2.13
C VAL C 97 -16.44 -39.02 -3.10
N VAL C 98 -15.94 -40.17 -2.67
CA VAL C 98 -15.13 -41.01 -3.55
C VAL C 98 -15.94 -41.48 -4.74
N GLY C 99 -17.11 -42.07 -4.47
CA GLY C 99 -17.97 -42.58 -5.51
C GLY C 99 -18.39 -41.49 -6.49
N MET C 100 -18.61 -40.29 -5.98
CA MET C 100 -19.04 -39.18 -6.82
C MET C 100 -17.95 -38.85 -7.83
N ILE C 101 -16.72 -38.74 -7.33
CA ILE C 101 -15.58 -38.40 -8.19
C ILE C 101 -15.37 -39.47 -9.27
N ILE C 102 -15.51 -40.73 -8.89
CA ILE C 102 -15.34 -41.83 -9.84
C ILE C 102 -16.34 -41.73 -11.00
N SER C 103 -17.60 -41.48 -10.68
CA SER C 103 -18.65 -41.43 -11.71
C SER C 103 -18.46 -40.24 -12.65
N MET C 104 -17.97 -39.12 -12.12
CA MET C 104 -17.75 -37.95 -12.94
C MET C 104 -16.61 -38.17 -13.93
N CYS C 105 -15.63 -38.97 -13.53
CA CYS C 105 -14.49 -39.29 -14.38
C CYS C 105 -14.88 -40.25 -15.51
N GLN C 106 -15.85 -41.11 -15.24
CA GLN C 106 -16.28 -42.13 -16.19
C GLN C 106 -17.14 -41.54 -17.31
N ASP C 107 -17.89 -40.49 -16.99
CA ASP C 107 -18.67 -39.79 -17.99
C ASP C 107 -17.82 -38.72 -18.67
N ASP C 108 -17.38 -39.00 -19.89
CA ASP C 108 -16.49 -38.10 -20.61
C ASP C 108 -17.12 -36.74 -20.87
N GLU C 109 -18.46 -36.72 -20.95
CA GLU C 109 -19.19 -35.47 -21.11
C GLU C 109 -19.04 -34.60 -19.87
N VAL C 110 -19.26 -35.21 -18.71
CA VAL C 110 -19.15 -34.53 -17.43
C VAL C 110 -17.71 -34.13 -17.14
N PHE C 111 -16.80 -35.07 -17.36
CA PHE C 111 -15.38 -34.83 -17.11
C PHE C 111 -14.87 -33.67 -17.95
N LYS C 112 -15.50 -33.44 -19.08
CA LYS C 112 -15.07 -32.42 -20.03
C LYS C 112 -15.62 -31.05 -19.71
N THR C 113 -16.87 -30.99 -19.26
CA THR C 113 -17.60 -29.73 -19.16
C THR C 113 -17.88 -29.26 -17.72
N GLN C 114 -17.42 -30.03 -16.74
N GLN C 114 -17.42 -30.03 -16.74
CA GLN C 114 -17.63 -29.70 -15.33
CA GLN C 114 -17.63 -29.70 -15.34
C GLN C 114 -16.32 -29.78 -14.54
C GLN C 114 -16.32 -29.77 -14.55
N LYS C 115 -15.29 -29.09 -15.04
CA LYS C 115 -13.99 -29.10 -14.39
C LYS C 115 -14.04 -28.45 -13.01
N ASN C 116 -14.86 -27.40 -12.86
CA ASN C 116 -14.94 -26.69 -11.59
C ASN C 116 -15.55 -27.57 -10.51
N LEU C 117 -16.56 -28.34 -10.88
CA LEU C 117 -17.24 -29.20 -9.93
C LEU C 117 -16.37 -30.40 -9.55
N ILE C 118 -15.53 -30.85 -10.48
CA ILE C 118 -14.64 -31.98 -10.22
C ILE C 118 -13.45 -31.54 -9.37
N ASN C 119 -12.96 -30.34 -9.63
CA ASN C 119 -11.87 -29.79 -8.82
C ASN C 119 -12.32 -29.53 -7.39
N LYS C 120 -13.54 -29.03 -7.25
CA LYS C 120 -14.13 -28.80 -5.93
C LYS C 120 -14.27 -30.11 -5.17
N SER C 121 -14.70 -31.15 -5.89
CA SER C 121 -14.84 -32.48 -5.31
C SER C 121 -13.50 -33.04 -4.87
N ASP C 122 -12.47 -32.83 -5.71
CA ASP C 122 -11.12 -33.28 -5.37
C ASP C 122 -10.61 -32.58 -4.12
N LEU C 123 -10.83 -31.28 -4.03
CA LEU C 123 -10.40 -30.54 -2.85
C LEU C 123 -11.14 -31.06 -1.62
N THR C 124 -12.42 -31.35 -1.78
CA THR C 124 -13.23 -31.90 -0.70
C THR C 124 -12.67 -33.26 -0.26
N LEU C 125 -12.19 -34.04 -1.22
CA LEU C 125 -11.58 -35.34 -0.90
C LEU C 125 -10.32 -35.12 -0.08
N VAL C 126 -9.52 -34.13 -0.46
CA VAL C 126 -8.26 -33.85 0.22
C VAL C 126 -8.51 -33.43 1.68
N GLN C 127 -9.62 -32.75 1.93
CA GLN C 127 -9.94 -32.34 3.30
C GLN C 127 -10.22 -33.57 4.15
N ILE C 128 -10.88 -34.57 3.57
CA ILE C 128 -11.12 -35.83 4.24
C ILE C 128 -9.79 -36.53 4.52
N LEU C 129 -8.89 -36.49 3.53
CA LEU C 129 -7.56 -37.08 3.67
C LEU C 129 -6.79 -36.45 4.83
N LYS C 130 -6.85 -35.13 4.95
CA LYS C 130 -6.15 -34.44 6.02
C LYS C 130 -6.67 -34.89 7.39
N GLN C 131 -7.91 -35.34 7.43
CA GLN C 131 -8.50 -35.87 8.67
C GLN C 131 -8.21 -37.36 8.84
N GLU C 132 -8.30 -38.13 7.76
CA GLU C 132 -8.36 -39.58 7.85
C GLU C 132 -7.09 -40.29 7.42
N TRP C 133 -6.29 -39.67 6.56
CA TRP C 133 -5.16 -40.34 5.94
C TRP C 133 -3.85 -40.03 6.67
N PRO C 134 -2.97 -41.04 6.83
CA PRO C 134 -3.08 -42.46 6.45
C PRO C 134 -3.59 -43.37 7.57
N GLN C 135 -3.74 -42.83 8.78
CA GLN C 135 -4.07 -43.66 9.94
C GLN C 135 -5.38 -44.45 9.76
N ASN C 136 -6.34 -43.88 9.04
CA ASN C 136 -7.62 -44.54 8.78
C ASN C 136 -7.88 -44.78 7.30
N TRP C 137 -6.82 -44.84 6.51
CA TRP C 137 -6.96 -44.99 5.07
C TRP C 137 -5.62 -45.32 4.43
N PRO C 138 -4.95 -46.37 4.93
CA PRO C 138 -3.56 -46.69 4.53
C PRO C 138 -3.42 -47.07 3.07
N GLU C 139 -4.50 -47.51 2.44
CA GLU C 139 -4.44 -48.02 1.07
C GLU C 139 -4.84 -46.98 0.04
N PHE C 140 -4.89 -45.71 0.44
CA PHE C 140 -5.32 -44.66 -0.47
C PHE C 140 -4.38 -44.49 -1.65
N ILE C 141 -3.08 -44.38 -1.36
CA ILE C 141 -2.09 -44.17 -2.42
C ILE C 141 -1.91 -45.43 -3.30
N PRO C 142 -1.80 -46.62 -2.69
CA PRO C 142 -1.73 -47.83 -3.54
C PRO C 142 -2.93 -47.97 -4.46
N GLU C 143 -4.13 -47.72 -3.94
CA GLU C 143 -5.35 -47.85 -4.74
C GLU C 143 -5.46 -46.72 -5.78
N LEU C 144 -4.91 -45.57 -5.44
CA LEU C 144 -4.90 -44.44 -6.37
C LEU C 144 -4.03 -44.78 -7.58
N ILE C 145 -2.88 -45.40 -7.33
CA ILE C 145 -1.98 -45.80 -8.41
C ILE C 145 -2.62 -46.90 -9.26
N GLY C 146 -3.39 -47.76 -8.61
CA GLY C 146 -4.07 -48.84 -9.29
C GLY C 146 -5.16 -48.34 -10.21
N SER C 147 -6.00 -47.44 -9.70
CA SER C 147 -7.12 -46.92 -10.48
C SER C 147 -6.66 -46.02 -11.64
N SER C 148 -5.41 -45.58 -11.60
CA SER C 148 -4.88 -44.73 -12.66
C SER C 148 -4.75 -45.48 -13.97
N SER C 149 -4.28 -46.72 -13.92
CA SER C 149 -4.03 -47.50 -15.12
C SER C 149 -5.32 -47.85 -15.86
N SER C 150 -6.44 -47.81 -15.15
CA SER C 150 -7.72 -48.23 -15.73
C SER C 150 -8.30 -47.18 -16.68
N SER C 151 -8.16 -45.91 -16.34
CA SER C 151 -8.78 -44.84 -17.10
C SER C 151 -7.90 -43.60 -17.16
N VAL C 152 -7.76 -43.04 -18.36
CA VAL C 152 -6.97 -41.82 -18.55
C VAL C 152 -7.56 -40.66 -17.76
N ASN C 153 -8.89 -40.54 -17.78
CA ASN C 153 -9.58 -39.49 -17.05
C ASN C 153 -9.35 -39.60 -15.54
N VAL C 154 -9.40 -40.82 -15.03
CA VAL C 154 -9.18 -41.06 -13.60
C VAL C 154 -7.73 -40.79 -13.25
N CYS C 155 -6.83 -41.21 -14.12
CA CYS C 155 -5.41 -40.98 -13.91
C CYS C 155 -5.12 -39.48 -13.86
N GLU C 156 -5.68 -38.75 -14.83
CA GLU C 156 -5.54 -37.30 -14.89
C GLU C 156 -6.09 -36.66 -13.63
N ASN C 157 -7.25 -37.11 -13.18
CA ASN C 157 -7.89 -36.52 -12.02
C ASN C 157 -7.09 -36.84 -10.76
N ASN C 158 -6.50 -38.03 -10.72
CA ASN C 158 -5.65 -38.42 -9.61
C ASN C 158 -4.45 -37.49 -9.47
N MET C 159 -3.97 -36.97 -10.61
CA MET C 159 -2.86 -36.03 -10.59
C MET C 159 -3.32 -34.69 -9.99
N ILE C 160 -4.60 -34.38 -10.15
CA ILE C 160 -5.15 -33.15 -9.58
C ILE C 160 -5.31 -33.31 -8.06
N VAL C 161 -5.73 -34.49 -7.63
CA VAL C 161 -5.84 -34.78 -6.20
C VAL C 161 -4.48 -34.73 -5.51
N LEU C 162 -3.48 -35.32 -6.13
CA LEU C 162 -2.15 -35.36 -5.55
C LEU C 162 -1.54 -33.97 -5.50
N LYS C 163 -1.84 -33.15 -6.51
CA LYS C 163 -1.41 -31.76 -6.53
C LYS C 163 -1.98 -31.01 -5.33
N LEU C 164 -3.30 -31.08 -5.18
CA LEU C 164 -3.98 -30.40 -4.09
C LEU C 164 -3.48 -30.90 -2.74
N LEU C 165 -3.26 -32.21 -2.63
CA LEU C 165 -2.77 -32.80 -1.38
C LEU C 165 -1.41 -32.20 -1.03
N SER C 166 -0.48 -32.24 -1.98
CA SER C 166 0.85 -31.69 -1.77
C SER C 166 0.79 -30.22 -1.34
N GLU C 167 -0.13 -29.47 -1.92
CA GLU C 167 -0.30 -28.06 -1.55
C GLU C 167 -0.78 -27.93 -0.11
N GLU C 168 -1.81 -28.66 0.26
CA GLU C 168 -2.40 -28.54 1.59
C GLU C 168 -1.42 -28.96 2.69
N VAL C 169 -0.52 -29.88 2.37
CA VAL C 169 0.41 -30.43 3.36
C VAL C 169 1.72 -29.62 3.48
N PHE C 170 2.25 -29.19 2.35
CA PHE C 170 3.58 -28.56 2.33
C PHE C 170 3.55 -27.04 2.10
N ASP C 171 2.54 -26.54 1.39
CA ASP C 171 2.53 -25.13 1.01
C ASP C 171 1.64 -24.26 1.91
N PHE C 172 0.54 -24.84 2.39
CA PHE C 172 -0.46 -24.06 3.12
C PHE C 172 -0.84 -24.69 4.45
N SER C 173 0.09 -25.44 5.03
CA SER C 173 -0.19 -26.15 6.29
C SER C 173 0.18 -25.30 7.51
N ALA C 174 1.19 -24.44 7.36
CA ALA C 174 1.74 -23.70 8.49
C ALA C 174 0.67 -22.96 9.30
N GLU C 175 -0.28 -22.34 8.62
CA GLU C 175 -1.29 -21.54 9.29
C GLU C 175 -2.54 -22.36 9.65
N GLN C 176 -2.79 -23.43 8.90
CA GLN C 176 -4.09 -24.10 8.95
C GLN C 176 -4.15 -25.36 9.82
N MET C 177 -2.99 -25.88 10.24
CA MET C 177 -2.95 -27.03 11.13
C MET C 177 -1.84 -26.91 12.16
N THR C 178 -1.88 -27.75 13.18
CA THR C 178 -0.88 -27.73 14.24
C THR C 178 0.45 -28.25 13.72
N GLN C 179 1.53 -27.93 14.44
CA GLN C 179 2.86 -28.38 14.07
C GLN C 179 2.92 -29.90 14.01
N ALA C 180 2.35 -30.54 15.01
CA ALA C 180 2.35 -31.99 15.09
C ALA C 180 1.62 -32.60 13.90
N LYS C 181 0.45 -32.06 13.58
CA LYS C 181 -0.36 -32.57 12.50
C LYS C 181 0.30 -32.35 11.15
N ALA C 182 0.97 -31.22 10.99
CA ALA C 182 1.70 -30.91 9.77
C ALA C 182 2.84 -31.92 9.55
N LEU C 183 3.67 -32.09 10.57
CA LEU C 183 4.78 -33.03 10.51
C LEU C 183 4.30 -34.44 10.19
N HIS C 184 3.16 -34.81 10.77
CA HIS C 184 2.56 -36.12 10.52
C HIS C 184 2.25 -36.32 9.02
N LEU C 185 1.57 -35.36 8.43
CA LEU C 185 1.17 -35.47 7.02
C LEU C 185 2.37 -35.35 6.10
N LYS C 186 3.35 -34.51 6.46
CA LYS C 186 4.56 -34.39 5.67
C LYS C 186 5.33 -35.71 5.64
N ASN C 187 5.53 -36.33 6.80
CA ASN C 187 6.18 -37.62 6.86
C ASN C 187 5.40 -38.69 6.11
N SER C 188 4.08 -38.62 6.18
CA SER C 188 3.23 -39.61 5.50
C SER C 188 3.39 -39.53 4.00
N MET C 189 3.34 -38.33 3.44
CA MET C 189 3.56 -38.13 2.01
C MET C 189 4.97 -38.54 1.62
N SER C 190 5.93 -38.14 2.45
CA SER C 190 7.34 -38.45 2.21
C SER C 190 7.59 -39.96 2.16
N LYS C 191 6.86 -40.72 2.99
CA LYS C 191 7.07 -42.16 3.09
C LYS C 191 6.50 -42.94 1.89
N GLU C 192 5.55 -42.33 1.19
CA GLU C 192 4.90 -42.99 0.07
C GLU C 192 5.14 -42.28 -1.26
N PHE C 193 6.06 -41.32 -1.28
CA PHE C 193 6.31 -40.58 -2.51
C PHE C 193 7.02 -41.43 -3.56
N GLU C 194 7.79 -42.42 -3.11
CA GLU C 194 8.53 -43.29 -4.02
C GLU C 194 7.58 -43.89 -5.06
N GLN C 195 6.39 -44.26 -4.61
CA GLN C 195 5.38 -44.86 -5.49
C GLN C 195 4.74 -43.79 -6.36
N ILE C 196 4.49 -42.62 -5.77
CA ILE C 196 3.85 -41.52 -6.49
C ILE C 196 4.72 -41.05 -7.65
N PHE C 197 6.01 -40.89 -7.40
CA PHE C 197 6.92 -40.44 -8.44
C PHE C 197 6.97 -41.42 -9.60
N LYS C 198 6.99 -42.71 -9.27
CA LYS C 198 7.03 -43.76 -10.27
C LYS C 198 5.86 -43.60 -11.26
N LEU C 199 4.67 -43.36 -10.72
CA LEU C 199 3.49 -43.11 -11.54
C LEU C 199 3.67 -41.87 -12.40
N CYS C 200 4.12 -40.79 -11.77
CA CYS C 200 4.33 -39.52 -12.44
CA CYS C 200 4.29 -39.53 -12.47
C CYS C 200 5.31 -39.66 -13.60
N PHE C 201 6.45 -40.28 -13.34
CA PHE C 201 7.49 -40.45 -14.35
C PHE C 201 7.04 -41.35 -15.51
N GLN C 202 6.27 -42.38 -15.21
CA GLN C 202 5.76 -43.28 -16.25
C GLN C 202 4.81 -42.55 -17.20
N VAL C 203 3.88 -41.78 -16.63
CA VAL C 203 2.96 -40.97 -17.43
C VAL C 203 3.70 -40.01 -18.35
N LEU C 204 4.70 -39.32 -17.82
CA LEU C 204 5.46 -38.35 -18.61
C LEU C 204 6.24 -39.02 -19.73
N GLU C 205 6.80 -40.19 -19.47
CA GLU C 205 7.69 -40.84 -20.44
C GLU C 205 6.91 -41.59 -21.52
N GLN C 206 5.70 -42.04 -21.18
CA GLN C 206 4.90 -42.85 -22.09
C GLN C 206 3.84 -42.06 -22.84
N GLY C 207 3.69 -40.77 -22.52
CA GLY C 207 2.69 -39.94 -23.17
C GLY C 207 1.29 -40.40 -22.80
N SER C 208 0.26 -40.02 -23.56
CA SER C 208 0.39 -39.13 -24.73
C SER C 208 -0.77 -38.13 -24.78
N SER C 209 -1.67 -38.21 -23.80
CA SER C 209 -2.74 -37.23 -23.65
C SER C 209 -2.18 -35.98 -23.01
N SER C 210 -2.24 -34.87 -23.75
N SER C 210 -2.23 -34.85 -23.72
CA SER C 210 -1.69 -33.59 -23.30
CA SER C 210 -1.60 -33.63 -23.21
C SER C 210 -2.32 -33.14 -21.98
C SER C 210 -2.32 -33.11 -21.97
N SER C 211 -3.63 -33.32 -21.86
CA SER C 211 -4.34 -32.93 -20.64
C SER C 211 -3.82 -33.75 -19.45
N LEU C 212 -3.52 -35.02 -19.71
CA LEU C 212 -2.93 -35.89 -18.70
C LEU C 212 -1.50 -35.46 -18.37
N ILE C 213 -0.73 -35.16 -19.42
CA ILE C 213 0.64 -34.70 -19.24
C ILE C 213 0.69 -33.38 -18.47
N VAL C 214 -0.16 -32.43 -18.86
CA VAL C 214 -0.15 -31.12 -18.23
C VAL C 214 -0.56 -31.22 -16.76
N ALA C 215 -1.55 -32.06 -16.46
CA ALA C 215 -1.98 -32.24 -15.07
C ALA C 215 -0.87 -32.90 -14.25
N THR C 216 -0.08 -33.74 -14.90
CA THR C 216 1.01 -34.43 -14.23
C THR C 216 2.17 -33.46 -13.97
N LEU C 217 2.43 -32.57 -14.91
CA LEU C 217 3.51 -31.60 -14.75
C LEU C 217 3.11 -30.56 -13.72
N GLU C 218 1.83 -30.25 -13.65
N GLU C 218 1.83 -30.24 -13.65
CA GLU C 218 1.33 -29.30 -12.66
CA GLU C 218 1.33 -29.30 -12.66
C GLU C 218 1.53 -29.84 -11.24
C GLU C 218 1.56 -29.84 -11.25
N SER C 219 1.34 -31.15 -11.08
CA SER C 219 1.56 -31.79 -9.78
C SER C 219 3.06 -31.85 -9.49
N LEU C 220 3.86 -32.12 -10.52
CA LEU C 220 5.31 -32.17 -10.36
C LEU C 220 5.86 -30.83 -9.84
N LEU C 221 5.26 -29.73 -10.29
CA LEU C 221 5.69 -28.42 -9.86
C LEU C 221 5.59 -28.30 -8.33
N ARG C 222 4.51 -28.82 -7.77
CA ARG C 222 4.31 -28.79 -6.32
C ARG C 222 5.28 -29.71 -5.58
N TYR C 223 5.59 -30.86 -6.17
CA TYR C 223 6.53 -31.79 -5.57
C TYR C 223 7.90 -31.16 -5.39
N LEU C 224 8.33 -30.41 -6.41
CA LEU C 224 9.68 -29.84 -6.42
C LEU C 224 9.91 -28.87 -5.26
N HIS C 225 8.84 -28.47 -4.57
CA HIS C 225 8.96 -27.60 -3.41
C HIS C 225 9.60 -28.30 -2.21
N TRP C 226 9.50 -29.64 -2.14
CA TRP C 226 9.92 -30.36 -0.93
C TRP C 226 10.65 -31.69 -1.16
N ILE C 227 10.52 -32.29 -2.34
CA ILE C 227 11.09 -33.64 -2.52
C ILE C 227 12.63 -33.59 -2.56
N PRO C 228 13.27 -34.72 -2.20
CA PRO C 228 14.73 -34.75 -2.26
C PRO C 228 15.25 -34.72 -3.68
N TYR C 229 16.41 -34.10 -3.89
CA TYR C 229 16.91 -33.83 -5.23
C TYR C 229 17.18 -35.11 -6.02
N ARG C 230 17.31 -36.24 -5.34
CA ARG C 230 17.65 -37.50 -6.00
C ARG C 230 16.59 -37.91 -7.01
N TYR C 231 15.33 -37.59 -6.74
CA TYR C 231 14.25 -37.90 -7.66
C TYR C 231 14.36 -37.10 -8.96
N ILE C 232 15.14 -36.03 -8.94
CA ILE C 232 15.28 -35.16 -10.10
C ILE C 232 16.58 -35.43 -10.86
N TYR C 233 17.65 -35.71 -10.14
CA TYR C 233 18.95 -35.88 -10.76
C TYR C 233 19.32 -37.35 -11.01
N GLU C 234 18.89 -38.26 -10.14
CA GLU C 234 19.20 -39.68 -10.31
C GLU C 234 18.21 -40.36 -11.26
N THR C 235 17.37 -39.58 -11.92
CA THR C 235 16.45 -40.09 -12.92
C THR C 235 16.68 -39.38 -14.25
N ASN C 236 15.84 -39.68 -15.23
CA ASN C 236 15.98 -39.08 -16.56
C ASN C 236 15.01 -37.92 -16.75
N ILE C 237 14.41 -37.45 -15.65
CA ILE C 237 13.30 -36.52 -15.74
C ILE C 237 13.73 -35.13 -16.20
N LEU C 238 14.96 -34.75 -15.90
CA LEU C 238 15.47 -33.47 -16.40
C LEU C 238 15.54 -33.47 -17.91
N GLU C 239 15.93 -34.61 -18.48
CA GLU C 239 16.01 -34.75 -19.93
C GLU C 239 14.64 -34.54 -20.57
N LEU C 240 13.61 -35.12 -19.97
CA LEU C 240 12.24 -35.01 -20.47
C LEU C 240 11.75 -33.56 -20.44
N LEU C 241 11.95 -32.90 -19.32
CA LEU C 241 11.52 -31.52 -19.16
C LEU C 241 12.24 -30.59 -20.15
N SER C 242 13.56 -30.71 -20.22
CA SER C 242 14.37 -29.77 -20.96
C SER C 242 14.35 -29.97 -22.47
N THR C 243 13.70 -31.04 -22.95
CA THR C 243 13.63 -31.31 -24.38
C THR C 243 12.21 -31.63 -24.85
N LYS C 244 11.72 -32.82 -24.49
CA LYS C 244 10.42 -33.29 -24.93
C LYS C 244 9.29 -32.28 -24.66
N PHE C 245 9.22 -31.78 -23.43
CA PHE C 245 8.09 -30.97 -23.01
C PHE C 245 8.24 -29.47 -23.29
N MET C 246 9.42 -29.05 -23.76
CA MET C 246 9.62 -27.65 -24.13
C MET C 246 9.18 -27.40 -25.57
N THR C 247 9.05 -28.47 -26.35
CA THR C 247 8.67 -28.32 -27.77
C THR C 247 7.18 -28.05 -27.94
N SER C 248 6.36 -28.72 -27.12
CA SER C 248 4.90 -28.54 -27.16
C SER C 248 4.49 -27.29 -26.38
N PRO C 249 3.73 -26.37 -27.02
CA PRO C 249 3.30 -25.17 -26.28
C PRO C 249 2.35 -25.48 -25.13
N ASP C 250 1.61 -26.57 -25.21
CA ASP C 250 0.65 -26.94 -24.17
C ASP C 250 1.38 -27.25 -22.85
N THR C 251 2.57 -27.83 -22.96
CA THR C 251 3.35 -28.23 -21.81
C THR C 251 4.53 -27.30 -21.53
N ARG C 252 4.76 -26.35 -22.43
CA ARG C 252 5.94 -25.50 -22.33
C ARG C 252 5.87 -24.57 -21.13
N ALA C 253 4.70 -24.01 -20.87
CA ALA C 253 4.54 -23.05 -19.78
C ALA C 253 4.85 -23.69 -18.44
N ILE C 254 4.23 -24.84 -18.17
CA ILE C 254 4.38 -25.50 -16.88
C ILE C 254 5.78 -26.11 -16.71
N THR C 255 6.34 -26.63 -17.79
CA THR C 255 7.68 -27.23 -17.75
C THR C 255 8.72 -26.20 -17.35
N LEU C 256 8.55 -24.98 -17.87
CA LEU C 256 9.48 -23.90 -17.60
C LEU C 256 9.42 -23.50 -16.12
N LYS C 257 8.22 -23.52 -15.54
CA LYS C 257 8.07 -23.25 -14.12
C LYS C 257 8.72 -24.35 -13.29
N CYS C 258 8.60 -25.60 -13.76
CA CYS C 258 9.22 -26.73 -13.08
C CYS C 258 10.74 -26.57 -13.05
N LEU C 259 11.33 -26.26 -14.21
CA LEU C 259 12.76 -26.07 -14.31
C LEU C 259 13.24 -24.86 -13.50
N THR C 260 12.39 -23.85 -13.39
CA THR C 260 12.71 -22.69 -12.55
C THR C 260 12.86 -23.12 -11.10
N GLU C 261 11.99 -24.02 -10.64
CA GLU C 261 12.07 -24.55 -9.29
C GLU C 261 13.22 -25.54 -9.15
N VAL C 262 13.55 -26.26 -10.22
CA VAL C 262 14.70 -27.16 -10.21
C VAL C 262 15.98 -26.37 -10.00
N SER C 263 16.00 -25.14 -10.50
CA SER C 263 17.15 -24.27 -10.30
C SER C 263 17.25 -23.78 -8.85
N ASN C 264 16.31 -24.20 -8.00
CA ASN C 264 16.31 -23.83 -6.59
C ASN C 264 16.41 -25.05 -5.64
N LEU C 265 16.64 -26.24 -6.20
CA LEU C 265 16.70 -27.44 -5.39
C LEU C 265 17.91 -27.42 -4.45
N LYS C 266 17.83 -28.19 -3.38
CA LYS C 266 18.94 -28.41 -2.47
C LYS C 266 19.93 -29.36 -3.12
N ILE C 267 21.09 -28.85 -3.51
CA ILE C 267 22.04 -29.59 -4.33
C ILE C 267 23.46 -29.59 -3.72
N PRO C 268 24.09 -30.77 -3.63
CA PRO C 268 25.50 -30.80 -3.20
C PRO C 268 26.42 -30.23 -4.27
N GLN C 269 27.11 -29.14 -3.95
CA GLN C 269 27.86 -28.37 -4.93
C GLN C 269 29.31 -28.84 -5.07
N ASP C 270 29.58 -30.08 -4.66
CA ASP C 270 30.92 -30.65 -4.78
C ASP C 270 30.94 -31.83 -5.76
N ASN C 271 29.75 -32.27 -6.16
CA ASN C 271 29.62 -33.35 -7.12
C ASN C 271 29.68 -32.83 -8.55
N ASP C 272 30.57 -33.39 -9.35
CA ASP C 272 30.79 -32.91 -10.72
C ASP C 272 29.74 -33.46 -11.69
N LEU C 273 29.18 -34.61 -11.37
CA LEU C 273 28.15 -35.23 -12.22
C LEU C 273 26.89 -34.37 -12.22
N ILE C 274 26.47 -33.92 -11.04
CA ILE C 274 25.29 -33.08 -10.90
C ILE C 274 25.48 -31.71 -11.55
N LYS C 275 26.70 -31.18 -11.47
CA LYS C 275 27.04 -29.93 -12.15
C LYS C 275 26.83 -30.10 -13.65
N ARG C 276 27.17 -31.27 -14.15
CA ARG C 276 27.02 -31.54 -15.58
C ARG C 276 25.53 -31.54 -15.93
N GLN C 277 24.74 -32.18 -15.08
CA GLN C 277 23.30 -32.25 -15.29
C GLN C 277 22.67 -30.88 -15.27
N THR C 278 23.13 -30.04 -14.35
CA THR C 278 22.60 -28.69 -14.21
C THR C 278 22.94 -27.86 -15.44
N VAL C 279 24.15 -28.05 -15.98
CA VAL C 279 24.53 -27.40 -17.22
C VAL C 279 23.69 -27.96 -18.37
N LEU C 280 23.48 -29.26 -18.35
CA LEU C 280 22.82 -29.94 -19.46
C LEU C 280 21.38 -29.45 -19.68
N PHE C 281 20.55 -29.43 -18.64
CA PHE C 281 19.13 -29.13 -18.85
C PHE C 281 18.96 -27.65 -19.23
N PHE C 282 19.88 -26.81 -18.78
CA PHE C 282 19.91 -25.41 -19.21
C PHE C 282 20.27 -25.34 -20.70
N GLN C 283 21.30 -26.08 -21.09
CA GLN C 283 21.73 -26.13 -22.48
C GLN C 283 20.59 -26.62 -23.38
N ASN C 284 19.91 -27.67 -22.95
CA ASN C 284 18.76 -28.20 -23.69
C ASN C 284 17.61 -27.20 -23.77
N THR C 285 17.30 -26.53 -22.66
CA THR C 285 16.19 -25.58 -22.63
C THR C 285 16.44 -24.41 -23.59
N LEU C 286 17.60 -23.77 -23.48
CA LEU C 286 17.93 -22.67 -24.38
C LEU C 286 17.97 -23.14 -25.84
N GLN C 287 18.19 -24.42 -26.06
CA GLN C 287 18.21 -24.95 -27.42
C GLN C 287 16.80 -25.04 -27.96
N GLN C 288 15.86 -25.56 -27.16
CA GLN C 288 14.47 -25.68 -27.59
C GLN C 288 13.86 -24.31 -27.86
N ILE C 289 14.20 -23.33 -27.03
CA ILE C 289 13.70 -21.97 -27.20
C ILE C 289 14.18 -21.36 -28.52
N ALA C 290 15.46 -21.56 -28.81
CA ALA C 290 16.06 -21.02 -30.04
C ALA C 290 15.44 -21.63 -31.31
N THR C 291 15.06 -22.90 -31.25
CA THR C 291 14.55 -23.60 -32.43
C THR C 291 13.02 -23.65 -32.50
N SER C 292 12.35 -23.68 -31.34
CA SER C 292 10.90 -23.84 -31.32
C SER C 292 10.13 -22.54 -31.07
N VAL C 293 10.72 -21.60 -30.34
CA VAL C 293 9.99 -20.40 -29.91
C VAL C 293 10.46 -19.16 -30.67
N MET C 294 11.65 -18.64 -30.35
CA MET C 294 12.24 -17.57 -31.14
C MET C 294 13.76 -17.54 -31.00
N PRO C 295 14.47 -17.09 -32.06
CA PRO C 295 15.92 -16.95 -31.97
C PRO C 295 16.34 -15.83 -31.03
N VAL C 296 17.62 -15.79 -30.67
CA VAL C 296 18.13 -14.83 -29.71
C VAL C 296 18.05 -13.39 -30.22
N THR C 297 17.89 -13.22 -31.51
CA THR C 297 17.82 -11.89 -32.11
C THR C 297 16.41 -11.32 -32.14
N ALA C 298 15.42 -12.12 -31.75
CA ALA C 298 14.03 -11.71 -31.89
C ALA C 298 13.69 -10.48 -31.05
N ASP C 299 12.84 -9.62 -31.60
CA ASP C 299 12.42 -8.41 -30.90
C ASP C 299 11.33 -8.76 -29.90
N LEU C 300 11.73 -9.10 -28.68
CA LEU C 300 10.80 -9.53 -27.64
C LEU C 300 9.93 -8.36 -27.17
N LYS C 301 10.45 -7.15 -27.26
CA LYS C 301 9.68 -5.95 -26.95
C LYS C 301 8.40 -5.89 -27.80
N ALA C 302 8.55 -6.11 -29.10
CA ALA C 302 7.42 -6.06 -30.02
C ALA C 302 6.49 -7.28 -29.80
N THR C 303 7.08 -8.42 -29.50
CA THR C 303 6.28 -9.63 -29.25
C THR C 303 5.38 -9.42 -28.03
N TYR C 304 5.99 -8.96 -26.94
CA TYR C 304 5.28 -8.71 -25.70
C TYR C 304 4.14 -7.72 -25.92
N ALA C 305 4.42 -6.65 -26.66
CA ALA C 305 3.43 -5.60 -26.90
C ALA C 305 2.24 -6.10 -27.72
N ASN C 306 2.49 -7.04 -28.63
CA ASN C 306 1.42 -7.60 -29.47
C ASN C 306 0.46 -8.45 -28.64
N ALA C 307 1.00 -9.08 -27.60
CA ALA C 307 0.20 -9.82 -26.63
C ALA C 307 -0.65 -10.93 -27.27
N ASN C 308 -0.06 -11.66 -28.21
CA ASN C 308 -0.74 -12.81 -28.80
C ASN C 308 -0.70 -14.01 -27.87
N GLY C 309 -1.87 -14.59 -27.63
CA GLY C 309 -1.98 -15.79 -26.80
C GLY C 309 -1.32 -15.61 -25.45
N ASN C 310 -0.44 -16.55 -25.12
CA ASN C 310 0.24 -16.54 -23.83
C ASN C 310 1.69 -16.07 -23.95
N ASP C 311 1.99 -15.35 -25.02
CA ASP C 311 3.34 -14.84 -25.25
C ASP C 311 3.86 -14.04 -24.04
N GLN C 312 3.00 -13.17 -23.49
CA GLN C 312 3.39 -12.34 -22.35
C GLN C 312 3.74 -13.18 -21.13
N SER C 313 2.86 -14.13 -20.79
CA SER C 313 3.13 -15.04 -19.68
C SER C 313 4.40 -15.85 -19.94
N PHE C 314 4.64 -16.22 -21.18
CA PHE C 314 5.80 -17.03 -21.50
C PHE C 314 7.08 -16.23 -21.31
N LEU C 315 7.08 -15.00 -21.81
CA LEU C 315 8.26 -14.15 -21.70
C LEU C 315 8.52 -13.79 -20.24
N GLN C 316 7.45 -13.68 -19.46
CA GLN C 316 7.60 -13.47 -18.03
C GLN C 316 8.25 -14.68 -17.37
N ASP C 317 7.78 -15.88 -17.73
CA ASP C 317 8.30 -17.11 -17.15
C ASP C 317 9.73 -17.40 -17.62
N LEU C 318 10.04 -17.01 -18.85
CA LEU C 318 11.40 -17.19 -19.36
C LEU C 318 12.38 -16.32 -18.57
N ALA C 319 11.97 -15.07 -18.32
CA ALA C 319 12.78 -14.15 -17.54
C ALA C 319 13.04 -14.72 -16.15
N MET C 320 12.00 -15.26 -15.53
CA MET C 320 12.14 -15.85 -14.20
C MET C 320 13.08 -17.05 -14.23
N PHE C 321 12.98 -17.87 -15.27
CA PHE C 321 13.82 -19.05 -15.41
C PHE C 321 15.30 -18.68 -15.60
N LEU C 322 15.57 -17.78 -16.55
CA LEU C 322 16.93 -17.36 -16.84
C LEU C 322 17.59 -16.68 -15.63
N THR C 323 16.89 -15.71 -15.03
CA THR C 323 17.46 -14.99 -13.89
C THR C 323 17.69 -15.92 -12.70
N THR C 324 16.74 -16.81 -12.45
CA THR C 324 16.85 -17.73 -11.31
C THR C 324 18.03 -18.67 -11.49
N TYR C 325 18.16 -19.27 -12.67
CA TYR C 325 19.22 -20.24 -12.92
C TYR C 325 20.59 -19.56 -12.92
N LEU C 326 20.70 -18.46 -13.65
CA LEU C 326 21.98 -17.78 -13.81
C LEU C 326 22.45 -17.13 -12.52
N ALA C 327 21.52 -16.69 -11.68
CA ALA C 327 21.92 -16.11 -10.40
C ALA C 327 22.55 -17.15 -9.50
N ARG C 328 22.26 -18.42 -9.76
N ARG C 328 22.27 -18.42 -9.78
CA ARG C 328 22.79 -19.50 -8.93
CA ARG C 328 22.73 -19.52 -8.95
C ARG C 328 23.95 -20.23 -9.62
C ARG C 328 23.85 -20.34 -9.59
N ASN C 329 23.80 -20.49 -10.92
CA ASN C 329 24.68 -21.42 -11.62
C ASN C 329 25.56 -20.86 -12.74
N ARG C 330 25.57 -19.55 -12.96
CA ARG C 330 26.26 -19.02 -14.12
C ARG C 330 27.75 -19.32 -14.06
N ALA C 331 28.30 -19.46 -12.86
CA ALA C 331 29.71 -19.80 -12.69
C ALA C 331 30.05 -21.13 -13.36
N LEU C 332 29.06 -22.01 -13.52
CA LEU C 332 29.27 -23.29 -14.19
C LEU C 332 29.57 -23.11 -15.68
N LEU C 333 29.18 -21.95 -16.22
CA LEU C 333 29.30 -21.69 -17.64
C LEU C 333 30.47 -20.76 -17.98
N GLU C 334 31.13 -20.24 -16.96
CA GLU C 334 32.14 -19.19 -17.17
C GLU C 334 33.54 -19.72 -17.46
N SER C 335 33.81 -20.95 -17.06
CA SER C 335 35.16 -21.50 -17.19
C SER C 335 35.35 -22.31 -18.48
N ASP C 336 34.41 -23.21 -18.75
CA ASP C 336 34.47 -24.05 -19.95
C ASP C 336 34.29 -23.20 -21.21
N GLU C 337 35.24 -23.30 -22.13
CA GLU C 337 35.18 -22.50 -23.35
C GLU C 337 34.01 -22.93 -24.23
N SER C 338 33.65 -24.21 -24.16
CA SER C 338 32.57 -24.74 -24.98
C SER C 338 31.20 -24.30 -24.46
N LEU C 339 31.15 -23.76 -23.25
CA LEU C 339 29.90 -23.29 -22.65
C LEU C 339 29.76 -21.78 -22.74
N ARG C 340 30.69 -21.12 -23.40
CA ARG C 340 30.66 -19.66 -23.47
C ARG C 340 29.49 -19.15 -24.29
N GLU C 341 29.26 -19.75 -25.46
CA GLU C 341 28.17 -19.34 -26.33
C GLU C 341 26.83 -19.46 -25.59
N LEU C 342 26.64 -20.57 -24.88
CA LEU C 342 25.43 -20.78 -24.09
C LEU C 342 25.24 -19.68 -23.04
N LEU C 343 26.34 -19.32 -22.38
CA LEU C 343 26.30 -18.31 -21.33
C LEU C 343 25.87 -16.96 -21.88
N LEU C 344 26.48 -16.55 -23.00
CA LEU C 344 26.22 -15.23 -23.56
C LEU C 344 24.85 -15.17 -24.24
N ASN C 345 24.45 -16.27 -24.88
CA ASN C 345 23.11 -16.35 -25.49
C ASN C 345 22.03 -16.27 -24.44
N ALA C 346 22.27 -16.89 -23.30
CA ALA C 346 21.33 -16.83 -22.19
C ALA C 346 21.16 -15.38 -21.75
N HIS C 347 22.27 -14.66 -21.65
CA HIS C 347 22.21 -13.26 -21.21
C HIS C 347 21.69 -12.35 -22.31
N GLN C 348 21.89 -12.73 -23.56
CA GLN C 348 21.38 -11.94 -24.68
C GLN C 348 19.86 -11.98 -24.68
N TYR C 349 19.28 -13.13 -24.34
CA TYR C 349 17.83 -13.21 -24.18
C TYR C 349 17.38 -12.24 -23.10
N LEU C 350 18.15 -12.14 -22.01
CA LEU C 350 17.82 -11.24 -20.93
C LEU C 350 17.93 -9.78 -21.34
N ILE C 351 18.93 -9.46 -22.17
CA ILE C 351 19.04 -8.13 -22.75
C ILE C 351 17.78 -7.80 -23.52
N GLN C 352 17.36 -8.69 -24.41
CA GLN C 352 16.15 -8.51 -25.19
C GLN C 352 14.91 -8.41 -24.29
N LEU C 353 14.87 -9.23 -23.24
CA LEU C 353 13.76 -9.20 -22.29
C LEU C 353 13.68 -7.88 -21.54
N SER C 354 14.84 -7.26 -21.32
CA SER C 354 14.92 -6.01 -20.54
C SER C 354 14.45 -4.79 -21.33
N LYS C 355 14.21 -4.97 -22.62
CA LYS C 355 13.75 -3.89 -23.48
C LYS C 355 12.22 -3.84 -23.54
N ILE C 356 11.58 -4.87 -23.01
CA ILE C 356 10.13 -4.92 -22.96
C ILE C 356 9.59 -3.78 -22.09
N GLU C 357 8.53 -3.12 -22.58
CA GLU C 357 7.85 -2.10 -21.80
C GLU C 357 6.82 -2.75 -20.88
N GLU C 358 7.25 -2.99 -19.64
CA GLU C 358 6.43 -3.63 -18.62
C GLU C 358 7.18 -3.50 -17.32
N ARG C 359 6.73 -2.59 -16.46
CA ARG C 359 7.50 -2.14 -15.32
C ARG C 359 7.92 -3.26 -14.39
N GLU C 360 6.97 -4.11 -14.01
CA GLU C 360 7.24 -5.18 -13.06
C GLU C 360 8.19 -6.23 -13.64
N LEU C 361 8.11 -6.46 -14.94
CA LEU C 361 9.04 -7.37 -15.61
C LEU C 361 10.44 -6.77 -15.63
N PHE C 362 10.51 -5.46 -15.88
CA PHE C 362 11.78 -4.76 -15.88
C PHE C 362 12.46 -4.84 -14.52
N LYS C 363 11.68 -4.66 -13.47
CA LYS C 363 12.21 -4.76 -12.11
C LYS C 363 12.80 -6.13 -11.86
N THR C 364 12.20 -7.16 -12.44
CA THR C 364 12.68 -8.52 -12.28
C THR C 364 14.04 -8.73 -12.97
N THR C 365 14.17 -8.25 -14.19
CA THR C 365 15.45 -8.35 -14.90
C THR C 365 16.49 -7.45 -14.25
N LEU C 366 16.06 -6.28 -13.78
CA LEU C 366 16.99 -5.31 -13.20
C LEU C 366 17.60 -5.85 -11.91
N ASP C 367 16.81 -6.60 -11.14
CA ASP C 367 17.33 -7.26 -9.95
C ASP C 367 18.44 -8.24 -10.32
N TYR C 368 18.28 -8.94 -11.44
CA TYR C 368 19.31 -9.85 -11.86
C TYR C 368 20.56 -9.10 -12.32
N TRP C 369 20.37 -8.08 -13.13
CA TRP C 369 21.49 -7.32 -13.65
C TRP C 369 22.34 -6.80 -12.49
N HIS C 370 21.67 -6.35 -11.44
CA HIS C 370 22.33 -5.90 -10.22
C HIS C 370 23.18 -7.02 -9.61
N ASN C 371 22.62 -8.22 -9.56
CA ASN C 371 23.34 -9.37 -9.08
C ASN C 371 24.60 -9.63 -9.91
N LEU C 372 24.50 -9.41 -11.23
CA LEU C 372 25.62 -9.69 -12.12
C LEU C 372 26.71 -8.64 -12.00
N VAL C 373 26.37 -7.37 -12.25
CA VAL C 373 27.36 -6.31 -12.26
C VAL C 373 28.04 -6.13 -10.91
N ALA C 374 27.34 -6.48 -9.84
CA ALA C 374 27.93 -6.41 -8.50
C ALA C 374 29.03 -7.46 -8.36
N ASP C 375 28.79 -8.64 -8.93
CA ASP C 375 29.75 -9.73 -8.89
C ASP C 375 30.96 -9.41 -9.77
N LEU C 376 30.71 -8.84 -10.95
CA LEU C 376 31.79 -8.49 -11.87
C LEU C 376 32.68 -7.40 -11.28
N PHE C 377 32.11 -6.61 -10.37
CA PHE C 377 32.80 -5.50 -9.74
C PHE C 377 33.78 -5.98 -8.67
N TYR C 378 33.47 -7.10 -8.03
CA TYR C 378 34.33 -7.66 -6.98
C TYR C 378 35.11 -8.90 -7.46
N GLU C 379 34.45 -9.78 -8.19
CA GLU C 379 35.04 -11.06 -8.58
C GLU C 379 36.12 -10.90 -9.65
N PRO C 380 37.34 -11.41 -9.40
CA PRO C 380 38.41 -11.25 -10.40
C PRO C 380 38.16 -12.02 -11.69
N LEU C 381 38.64 -11.47 -12.79
CA LEU C 381 38.69 -12.14 -14.09
C LEU C 381 37.31 -12.52 -14.65
N LYS C 382 36.26 -11.80 -14.27
CA LYS C 382 34.92 -12.13 -14.75
C LYS C 382 34.36 -11.11 -15.73
N LYS C 383 34.68 -9.83 -15.52
CA LYS C 383 34.01 -8.75 -16.24
C LYS C 383 34.30 -8.77 -17.75
N HIS C 384 35.47 -9.26 -18.14
CA HIS C 384 35.84 -9.31 -19.55
C HIS C 384 34.93 -10.23 -20.35
N ILE C 385 34.36 -11.24 -19.68
CA ILE C 385 33.47 -12.19 -20.32
C ILE C 385 32.18 -11.52 -20.80
N TYR C 386 31.71 -10.54 -20.02
CA TYR C 386 30.40 -9.95 -20.23
C TYR C 386 30.46 -8.54 -20.82
N GLU C 387 31.58 -8.21 -21.46
CA GLU C 387 31.79 -6.86 -22.00
C GLU C 387 30.69 -6.42 -22.97
N GLU C 388 30.32 -7.31 -23.89
CA GLU C 388 29.31 -6.96 -24.90
C GLU C 388 27.92 -6.88 -24.27
N ILE C 389 27.65 -7.75 -23.30
CA ILE C 389 26.40 -7.73 -22.55
C ILE C 389 26.28 -6.44 -21.73
N CYS C 390 27.34 -6.10 -21.03
CA CYS C 390 27.34 -4.91 -20.17
C CYS C 390 27.20 -3.63 -20.98
N SER C 391 27.78 -3.61 -22.18
CA SER C 391 27.69 -2.44 -23.04
C SER C 391 26.27 -2.21 -23.53
N GLN C 392 25.57 -3.30 -23.84
CA GLN C 392 24.19 -3.20 -24.26
C GLN C 392 23.33 -2.75 -23.10
N LEU C 393 23.65 -3.26 -21.91
CA LEU C 393 22.87 -2.97 -20.71
C LEU C 393 22.93 -1.48 -20.38
N ARG C 394 24.10 -0.87 -20.55
CA ARG C 394 24.27 0.57 -20.34
C ARG C 394 23.22 1.34 -21.12
N LEU C 395 23.08 1.03 -22.40
CA LEU C 395 22.08 1.69 -23.24
C LEU C 395 20.66 1.40 -22.75
N VAL C 396 20.38 0.15 -22.39
CA VAL C 396 19.04 -0.22 -21.94
C VAL C 396 18.63 0.56 -20.70
N ILE C 397 19.55 0.68 -19.74
CA ILE C 397 19.23 1.35 -18.47
C ILE C 397 19.14 2.86 -18.66
N ILE C 398 20.06 3.42 -19.44
CA ILE C 398 20.05 4.85 -19.72
C ILE C 398 18.74 5.25 -20.39
N GLU C 399 18.28 4.44 -21.34
CA GLU C 399 17.07 4.76 -22.09
C GLU C 399 15.77 4.57 -21.31
N ASN C 400 15.81 3.73 -20.26
CA ASN C 400 14.61 3.48 -19.46
C ASN C 400 14.71 4.10 -18.06
N MET C 401 15.65 5.03 -17.88
CA MET C 401 15.83 5.71 -16.60
C MET C 401 14.57 6.48 -16.19
N VAL C 402 14.09 6.25 -14.98
CA VAL C 402 12.85 6.90 -14.52
C VAL C 402 13.15 8.10 -13.64
N ARG C 403 12.12 8.91 -13.41
CA ARG C 403 12.24 10.13 -12.62
C ARG C 403 12.75 9.87 -11.21
N PRO C 404 13.78 10.60 -10.79
CA PRO C 404 14.28 10.45 -9.41
C PRO C 404 13.35 11.07 -8.37
N THR C 427 8.84 6.13 -10.05
CA THR C 427 9.11 5.58 -8.74
C THR C 427 10.57 5.83 -8.35
N ILE C 428 10.79 6.28 -7.12
CA ILE C 428 12.14 6.55 -6.63
C ILE C 428 12.87 5.24 -6.32
N GLN C 429 12.11 4.23 -5.92
CA GLN C 429 12.64 2.90 -5.68
C GLN C 429 13.34 2.35 -6.92
N LEU C 430 12.63 2.42 -8.04
CA LEU C 430 13.14 1.91 -9.30
C LEU C 430 14.33 2.74 -9.76
N TYR C 431 14.31 4.04 -9.46
CA TYR C 431 15.43 4.91 -9.81
C TYR C 431 16.69 4.51 -9.06
N LYS C 432 16.54 4.27 -7.75
CA LYS C 432 17.65 3.85 -6.92
C LYS C 432 18.27 2.54 -7.42
N SER C 433 17.41 1.61 -7.83
CA SER C 433 17.89 0.34 -8.37
C SER C 433 18.59 0.54 -9.71
N GLU C 434 18.07 1.47 -10.50
CA GLU C 434 18.65 1.78 -11.81
C GLU C 434 19.98 2.50 -11.64
N ARG C 435 20.02 3.43 -10.70
CA ARG C 435 21.24 4.16 -10.43
C ARG C 435 22.33 3.19 -9.98
N GLU C 436 21.97 2.28 -9.08
CA GLU C 436 22.92 1.34 -8.51
C GLU C 436 23.61 0.49 -9.59
N VAL C 437 22.82 -0.10 -10.48
CA VAL C 437 23.34 -0.92 -11.57
C VAL C 437 24.20 -0.09 -12.51
N LEU C 438 23.80 1.16 -12.73
CA LEU C 438 24.50 2.02 -13.68
C LEU C 438 25.82 2.52 -13.10
N VAL C 439 25.88 2.69 -11.78
CA VAL C 439 27.12 3.06 -11.11
C VAL C 439 28.13 1.92 -11.22
N TYR C 440 27.66 0.70 -11.04
CA TYR C 440 28.49 -0.48 -11.26
C TYR C 440 28.98 -0.52 -12.71
N LEU C 441 28.07 -0.32 -13.66
CA LEU C 441 28.42 -0.38 -15.07
C LEU C 441 29.41 0.72 -15.45
N THR C 442 29.38 1.82 -14.71
CA THR C 442 30.31 2.92 -14.92
C THR C 442 31.71 2.53 -14.45
N HIS C 443 31.81 1.85 -13.32
CA HIS C 443 33.10 1.39 -12.82
C HIS C 443 33.69 0.32 -13.74
N LEU C 444 32.84 -0.59 -14.21
CA LEU C 444 33.29 -1.69 -15.04
C LEU C 444 33.90 -1.19 -16.35
N ASN C 445 33.35 -0.11 -16.88
CA ASN C 445 33.97 0.56 -18.04
C ASN C 445 33.53 2.01 -18.16
N VAL C 446 34.34 2.90 -17.62
CA VAL C 446 34.01 4.33 -17.59
C VAL C 446 33.95 4.92 -18.99
N ILE C 447 34.89 4.55 -19.83
CA ILE C 447 34.99 5.11 -21.18
C ILE C 447 33.74 4.80 -22.02
N ASP C 448 33.27 3.55 -21.92
CA ASP C 448 32.08 3.14 -22.67
C ASP C 448 30.82 3.90 -22.19
N THR C 449 30.72 4.11 -20.88
CA THR C 449 29.57 4.82 -20.33
C THR C 449 29.54 6.28 -20.82
N GLU C 450 30.68 6.95 -20.74
CA GLU C 450 30.81 8.32 -21.23
C GLU C 450 30.44 8.43 -22.70
N GLU C 451 30.92 7.49 -23.51
CA GLU C 451 30.72 7.52 -24.95
C GLU C 451 29.23 7.41 -25.29
N ILE C 452 28.54 6.49 -24.64
CA ILE C 452 27.11 6.28 -24.87
C ILE C 452 26.31 7.52 -24.50
N MET C 453 26.63 8.14 -23.37
CA MET C 453 25.86 9.29 -22.89
C MET C 453 26.08 10.50 -23.79
N ILE C 454 27.33 10.77 -24.15
CA ILE C 454 27.63 11.87 -25.06
C ILE C 454 27.00 11.60 -26.43
N SER C 455 27.09 10.37 -26.89
CA SER C 455 26.43 9.96 -28.13
C SER C 455 24.94 10.29 -28.10
N LYS C 456 24.27 9.86 -27.03
CA LYS C 456 22.85 10.14 -26.86
C LYS C 456 22.60 11.64 -26.85
N LEU C 457 23.52 12.38 -26.24
CA LEU C 457 23.38 13.82 -26.12
C LEU C 457 23.51 14.49 -27.49
N ALA C 458 24.34 13.93 -28.35
CA ALA C 458 24.52 14.45 -29.70
C ALA C 458 23.25 14.23 -30.53
N ARG C 459 22.57 13.11 -30.29
CA ARG C 459 21.35 12.79 -31.01
C ARG C 459 20.18 13.65 -30.52
N GLN C 460 20.33 14.24 -29.35
CA GLN C 460 19.35 15.20 -28.86
C GLN C 460 19.52 16.54 -29.57
N ILE C 461 20.76 16.85 -29.94
CA ILE C 461 21.08 18.11 -30.58
C ILE C 461 20.76 18.09 -32.07
N ASP C 462 20.98 16.95 -32.74
CA ASP C 462 20.66 16.84 -34.15
C ASP C 462 19.17 16.53 -34.36
N GLY C 463 18.43 16.45 -33.26
CA GLY C 463 16.98 16.33 -33.30
C GLY C 463 16.46 14.95 -33.67
N SER C 464 17.36 14.00 -33.91
CA SER C 464 16.95 12.67 -34.33
C SER C 464 16.19 11.93 -33.23
N GLU C 465 16.52 12.24 -31.98
CA GLU C 465 15.84 11.64 -30.83
C GLU C 465 15.37 12.72 -29.85
N TRP C 466 15.20 13.93 -30.34
CA TRP C 466 14.76 15.04 -29.50
C TRP C 466 13.33 14.85 -29.00
N SER C 467 13.15 15.04 -27.70
CA SER C 467 11.85 14.89 -27.06
C SER C 467 11.97 15.37 -25.61
N TRP C 468 10.90 15.96 -25.09
CA TRP C 468 10.89 16.41 -23.71
C TRP C 468 11.17 15.23 -22.77
N HIS C 469 10.54 14.10 -23.05
CA HIS C 469 10.75 12.91 -22.25
C HIS C 469 12.17 12.38 -22.41
N ASN C 470 12.68 12.40 -23.64
CA ASN C 470 13.99 11.82 -23.91
C ASN C 470 15.14 12.66 -23.38
N ILE C 471 14.99 13.97 -23.32
CA ILE C 471 16.05 14.83 -22.79
C ILE C 471 16.07 14.75 -21.26
N ASN C 472 14.90 14.58 -20.65
CA ASN C 472 14.80 14.41 -19.21
C ASN C 472 15.43 13.11 -18.77
N THR C 473 15.07 12.04 -19.47
CA THR C 473 15.59 10.70 -19.19
C THR C 473 17.11 10.68 -19.22
N LEU C 474 17.69 11.32 -20.23
CA LEU C 474 19.13 11.33 -20.39
C LEU C 474 19.80 12.16 -19.29
N SER C 475 19.12 13.20 -18.84
CA SER C 475 19.66 14.07 -17.82
C SER C 475 19.64 13.38 -16.46
N TRP C 476 18.60 12.59 -16.21
CA TRP C 476 18.53 11.79 -14.99
C TRP C 476 19.65 10.75 -14.96
N ALA C 477 19.91 10.15 -16.11
CA ALA C 477 20.93 9.12 -16.24
C ALA C 477 22.33 9.70 -16.02
N ILE C 478 22.60 10.81 -16.67
CA ILE C 478 23.89 11.48 -16.54
C ILE C 478 24.12 11.91 -15.09
N GLY C 479 23.05 12.30 -14.41
CA GLY C 479 23.15 12.75 -13.04
C GLY C 479 23.26 11.62 -12.03
N SER C 480 22.88 10.42 -12.44
CA SER C 480 22.84 9.30 -11.51
C SER C 480 24.23 8.70 -11.25
N ILE C 481 25.15 8.87 -12.20
CA ILE C 481 26.49 8.29 -12.07
C ILE C 481 27.47 9.27 -11.44
N SER C 482 26.94 10.21 -10.65
CA SER C 482 27.79 11.21 -10.01
C SER C 482 28.65 10.59 -8.93
N GLY C 483 29.87 11.13 -8.78
CA GLY C 483 30.78 10.65 -7.77
C GLY C 483 31.17 9.19 -7.94
N THR C 484 31.39 8.78 -9.18
CA THR C 484 31.83 7.41 -9.47
C THR C 484 33.09 7.47 -10.31
N MET C 485 33.23 8.54 -11.08
CA MET C 485 34.38 8.77 -11.94
C MET C 485 35.56 9.34 -11.18
N SER C 486 36.60 9.69 -11.92
CA SER C 486 37.72 10.43 -11.38
C SER C 486 37.32 11.89 -11.31
N GLU C 487 37.80 12.58 -10.28
CA GLU C 487 37.54 14.01 -10.14
C GLU C 487 37.90 14.74 -11.44
N ASP C 488 38.97 14.28 -12.08
CA ASP C 488 39.46 14.91 -13.30
C ASP C 488 38.60 14.60 -14.52
N THR C 489 38.30 13.31 -14.74
CA THR C 489 37.44 12.94 -15.86
C THR C 489 36.00 13.38 -15.58
N GLU C 490 35.59 13.32 -14.32
CA GLU C 490 34.29 13.84 -13.92
C GLU C 490 34.16 15.28 -14.35
N LYS C 491 35.16 16.10 -14.02
CA LYS C 491 35.20 17.49 -14.45
C LYS C 491 35.13 17.59 -15.97
N ARG C 492 35.98 16.83 -16.64
CA ARG C 492 36.07 16.88 -18.09
C ARG C 492 34.74 16.47 -18.71
N PHE C 493 34.12 15.45 -18.13
CA PHE C 493 32.82 14.94 -18.58
C PHE C 493 31.71 15.95 -18.32
N VAL C 494 31.64 16.47 -17.09
CA VAL C 494 30.59 17.43 -16.74
C VAL C 494 30.66 18.66 -17.62
N VAL C 495 31.86 19.20 -17.83
CA VAL C 495 32.06 20.34 -18.73
C VAL C 495 31.52 20.02 -20.11
N THR C 496 31.85 18.84 -20.62
CA THR C 496 31.38 18.42 -21.94
C THR C 496 29.86 18.33 -21.98
N VAL C 497 29.27 17.75 -20.94
CA VAL C 497 27.83 17.57 -20.86
C VAL C 497 27.11 18.91 -20.77
N ILE C 498 27.55 19.78 -19.86
CA ILE C 498 26.90 21.07 -19.67
C ILE C 498 27.08 21.94 -20.92
N LYS C 499 28.32 22.06 -21.40
CA LYS C 499 28.61 22.86 -22.58
C LYS C 499 27.71 22.48 -23.75
N ASP C 500 27.46 21.18 -23.90
CA ASP C 500 26.59 20.69 -24.98
C ASP C 500 25.12 20.93 -24.66
N LEU C 501 24.76 20.80 -23.38
CA LEU C 501 23.41 21.11 -22.95
C LEU C 501 23.12 22.59 -23.11
N LEU C 502 24.13 23.42 -22.84
CA LEU C 502 23.99 24.87 -22.98
C LEU C 502 23.66 25.22 -24.43
N GLY C 503 24.33 24.57 -25.37
CA GLY C 503 24.11 24.83 -26.78
C GLY C 503 22.74 24.36 -27.25
N LEU C 504 22.25 23.30 -26.63
CA LEU C 504 20.94 22.74 -26.96
C LEU C 504 19.84 23.75 -26.63
N CYS C 505 20.03 24.49 -25.54
CA CYS C 505 19.02 25.43 -25.06
C CYS C 505 18.86 26.61 -26.03
N GLU C 506 19.96 27.06 -26.61
CA GLU C 506 19.93 28.15 -27.58
C GLU C 506 19.18 27.71 -28.82
N GLN C 507 19.42 26.47 -29.22
CA GLN C 507 18.86 25.91 -30.45
C GLN C 507 17.33 25.96 -30.47
N LYS C 508 16.71 25.79 -29.31
CA LYS C 508 15.25 25.72 -29.22
C LYS C 508 14.63 27.10 -29.13
N ARG C 509 13.46 27.25 -29.73
CA ARG C 509 12.68 28.48 -29.66
C ARG C 509 11.45 28.24 -28.78
N GLY C 510 10.86 29.32 -28.28
CA GLY C 510 9.71 29.20 -27.39
C GLY C 510 10.15 28.80 -25.99
N LYS C 511 9.51 29.37 -24.99
CA LYS C 511 9.91 29.12 -23.60
C LYS C 511 9.55 27.72 -23.13
N ASP C 512 8.65 27.05 -23.85
CA ASP C 512 8.30 25.68 -23.52
C ASP C 512 9.51 24.77 -23.63
N ASN C 513 10.12 24.73 -24.82
CA ASN C 513 11.31 23.92 -25.03
C ASN C 513 12.49 24.42 -24.21
N LYS C 514 12.61 25.74 -24.08
CA LYS C 514 13.73 26.35 -23.36
C LYS C 514 13.66 26.08 -21.86
N ALA C 515 12.44 25.99 -21.32
CA ALA C 515 12.28 25.74 -19.90
C ALA C 515 12.70 24.31 -19.56
N VAL C 516 12.36 23.37 -20.44
CA VAL C 516 12.69 21.97 -20.22
C VAL C 516 14.20 21.77 -20.18
N VAL C 517 14.90 22.28 -21.19
CA VAL C 517 16.34 22.10 -21.29
C VAL C 517 17.06 22.82 -20.16
N ALA C 518 16.63 24.04 -19.85
CA ALA C 518 17.25 24.81 -18.78
C ALA C 518 17.14 24.09 -17.43
N SER C 519 16.00 23.46 -17.18
CA SER C 519 15.79 22.71 -15.93
C SER C 519 16.74 21.52 -15.83
N ASP C 520 16.98 20.87 -16.96
CA ASP C 520 17.87 19.72 -17.01
C ASP C 520 19.32 20.15 -16.74
N ILE C 521 19.67 21.36 -17.18
CA ILE C 521 21.00 21.89 -16.90
C ILE C 521 21.18 22.14 -15.41
N MET C 522 20.13 22.61 -14.75
CA MET C 522 20.19 22.85 -13.30
C MET C 522 20.19 21.51 -12.55
N TYR C 523 19.52 20.51 -13.12
CA TYR C 523 19.48 19.21 -12.49
C TYR C 523 20.86 18.56 -12.47
N VAL C 524 21.55 18.60 -13.60
CA VAL C 524 22.84 17.92 -13.71
C VAL C 524 23.87 18.57 -12.80
N VAL C 525 23.92 19.90 -12.77
CA VAL C 525 24.89 20.59 -11.93
C VAL C 525 24.62 20.34 -10.47
N GLY C 526 23.34 20.24 -10.10
CA GLY C 526 22.97 19.94 -8.73
C GLY C 526 23.37 18.54 -8.32
N GLN C 527 23.67 17.70 -9.30
CA GLN C 527 24.05 16.32 -9.02
C GLN C 527 25.56 16.15 -8.89
N TYR C 528 26.32 17.16 -9.28
CA TYR C 528 27.78 17.09 -9.24
C TYR C 528 28.37 18.17 -8.34
N PRO C 529 28.11 18.05 -7.03
CA PRO C 529 28.58 19.03 -6.05
C PRO C 529 30.11 19.05 -5.94
N ARG C 530 30.73 17.89 -6.10
CA ARG C 530 32.17 17.77 -6.06
C ARG C 530 32.80 18.71 -7.09
N PHE C 531 32.12 18.87 -8.22
CA PHE C 531 32.55 19.77 -9.28
C PHE C 531 32.29 21.23 -8.91
N LEU C 532 31.14 21.50 -8.30
CA LEU C 532 30.79 22.86 -7.93
C LEU C 532 31.70 23.39 -6.82
N LYS C 533 32.02 22.53 -5.86
CA LYS C 533 32.90 22.91 -4.76
C LYS C 533 34.29 23.30 -5.23
N ALA C 534 34.75 22.65 -6.29
CA ALA C 534 36.11 22.86 -6.78
C ALA C 534 36.22 24.11 -7.64
N HIS C 535 35.09 24.61 -8.14
CA HIS C 535 35.07 25.77 -9.03
C HIS C 535 34.10 26.82 -8.52
N TRP C 536 34.53 27.59 -7.54
CA TRP C 536 33.65 28.55 -6.86
C TRP C 536 32.99 29.53 -7.81
N ASN C 537 33.77 30.09 -8.71
CA ASN C 537 33.27 31.12 -9.61
C ASN C 537 32.09 30.61 -10.42
N PHE C 538 32.19 29.37 -10.88
CA PHE C 538 31.11 28.75 -11.62
C PHE C 538 29.90 28.50 -10.72
N LEU C 539 30.16 27.96 -9.52
CA LEU C 539 29.10 27.71 -8.56
C LEU C 539 28.34 28.99 -8.24
N ARG C 540 29.09 30.09 -8.11
CA ARG C 540 28.49 31.38 -7.77
C ARG C 540 27.57 31.84 -8.90
N THR C 541 28.02 31.63 -10.13
CA THR C 541 27.22 32.01 -11.29
C THR C 541 25.94 31.17 -11.37
N VAL C 542 26.07 29.89 -11.05
CA VAL C 542 24.93 28.99 -11.02
C VAL C 542 23.86 29.50 -10.07
N ILE C 543 24.26 29.86 -8.86
CA ILE C 543 23.31 30.31 -7.84
C ILE C 543 22.64 31.61 -8.24
N LEU C 544 23.41 32.55 -8.78
CA LEU C 544 22.85 33.83 -9.20
C LEU C 544 21.82 33.61 -10.30
N LYS C 545 22.05 32.59 -11.14
CA LYS C 545 21.11 32.30 -12.21
C LYS C 545 19.83 31.68 -11.66
N LEU C 546 19.95 30.91 -10.59
CA LEU C 546 18.78 30.32 -9.93
C LEU C 546 17.91 31.45 -9.36
N PHE C 547 18.53 32.51 -8.88
CA PHE C 547 17.80 33.65 -8.35
C PHE C 547 17.01 34.37 -9.45
N GLU C 548 17.54 34.36 -10.66
CA GLU C 548 16.81 34.93 -11.80
C GLU C 548 15.57 34.09 -12.09
N PHE C 549 15.71 32.78 -12.02
CA PHE C 549 14.59 31.87 -12.27
C PHE C 549 13.51 32.00 -11.21
N MET C 550 13.85 32.56 -10.05
CA MET C 550 12.87 32.77 -8.99
C MET C 550 11.90 33.90 -9.32
N HIS C 551 12.12 34.55 -10.47
CA HIS C 551 11.24 35.60 -10.95
C HIS C 551 10.45 35.14 -12.18
N GLU C 552 10.80 33.99 -12.74
CA GLU C 552 10.13 33.47 -13.92
C GLU C 552 8.78 32.86 -13.57
N THR C 553 7.71 33.40 -14.13
CA THR C 553 6.36 32.96 -13.82
C THR C 553 5.97 31.71 -14.60
N HIS C 554 6.87 31.25 -15.45
CA HIS C 554 6.63 30.02 -16.21
C HIS C 554 6.47 28.86 -15.24
N GLU C 555 5.48 28.01 -15.51
CA GLU C 555 5.09 26.94 -14.60
C GLU C 555 6.25 26.01 -14.28
N GLY C 556 6.49 25.81 -12.97
CA GLY C 556 7.47 24.85 -12.50
C GLY C 556 8.87 25.40 -12.32
N VAL C 557 9.17 26.52 -12.98
CA VAL C 557 10.51 27.09 -12.94
C VAL C 557 10.88 27.57 -11.55
N GLN C 558 9.95 28.26 -10.88
CA GLN C 558 10.20 28.77 -9.55
C GLN C 558 10.45 27.63 -8.55
N ASP C 559 9.63 26.59 -8.61
CA ASP C 559 9.84 25.40 -7.78
C ASP C 559 11.18 24.77 -8.10
N MET C 560 11.50 24.67 -9.38
CA MET C 560 12.75 24.07 -9.83
C MET C 560 13.95 24.86 -9.31
N ALA C 561 13.84 26.18 -9.35
CA ALA C 561 14.91 27.04 -8.86
C ALA C 561 15.13 26.86 -7.36
N CYS C 562 14.04 26.82 -6.60
CA CYS C 562 14.13 26.68 -5.15
C CYS C 562 14.63 25.30 -4.73
N ASP C 563 14.15 24.25 -5.40
CA ASP C 563 14.59 22.88 -5.10
C ASP C 563 16.08 22.71 -5.37
N THR C 564 16.56 23.32 -6.46
CA THR C 564 17.97 23.20 -6.83
C THR C 564 18.85 24.00 -5.88
N PHE C 565 18.34 25.13 -5.42
CA PHE C 565 19.09 26.00 -4.54
C PHE C 565 19.42 25.29 -3.24
N ILE C 566 18.40 24.74 -2.59
CA ILE C 566 18.58 24.07 -1.32
C ILE C 566 19.37 22.77 -1.52
N LYS C 567 19.14 22.12 -2.66
CA LYS C 567 19.86 20.89 -3.00
C LYS C 567 21.36 21.15 -3.09
N ILE C 568 21.74 22.24 -3.76
CA ILE C 568 23.15 22.62 -3.88
C ILE C 568 23.74 23.04 -2.53
N VAL C 569 22.95 23.76 -1.74
CA VAL C 569 23.40 24.25 -0.44
C VAL C 569 23.70 23.11 0.52
N GLN C 570 22.81 22.12 0.57
CA GLN C 570 23.01 20.94 1.41
C GLN C 570 24.37 20.30 1.18
N LYS C 571 24.86 20.38 -0.05
CA LYS C 571 26.08 19.68 -0.45
C LYS C 571 27.31 20.58 -0.51
N CYS C 572 27.10 21.90 -0.55
CA CYS C 572 28.20 22.85 -0.74
C CYS C 572 28.21 23.96 0.31
N LYS C 573 27.45 23.76 1.38
CA LYS C 573 27.24 24.78 2.40
C LYS C 573 28.53 25.43 2.92
N TYR C 574 29.62 24.67 2.95
CA TYR C 574 30.88 25.18 3.47
C TYR C 574 31.45 26.31 2.60
N HIS C 575 31.10 26.29 1.31
CA HIS C 575 31.62 27.29 0.38
C HIS C 575 30.75 28.56 0.36
N PHE C 576 29.67 28.55 1.13
CA PHE C 576 28.80 29.72 1.26
C PHE C 576 29.08 30.49 2.54
N VAL C 577 29.75 29.85 3.49
CA VAL C 577 29.94 30.40 4.83
C VAL C 577 31.35 30.97 4.98
N ILE C 578 32.27 30.45 4.20
CA ILE C 578 33.65 30.91 4.24
C ILE C 578 33.87 32.05 3.27
N GLN C 579 34.87 32.88 3.55
CA GLN C 579 35.25 33.96 2.64
C GLN C 579 36.15 33.43 1.55
N GLN C 580 35.57 33.24 0.37
CA GLN C 580 36.27 32.66 -0.76
C GLN C 580 37.29 33.65 -1.33
N PRO C 581 38.37 33.14 -1.96
CA PRO C 581 39.31 34.06 -2.62
C PRO C 581 38.63 34.96 -3.65
N ARG C 582 39.18 36.16 -3.85
CA ARG C 582 38.62 37.15 -4.77
C ARG C 582 37.22 37.59 -4.34
N GLU C 583 36.95 37.51 -3.04
CA GLU C 583 35.68 37.96 -2.49
C GLU C 583 35.93 38.76 -1.22
N SER C 584 35.13 39.81 -1.02
CA SER C 584 35.29 40.67 0.15
C SER C 584 34.57 40.10 1.36
N GLU C 585 33.61 39.20 1.13
CA GLU C 585 32.84 38.61 2.22
C GLU C 585 32.31 37.22 1.85
N PRO C 586 31.91 36.44 2.87
CA PRO C 586 31.20 35.18 2.62
C PRO C 586 29.92 35.40 1.82
N PHE C 587 29.63 34.50 0.88
CA PHE C 587 28.51 34.67 -0.03
C PHE C 587 27.16 34.67 0.68
N ILE C 588 27.07 34.03 1.83
CA ILE C 588 25.83 33.99 2.61
C ILE C 588 25.36 35.41 2.92
N GLN C 589 26.30 36.31 3.19
CA GLN C 589 25.97 37.70 3.46
C GLN C 589 25.34 38.33 2.23
N THR C 590 25.91 38.04 1.07
CA THR C 590 25.39 38.61 -0.17
C THR C 590 23.96 38.14 -0.43
N ILE C 591 23.67 36.89 -0.11
CA ILE C 591 22.32 36.35 -0.31
C ILE C 591 21.31 37.05 0.58
N ILE C 592 21.69 37.33 1.83
CA ILE C 592 20.78 37.95 2.78
C ILE C 592 20.54 39.43 2.42
N ARG C 593 21.56 40.11 1.94
CA ARG C 593 21.45 41.54 1.59
C ARG C 593 20.35 41.81 0.57
N ASP C 594 20.04 40.82 -0.26
CA ASP C 594 19.07 40.97 -1.34
C ASP C 594 17.93 39.97 -1.22
N ILE C 595 17.75 39.40 -0.03
CA ILE C 595 16.79 38.32 0.15
C ILE C 595 15.36 38.77 -0.14
N GLN C 596 15.07 40.05 0.12
CA GLN C 596 13.75 40.58 -0.17
C GLN C 596 13.52 40.62 -1.67
N LYS C 597 14.53 41.08 -2.40
CA LYS C 597 14.45 41.23 -3.85
C LYS C 597 14.40 39.86 -4.54
N THR C 598 15.19 38.92 -4.02
CA THR C 598 15.27 37.59 -4.61
C THR C 598 13.96 36.80 -4.50
N THR C 599 13.30 36.92 -3.35
CA THR C 599 12.13 36.09 -3.03
C THR C 599 10.82 36.83 -3.23
N ALA C 600 10.88 38.00 -3.86
CA ALA C 600 9.72 38.88 -3.99
C ALA C 600 8.56 38.25 -4.77
N ASP C 601 8.89 37.42 -5.77
CA ASP C 601 7.88 36.83 -6.63
C ASP C 601 7.52 35.40 -6.23
N LEU C 602 8.17 34.90 -5.18
CA LEU C 602 7.97 33.51 -4.77
C LEU C 602 6.72 33.36 -3.92
N GLN C 603 6.13 32.16 -3.98
CA GLN C 603 5.01 31.82 -3.12
C GLN C 603 5.53 31.58 -1.70
N PRO C 604 4.65 31.70 -0.70
CA PRO C 604 5.04 31.50 0.71
C PRO C 604 5.86 30.24 0.96
N GLN C 605 5.42 29.10 0.42
CA GLN C 605 6.15 27.85 0.58
C GLN C 605 7.55 27.95 0.00
N GLN C 606 7.67 28.62 -1.14
CA GLN C 606 8.95 28.77 -1.83
C GLN C 606 9.87 29.68 -1.03
N VAL C 607 9.29 30.70 -0.38
CA VAL C 607 10.06 31.60 0.45
C VAL C 607 10.62 30.85 1.66
N HIS C 608 9.82 29.94 2.22
CA HIS C 608 10.23 29.16 3.38
C HIS C 608 11.39 28.21 3.05
N THR C 609 11.40 27.67 1.84
CA THR C 609 12.48 26.83 1.39
C THR C 609 13.77 27.65 1.28
N PHE C 610 13.63 28.89 0.80
CA PHE C 610 14.77 29.77 0.65
C PHE C 610 15.42 30.06 2.00
N TYR C 611 14.59 30.40 2.98
CA TYR C 611 15.06 30.70 4.33
C TYR C 611 15.68 29.47 5.00
N LYS C 612 15.07 28.31 4.79
CA LYS C 612 15.60 27.08 5.36
C LYS C 612 16.98 26.79 4.79
N ALA C 613 17.16 27.06 3.50
CA ALA C 613 18.45 26.83 2.86
C ALA C 613 19.50 27.78 3.42
N CYS C 614 19.09 28.99 3.77
CA CYS C 614 20.00 29.94 4.41
C CYS C 614 20.39 29.43 5.81
N GLY C 615 19.42 28.88 6.52
CA GLY C 615 19.67 28.30 7.82
C GLY C 615 20.70 27.17 7.77
N ILE C 616 20.71 26.42 6.68
CA ILE C 616 21.68 25.34 6.52
C ILE C 616 23.08 25.92 6.47
N ILE C 617 23.24 27.00 5.70
CA ILE C 617 24.54 27.65 5.56
C ILE C 617 24.98 28.27 6.88
N ILE C 618 24.08 29.03 7.50
CA ILE C 618 24.41 29.74 8.73
C ILE C 618 24.87 28.79 9.83
N SER C 619 24.28 27.59 9.87
CA SER C 619 24.57 26.65 10.94
C SER C 619 26.01 26.11 10.86
N GLU C 620 26.66 26.31 9.72
CA GLU C 620 28.04 25.86 9.54
C GLU C 620 29.05 26.83 10.16
N GLU C 621 28.67 28.10 10.27
CA GLU C 621 29.50 29.10 10.92
C GLU C 621 29.65 28.75 12.39
N ARG C 622 30.87 28.39 12.81
CA ARG C 622 31.10 27.94 14.18
C ARG C 622 31.46 29.09 15.11
N SER C 623 31.53 30.31 14.57
CA SER C 623 31.68 31.51 15.38
C SER C 623 30.30 31.93 15.89
N VAL C 624 30.10 31.84 17.20
CA VAL C 624 28.79 32.10 17.79
C VAL C 624 28.34 33.54 17.56
N ALA C 625 29.26 34.49 17.68
CA ALA C 625 28.91 35.89 17.49
C ALA C 625 28.48 36.13 16.04
N GLU C 626 29.17 35.45 15.12
CA GLU C 626 28.90 35.60 13.70
C GLU C 626 27.63 34.86 13.29
N ARG C 627 27.47 33.64 13.81
CA ARG C 627 26.31 32.84 13.48
C ARG C 627 25.03 33.55 13.90
N ASN C 628 25.04 34.13 15.10
CA ASN C 628 23.87 34.83 15.61
C ASN C 628 23.60 36.13 14.85
N ARG C 629 24.66 36.75 14.34
CA ARG C 629 24.52 37.97 13.56
C ARG C 629 23.87 37.65 12.21
N LEU C 630 24.32 36.58 11.57
CA LEU C 630 23.74 36.12 10.31
C LEU C 630 22.29 35.73 10.49
N LEU C 631 21.99 35.09 11.62
CA LEU C 631 20.62 34.67 11.92
C LEU C 631 19.70 35.88 12.08
N SER C 632 20.20 36.92 12.75
CA SER C 632 19.41 38.15 12.93
C SER C 632 19.09 38.82 11.61
N ASP C 633 20.09 38.94 10.74
CA ASP C 633 19.92 39.59 9.44
C ASP C 633 19.00 38.80 8.54
N LEU C 634 19.06 37.47 8.64
CA LEU C 634 18.20 36.60 7.85
C LEU C 634 16.75 36.76 8.27
N MET C 635 16.52 36.88 9.58
CA MET C 635 15.18 36.96 10.13
C MET C 635 14.69 38.40 10.23
N GLN C 636 15.38 39.33 9.57
CA GLN C 636 15.07 40.75 9.69
C GLN C 636 13.66 41.07 9.22
N LEU C 637 13.30 40.57 8.04
CA LEU C 637 11.98 40.85 7.47
C LEU C 637 10.84 40.24 8.29
N PRO C 638 10.90 38.94 8.59
CA PRO C 638 9.81 38.38 9.41
C PRO C 638 9.75 38.97 10.82
N ASN C 639 10.90 39.41 11.35
CA ASN C 639 10.92 39.99 12.70
C ASN C 639 10.35 41.41 12.73
N MET C 640 10.49 42.16 11.64
CA MET C 640 9.89 43.48 11.55
C MET C 640 8.39 43.35 11.34
N ALA C 641 8.00 42.42 10.46
CA ALA C 641 6.59 42.12 10.24
C ALA C 641 5.95 41.65 11.55
N TRP C 642 6.66 40.78 12.25
CA TRP C 642 6.22 40.27 13.55
C TRP C 642 6.04 41.41 14.55
N ASP C 643 7.08 42.20 14.78
CA ASP C 643 7.03 43.30 15.74
C ASP C 643 5.86 44.23 15.46
N THR C 644 5.64 44.53 14.18
CA THR C 644 4.57 45.42 13.79
C THR C 644 3.20 44.83 14.13
N ILE C 645 3.03 43.54 13.86
CA ILE C 645 1.76 42.87 14.12
C ILE C 645 1.48 42.76 15.60
N VAL C 646 2.45 42.27 16.36
CA VAL C 646 2.30 42.14 17.81
C VAL C 646 1.91 43.46 18.46
N GLU C 647 2.44 44.56 17.92
CA GLU C 647 2.16 45.89 18.48
C GLU C 647 0.75 46.37 18.15
N GLN C 648 0.27 46.05 16.95
CA GLN C 648 -1.02 46.54 16.50
C GLN C 648 -2.13 45.51 16.72
N SER C 649 -1.75 44.25 16.93
CA SER C 649 -2.73 43.19 17.18
C SER C 649 -3.09 43.16 18.67
N THR C 650 -2.19 43.65 19.51
CA THR C 650 -2.46 43.72 20.94
C THR C 650 -3.30 44.96 21.26
N ALA C 651 -3.50 45.81 20.26
CA ALA C 651 -4.23 47.05 20.44
C ALA C 651 -4.85 47.49 19.10
N ASN C 652 -6.03 46.98 18.73
CA ASN C 652 -6.82 46.02 19.51
C ASN C 652 -6.86 44.64 18.83
N PRO C 653 -7.18 43.59 19.59
CA PRO C 653 -7.30 42.21 19.07
C PRO C 653 -8.28 42.03 17.92
N THR C 654 -8.99 43.08 17.53
CA THR C 654 -9.90 43.01 16.40
C THR C 654 -9.16 42.64 15.11
N LEU C 655 -7.89 43.01 15.04
CA LEU C 655 -7.08 42.79 13.83
C LEU C 655 -7.01 41.33 13.41
N LEU C 656 -7.09 40.42 14.38
CA LEU C 656 -6.97 38.99 14.10
C LEU C 656 -8.18 38.46 13.34
N LEU C 657 -9.29 39.20 13.38
CA LEU C 657 -10.46 38.82 12.61
C LEU C 657 -10.16 38.95 11.12
N ASP C 658 -9.21 39.82 10.77
CA ASP C 658 -8.82 40.02 9.39
C ASP C 658 -8.03 38.81 8.89
N SER C 659 -8.51 38.23 7.79
CA SER C 659 -7.89 37.03 7.23
C SER C 659 -6.46 37.28 6.78
N GLU C 660 -6.19 38.49 6.31
CA GLU C 660 -4.85 38.85 5.84
C GLU C 660 -3.84 38.81 6.97
N THR C 661 -4.21 39.38 8.11
CA THR C 661 -3.32 39.39 9.27
C THR C 661 -3.05 37.96 9.74
N VAL C 662 -4.08 37.13 9.72
CA VAL C 662 -3.94 35.73 10.11
C VAL C 662 -2.97 35.00 9.16
N LYS C 663 -3.09 35.27 7.86
CA LYS C 663 -2.19 34.66 6.88
C LYS C 663 -0.76 35.15 7.04
N ILE C 664 -0.61 36.45 7.24
CA ILE C 664 0.72 37.04 7.45
C ILE C 664 1.38 36.44 8.69
N ILE C 665 0.64 36.34 9.79
CA ILE C 665 1.19 35.79 11.01
C ILE C 665 1.61 34.32 10.80
N ALA C 666 0.74 33.52 10.20
CA ALA C 666 1.04 32.11 9.98
C ALA C 666 2.30 31.94 9.15
N ASN C 667 2.46 32.78 8.13
CA ASN C 667 3.65 32.74 7.30
C ASN C 667 4.92 33.09 8.08
N ILE C 668 4.82 34.07 8.98
CA ILE C 668 5.98 34.45 9.79
C ILE C 668 6.43 33.26 10.63
N ILE C 669 5.49 32.61 11.28
N ILE C 669 5.49 32.61 11.30
CA ILE C 669 5.81 31.47 12.14
CA ILE C 669 5.81 31.46 12.14
C ILE C 669 6.37 30.32 11.31
C ILE C 669 6.39 30.33 11.29
N LYS C 670 5.75 30.05 10.16
CA LYS C 670 6.23 29.04 9.24
C LYS C 670 7.67 29.30 8.80
N THR C 671 8.03 30.57 8.65
CA THR C 671 9.39 30.93 8.28
C THR C 671 10.34 30.61 9.43
N ASN C 672 9.90 30.85 10.66
CA ASN C 672 10.68 30.48 11.83
C ASN C 672 10.84 28.96 11.95
N VAL C 673 9.78 28.23 11.62
CA VAL C 673 9.85 26.77 11.62
C VAL C 673 10.87 26.29 10.59
N ALA C 674 10.84 26.90 9.41
CA ALA C 674 11.72 26.49 8.32
C ALA C 674 13.19 26.69 8.70
N VAL C 675 13.49 27.84 9.31
CA VAL C 675 14.86 28.14 9.71
C VAL C 675 15.25 27.27 10.92
N CYS C 676 14.30 27.07 11.83
CA CYS C 676 14.56 26.26 13.02
C CYS C 676 14.78 24.80 12.64
N THR C 677 14.21 24.38 11.52
CA THR C 677 14.33 23.00 11.09
C THR C 677 15.76 22.67 10.69
N SER C 678 16.43 23.63 10.05
CA SER C 678 17.79 23.42 9.56
C SER C 678 18.87 23.87 10.56
N MET C 679 18.49 24.71 11.52
CA MET C 679 19.44 25.28 12.47
C MET C 679 19.40 24.61 13.84
N GLY C 680 18.25 24.03 14.19
CA GLY C 680 18.10 23.30 15.43
C GLY C 680 18.51 24.08 16.66
N ALA C 681 19.49 23.54 17.39
CA ALA C 681 19.93 24.13 18.65
C ALA C 681 20.38 25.58 18.48
N ASP C 682 20.90 25.89 17.30
CA ASP C 682 21.41 27.23 17.02
C ASP C 682 20.29 28.25 16.81
N PHE C 683 19.05 27.78 16.76
CA PHE C 683 17.93 28.68 16.49
C PHE C 683 17.53 29.43 17.75
N TYR C 684 18.04 29.00 18.89
CA TYR C 684 17.60 29.49 20.19
C TYR C 684 17.54 31.02 20.31
N PRO C 685 18.60 31.73 19.86
CA PRO C 685 18.56 33.19 19.95
C PRO C 685 17.35 33.80 19.26
N GLN C 686 17.02 33.32 18.07
CA GLN C 686 15.86 33.83 17.33
C GLN C 686 14.56 33.46 18.04
N LEU C 687 14.51 32.28 18.65
CA LEU C 687 13.33 31.84 19.38
C LEU C 687 13.06 32.78 20.54
N GLY C 688 14.12 33.14 21.26
CA GLY C 688 14.01 34.03 22.40
C GLY C 688 13.52 35.41 22.02
N HIS C 689 13.77 35.80 20.77
CA HIS C 689 13.32 37.10 20.30
C HIS C 689 11.79 37.18 20.26
N ILE C 690 11.15 36.06 19.94
CA ILE C 690 9.71 36.04 19.71
C ILE C 690 8.93 35.23 20.75
N TYR C 691 9.64 34.47 21.58
CA TYR C 691 9.00 33.42 22.37
C TYR C 691 7.84 33.90 23.25
N TYR C 692 8.09 34.93 24.05
CA TYR C 692 7.10 35.37 25.03
C TYR C 692 5.89 36.03 24.37
N ASN C 693 6.14 36.84 23.34
CA ASN C 693 5.04 37.42 22.58
C ASN C 693 4.30 36.36 21.78
N MET C 694 5.01 35.33 21.34
CA MET C 694 4.40 34.26 20.57
C MET C 694 3.39 33.48 21.42
N LEU C 695 3.73 33.20 22.68
CA LEU C 695 2.83 32.48 23.57
C LEU C 695 1.63 33.34 23.93
N GLN C 696 1.84 34.66 24.02
CA GLN C 696 0.74 35.59 24.23
C GLN C 696 -0.21 35.56 23.05
N LEU C 697 0.36 35.47 21.85
CA LEU C 697 -0.42 35.36 20.62
C LEU C 697 -1.23 34.07 20.63
N TYR C 698 -0.62 32.99 21.11
CA TYR C 698 -1.31 31.71 21.25
C TYR C 698 -2.56 31.84 22.14
N ARG C 699 -2.44 32.62 23.21
CA ARG C 699 -3.55 32.85 24.13
C ARG C 699 -4.65 33.69 23.46
N ALA C 700 -4.24 34.75 22.78
CA ALA C 700 -5.18 35.65 22.12
C ALA C 700 -5.97 34.90 21.05
N VAL C 701 -5.27 34.14 20.22
CA VAL C 701 -5.91 33.35 19.17
C VAL C 701 -6.86 32.32 19.78
N SER C 702 -6.44 31.70 20.87
CA SER C 702 -7.27 30.71 21.55
C SER C 702 -8.60 31.28 22.01
N SER C 703 -8.56 32.48 22.58
CA SER C 703 -9.77 33.15 23.05
C SER C 703 -10.76 33.39 21.92
N MET C 704 -10.23 33.69 20.73
CA MET C 704 -11.07 34.00 19.58
C MET C 704 -11.77 32.77 19.04
N ILE C 705 -11.04 31.66 19.00
CA ILE C 705 -11.60 30.40 18.57
C ILE C 705 -12.76 29.99 19.48
N SER C 706 -12.53 30.08 20.78
CA SER C 706 -13.58 29.80 21.76
C SER C 706 -14.77 30.74 21.59
N ALA C 707 -14.46 32.01 21.34
CA ALA C 707 -15.49 33.03 21.18
C ALA C 707 -16.32 32.76 19.95
N GLN C 708 -15.68 32.24 18.91
CA GLN C 708 -16.35 31.95 17.65
C GLN C 708 -17.25 30.72 17.77
N VAL C 709 -16.78 29.69 18.47
CA VAL C 709 -17.55 28.48 18.67
C VAL C 709 -18.76 28.78 19.55
N ALA C 710 -18.63 29.75 20.44
CA ALA C 710 -19.72 30.15 21.31
C ALA C 710 -20.77 30.92 20.52
N ALA C 711 -20.31 31.72 19.58
CA ALA C 711 -21.19 32.64 18.85
C ALA C 711 -21.77 32.04 17.57
N GLU C 712 -21.20 30.94 17.10
CA GLU C 712 -21.64 30.33 15.84
C GLU C 712 -21.92 28.84 15.96
N GLY C 713 -21.45 28.23 17.03
CA GLY C 713 -21.59 26.79 17.22
C GLY C 713 -20.34 26.05 16.77
N LEU C 714 -20.40 24.72 16.83
CA LEU C 714 -19.25 23.89 16.46
C LEU C 714 -18.91 24.01 14.98
N ILE C 715 -19.88 24.42 14.17
CA ILE C 715 -19.65 24.59 12.74
C ILE C 715 -18.55 25.62 12.49
N ALA C 716 -18.34 26.50 13.48
CA ALA C 716 -17.31 27.52 13.42
C ALA C 716 -15.92 26.93 13.13
N THR C 717 -15.68 25.71 13.62
CA THR C 717 -14.36 25.08 13.45
C THR C 717 -14.08 24.71 11.99
N LYS C 718 -15.13 24.73 11.17
CA LYS C 718 -15.01 24.41 9.75
C LYS C 718 -14.76 25.66 8.90
N THR C 719 -15.11 26.82 9.44
CA THR C 719 -14.98 28.07 8.70
C THR C 719 -13.52 28.44 8.46
N PRO C 720 -13.25 29.16 7.36
CA PRO C 720 -11.89 29.60 7.06
C PRO C 720 -11.27 30.48 8.15
N LYS C 721 -12.08 31.31 8.79
CA LYS C 721 -11.58 32.22 9.82
C LYS C 721 -10.97 31.46 10.99
N VAL C 722 -11.68 30.45 11.47
CA VAL C 722 -11.20 29.66 12.60
C VAL C 722 -10.08 28.70 12.18
N ARG C 723 -10.20 28.10 11.00
CA ARG C 723 -9.12 27.23 10.51
C ARG C 723 -7.84 28.04 10.35
N GLY C 724 -7.98 29.31 9.97
CA GLY C 724 -6.84 30.21 9.89
C GLY C 724 -6.23 30.48 11.25
N LEU C 725 -7.09 30.66 12.25
CA LEU C 725 -6.63 30.89 13.62
C LEU C 725 -5.94 29.65 14.18
N ARG C 726 -6.53 28.49 13.94
CA ARG C 726 -5.98 27.24 14.48
C ARG C 726 -4.63 26.93 13.84
N THR C 727 -4.45 27.34 12.59
CA THR C 727 -3.17 27.17 11.90
C THR C 727 -2.06 27.89 12.65
N ILE C 728 -2.34 29.11 13.12
CA ILE C 728 -1.38 29.85 13.93
C ILE C 728 -0.97 29.04 15.15
N LYS C 729 -1.95 28.53 15.89
CA LYS C 729 -1.66 27.73 17.07
C LYS C 729 -0.80 26.52 16.74
N LYS C 730 -1.15 25.82 15.67
CA LYS C 730 -0.46 24.60 15.28
C LYS C 730 0.98 24.87 14.84
N GLU C 731 1.20 25.97 14.12
CA GLU C 731 2.54 26.33 13.69
C GLU C 731 3.40 26.76 14.87
N ILE C 732 2.80 27.48 15.82
CA ILE C 732 3.49 27.83 17.06
C ILE C 732 3.94 26.58 17.79
N LEU C 733 3.03 25.62 17.94
CA LEU C 733 3.35 24.34 18.58
C LEU C 733 4.42 23.58 17.80
N LYS C 734 4.33 23.61 16.47
CA LYS C 734 5.31 22.95 15.63
C LYS C 734 6.69 23.58 15.80
N LEU C 735 6.74 24.91 15.91
CA LEU C 735 8.01 25.61 16.07
C LEU C 735 8.69 25.21 17.38
N VAL C 736 7.92 25.17 18.45
CA VAL C 736 8.44 24.85 19.77
C VAL C 736 8.90 23.39 19.81
N GLU C 737 8.08 22.53 19.22
CA GLU C 737 8.38 21.10 19.13
C GLU C 737 9.67 20.92 18.34
N THR C 738 9.80 21.65 17.24
CA THR C 738 10.96 21.52 16.38
C THR C 738 12.24 21.92 17.11
N TYR C 739 12.19 22.98 17.93
CA TYR C 739 13.40 23.42 18.61
C TYR C 739 13.75 22.48 19.75
N ILE C 740 12.77 22.14 20.57
CA ILE C 740 13.03 21.35 21.76
C ILE C 740 13.58 19.98 21.38
N SER C 741 13.05 19.41 20.30
CA SER C 741 13.49 18.10 19.85
C SER C 741 14.97 18.11 19.44
N LYS C 742 15.50 19.29 19.12
CA LYS C 742 16.87 19.44 18.64
C LYS C 742 17.76 20.25 19.58
N ALA C 743 17.24 20.59 20.75
CA ALA C 743 17.98 21.44 21.69
C ALA C 743 19.13 20.69 22.37
N ARG C 744 20.28 21.36 22.47
CA ARG C 744 21.44 20.81 23.15
C ARG C 744 21.50 21.29 24.60
N ASN C 745 20.93 22.47 24.86
CA ASN C 745 20.93 23.07 26.18
C ASN C 745 19.58 22.86 26.86
N LEU C 746 19.47 21.76 27.59
CA LEU C 746 18.20 21.38 28.19
C LEU C 746 17.88 22.17 29.45
N ASP C 747 18.90 22.76 30.07
CA ASP C 747 18.68 23.63 31.22
C ASP C 747 17.78 24.79 30.83
N ASP C 748 18.11 25.45 29.71
CA ASP C 748 17.31 26.57 29.23
C ASP C 748 15.91 26.11 28.83
N VAL C 749 15.81 24.95 28.20
CA VAL C 749 14.52 24.42 27.82
C VAL C 749 13.64 24.32 29.06
N VAL C 750 14.14 23.69 30.10
CA VAL C 750 13.39 23.52 31.35
C VAL C 750 13.10 24.87 31.99
N LYS C 751 14.14 25.67 32.24
CA LYS C 751 14.01 26.83 33.12
C LYS C 751 13.49 28.09 32.42
N VAL C 752 13.40 28.08 31.09
CA VAL C 752 12.96 29.25 30.35
C VAL C 752 11.74 28.98 29.46
N LEU C 753 11.73 27.84 28.77
CA LEU C 753 10.70 27.55 27.78
C LEU C 753 9.48 26.79 28.35
N VAL C 754 9.72 25.78 29.18
CA VAL C 754 8.69 24.82 29.53
C VAL C 754 7.53 25.42 30.33
N GLU C 755 7.82 26.18 31.38
CA GLU C 755 6.77 26.68 32.26
C GLU C 755 5.82 27.63 31.51
N PRO C 756 6.37 28.59 30.76
CA PRO C 756 5.44 29.43 30.00
C PRO C 756 4.65 28.64 28.95
N LEU C 757 5.29 27.63 28.36
CA LEU C 757 4.63 26.78 27.37
C LEU C 757 3.43 26.07 27.98
N LEU C 758 3.64 25.42 29.12
CA LEU C 758 2.59 24.63 29.75
C LEU C 758 1.46 25.52 30.22
N ASN C 759 1.78 26.72 30.70
CA ASN C 759 0.76 27.65 31.15
C ASN C 759 -0.09 28.16 30.00
N ALA C 760 0.49 28.16 28.80
CA ALA C 760 -0.20 28.70 27.64
C ALA C 760 -1.11 27.67 26.94
N VAL C 761 -0.76 26.38 27.00
CA VAL C 761 -1.44 25.39 26.18
C VAL C 761 -2.31 24.38 26.94
N LEU C 762 -1.96 24.06 28.18
CA LEU C 762 -2.62 22.96 28.88
C LEU C 762 -4.06 23.28 29.28
N GLU C 763 -4.26 24.42 29.93
CA GLU C 763 -5.59 24.78 30.40
C GLU C 763 -6.51 25.04 29.21
N ASP C 764 -5.96 25.67 28.18
CA ASP C 764 -6.71 25.94 26.96
C ASP C 764 -7.21 24.64 26.33
N TYR C 765 -6.36 23.62 26.32
CA TYR C 765 -6.73 22.31 25.80
C TYR C 765 -7.81 21.65 26.66
N MET C 766 -7.59 21.63 27.97
CA MET C 766 -8.52 20.99 28.88
C MET C 766 -9.92 21.62 28.85
N ASN C 767 -9.96 22.94 28.74
CA ASN C 767 -11.22 23.68 28.92
C ASN C 767 -11.92 24.01 27.62
N ASN C 768 -11.35 23.58 26.51
CA ASN C 768 -12.03 23.63 25.22
C ASN C 768 -12.99 22.48 25.06
N VAL C 769 -14.03 22.67 24.25
CA VAL C 769 -14.87 21.56 23.84
C VAL C 769 -14.03 20.63 22.97
N PRO C 770 -14.38 19.34 22.91
CA PRO C 770 -13.61 18.34 22.15
C PRO C 770 -13.24 18.73 20.72
N ASP C 771 -14.18 19.29 19.97
CA ASP C 771 -13.93 19.60 18.56
C ASP C 771 -13.04 20.82 18.36
N ALA C 772 -12.65 21.47 19.45
CA ALA C 772 -11.77 22.64 19.39
C ALA C 772 -10.38 22.36 19.93
N ARG C 773 -10.20 21.16 20.51
CA ARG C 773 -8.88 20.74 21.01
C ARG C 773 -7.95 20.32 19.88
N ASP C 774 -6.77 20.93 19.83
CA ASP C 774 -5.75 20.57 18.85
C ASP C 774 -4.95 19.36 19.31
N ALA C 775 -4.93 18.31 18.49
CA ALA C 775 -4.15 17.11 18.78
C ALA C 775 -2.66 17.41 18.79
N GLU C 776 -2.26 18.49 18.12
CA GLU C 776 -0.86 18.90 18.10
C GLU C 776 -0.36 19.23 19.50
N VAL C 777 -1.26 19.59 20.40
CA VAL C 777 -0.91 19.84 21.78
C VAL C 777 -0.32 18.57 22.38
N LEU C 778 -0.98 17.45 22.14
CA LEU C 778 -0.53 16.17 22.68
C LEU C 778 0.85 15.83 22.12
N ASN C 779 1.02 16.01 20.81
CA ASN C 779 2.27 15.71 20.14
C ASN C 779 3.41 16.58 20.65
N CYS C 780 3.12 17.86 20.86
CA CYS C 780 4.11 18.77 21.42
C CYS C 780 4.56 18.28 22.80
N MET C 781 3.60 17.92 23.64
CA MET C 781 3.92 17.48 24.99
C MET C 781 4.71 16.17 24.97
N THR C 782 4.42 15.32 23.99
CA THR C 782 5.17 14.08 23.82
C THR C 782 6.66 14.41 23.64
N THR C 783 6.95 15.42 22.82
CA THR C 783 8.33 15.86 22.60
C THR C 783 8.96 16.45 23.86
N VAL C 784 8.18 17.22 24.60
CA VAL C 784 8.67 17.83 25.84
C VAL C 784 9.08 16.73 26.83
N VAL C 785 8.17 15.79 27.08
CA VAL C 785 8.45 14.71 28.01
C VAL C 785 9.63 13.88 27.53
N GLU C 786 9.76 13.71 26.21
CA GLU C 786 10.83 12.93 25.64
C GLU C 786 12.22 13.48 25.99
N LYS C 787 12.39 14.79 25.82
CA LYS C 787 13.72 15.40 25.95
C LYS C 787 14.06 15.81 27.37
N VAL C 788 13.09 16.35 28.10
CA VAL C 788 13.36 16.89 29.42
C VAL C 788 12.41 16.35 30.50
N GLY C 789 11.61 15.36 30.13
CA GLY C 789 10.63 14.80 31.05
C GLY C 789 11.24 14.32 32.35
N HIS C 790 12.47 13.82 32.28
CA HIS C 790 13.16 13.36 33.48
C HIS C 790 13.50 14.51 34.43
N MET C 791 13.42 15.74 33.92
CA MET C 791 13.79 16.93 34.69
C MET C 791 12.60 17.75 35.16
N ILE C 792 11.38 17.37 34.76
CA ILE C 792 10.19 18.11 35.13
C ILE C 792 9.07 17.21 35.65
N PRO C 793 9.33 16.50 36.75
CA PRO C 793 8.33 15.60 37.33
C PRO C 793 7.01 16.31 37.65
N GLN C 794 7.09 17.53 38.16
CA GLN C 794 5.89 18.31 38.45
C GLN C 794 5.19 18.70 37.15
N GLY C 795 5.98 18.93 36.11
CA GLY C 795 5.45 19.30 34.81
C GLY C 795 4.69 18.17 34.14
N VAL C 796 5.23 16.96 34.22
CA VAL C 796 4.59 15.80 33.63
C VAL C 796 3.25 15.52 34.32
N ILE C 797 3.22 15.64 35.64
CA ILE C 797 1.97 15.49 36.40
C ILE C 797 0.94 16.50 35.92
N LEU C 798 1.37 17.74 35.72
CA LEU C 798 0.48 18.79 35.26
C LEU C 798 -0.06 18.48 33.87
N ILE C 799 0.78 17.84 33.04
CA ILE C 799 0.36 17.46 31.69
C ILE C 799 -0.72 16.40 31.74
N LEU C 800 -0.50 15.35 32.52
CA LEU C 800 -1.49 14.28 32.68
C LEU C 800 -2.82 14.81 33.22
N GLN C 801 -2.75 15.64 34.26
CA GLN C 801 -3.95 16.21 34.87
C GLN C 801 -4.80 16.95 33.84
N SER C 802 -4.14 17.56 32.86
CA SER C 802 -4.81 18.44 31.93
C SER C 802 -5.31 17.75 30.65
N VAL C 803 -4.67 16.65 30.24
CA VAL C 803 -5.01 16.01 28.95
C VAL C 803 -5.50 14.57 29.07
N PHE C 804 -5.18 13.88 30.16
CA PHE C 804 -5.47 12.46 30.26
C PHE C 804 -6.96 12.13 30.25
N GLU C 805 -7.68 12.54 31.28
CA GLU C 805 -9.08 12.15 31.41
C GLU C 805 -9.97 12.72 30.30
N CYS C 806 -9.74 13.99 29.92
CA CYS C 806 -10.62 14.63 28.95
C CYS C 806 -10.36 14.09 27.54
N THR C 807 -9.13 13.66 27.27
CA THR C 807 -8.83 13.09 25.96
C THR C 807 -9.33 11.64 25.87
N LEU C 808 -9.17 10.90 26.97
CA LEU C 808 -9.66 9.52 27.01
C LEU C 808 -11.16 9.46 26.76
N ASP C 809 -11.90 10.41 27.32
CA ASP C 809 -13.34 10.46 27.15
C ASP C 809 -13.73 10.80 25.71
N MET C 810 -12.81 11.39 24.96
CA MET C 810 -13.07 11.67 23.56
C MET C 810 -13.00 10.40 22.73
N ILE C 811 -12.17 9.46 23.16
CA ILE C 811 -11.79 8.33 22.30
C ILE C 811 -12.22 6.96 22.83
N ASN C 812 -12.94 6.90 23.96
CA ASN C 812 -13.30 5.61 24.54
C ASN C 812 -14.76 5.20 24.26
N LYS C 813 -15.36 5.78 23.23
CA LYS C 813 -16.74 5.47 22.88
C LYS C 813 -16.80 4.68 21.58
N ASP C 814 -15.81 4.89 20.72
CA ASP C 814 -15.66 4.13 19.49
C ASP C 814 -14.20 4.14 19.07
N PHE C 815 -13.88 3.40 18.01
CA PHE C 815 -12.51 3.33 17.49
C PHE C 815 -12.33 4.33 16.36
N THR C 816 -13.38 5.09 16.07
CA THR C 816 -13.47 5.93 14.88
C THR C 816 -13.10 7.38 15.13
N GLU C 817 -13.76 7.99 16.12
CA GLU C 817 -13.74 9.43 16.29
C GLU C 817 -12.40 9.97 16.79
N TYR C 818 -12.04 11.16 16.32
CA TYR C 818 -10.83 11.85 16.76
C TYR C 818 -9.58 11.00 16.57
N PRO C 819 -9.30 10.61 15.32
CA PRO C 819 -8.17 9.73 15.02
C PRO C 819 -6.82 10.32 15.39
N GLU C 820 -6.62 11.61 15.13
CA GLU C 820 -5.36 12.25 15.46
C GLU C 820 -5.13 12.22 16.97
N HIS C 821 -6.14 12.61 17.74
CA HIS C 821 -6.05 12.64 19.20
C HIS C 821 -5.72 11.25 19.73
N ARG C 822 -6.38 10.26 19.15
CA ARG C 822 -6.21 8.85 19.52
C ARG C 822 -4.75 8.40 19.42
N VAL C 823 -4.13 8.66 18.27
CA VAL C 823 -2.75 8.26 18.03
C VAL C 823 -1.77 9.00 18.95
N GLU C 824 -1.89 10.32 19.02
CA GLU C 824 -0.98 11.12 19.83
C GLU C 824 -1.17 10.84 21.32
N PHE C 825 -2.41 10.53 21.71
CA PHE C 825 -2.72 10.21 23.11
C PHE C 825 -1.85 9.09 23.63
N TYR C 826 -1.73 8.00 22.86
CA TYR C 826 -1.03 6.82 23.34
C TYR C 826 0.48 6.96 23.15
N LYS C 827 0.90 7.83 22.24
CA LYS C 827 2.30 8.19 22.14
C LYS C 827 2.73 8.95 23.40
N LEU C 828 1.86 9.83 23.86
CA LEU C 828 2.15 10.62 25.05
C LEU C 828 2.23 9.73 26.28
N LEU C 829 1.25 8.85 26.46
CA LEU C 829 1.26 7.92 27.60
C LEU C 829 2.48 7.04 27.55
N LYS C 830 2.86 6.64 26.34
CA LYS C 830 4.01 5.77 26.13
C LYS C 830 5.29 6.43 26.65
N VAL C 831 5.54 7.67 26.24
CA VAL C 831 6.78 8.34 26.63
C VAL C 831 6.76 8.71 28.10
N ILE C 832 5.58 9.06 28.61
CA ILE C 832 5.44 9.35 30.04
C ILE C 832 5.74 8.10 30.87
N ASN C 833 5.26 6.95 30.39
CA ASN C 833 5.48 5.68 31.08
C ASN C 833 6.96 5.30 31.07
N GLU C 834 7.68 5.73 30.04
CA GLU C 834 9.11 5.44 29.92
C GLU C 834 9.99 6.41 30.71
N LYS C 835 9.68 7.70 30.60
CA LYS C 835 10.56 8.75 31.09
C LYS C 835 10.22 9.22 32.50
N SER C 836 8.94 9.19 32.85
N SER C 836 8.93 9.21 32.85
CA SER C 836 8.48 9.70 34.13
CA SER C 836 8.49 9.69 34.15
C SER C 836 7.33 8.85 34.68
C SER C 836 7.33 8.85 34.68
N PHE C 837 7.61 7.58 34.91
CA PHE C 837 6.61 6.64 35.43
C PHE C 837 6.06 7.10 36.77
N ALA C 838 6.85 7.89 37.49
CA ALA C 838 6.43 8.39 38.80
C ALA C 838 5.14 9.18 38.70
N ALA C 839 4.90 9.80 37.54
CA ALA C 839 3.69 10.60 37.36
C ALA C 839 2.45 9.74 37.50
N PHE C 840 2.54 8.47 37.10
CA PHE C 840 1.40 7.56 37.22
C PHE C 840 1.22 7.08 38.66
N LEU C 841 2.31 7.04 39.42
CA LEU C 841 2.24 6.67 40.82
C LEU C 841 1.47 7.72 41.62
N GLU C 842 1.58 8.98 41.20
CA GLU C 842 0.92 10.07 41.89
C GLU C 842 -0.56 10.14 41.55
N LEU C 843 -0.99 9.40 40.52
CA LEU C 843 -2.39 9.41 40.13
C LEU C 843 -3.24 8.83 41.24
N PRO C 844 -4.43 9.42 41.48
CA PRO C 844 -5.35 8.76 42.40
C PRO C 844 -5.74 7.39 41.86
N PRO C 845 -6.05 6.42 42.75
CA PRO C 845 -6.39 5.06 42.33
C PRO C 845 -7.41 5.01 41.19
N ALA C 846 -8.43 5.87 41.22
CA ALA C 846 -9.45 5.88 40.19
C ALA C 846 -8.87 6.28 38.85
N ALA C 847 -7.93 7.23 38.87
CA ALA C 847 -7.30 7.70 37.64
C ALA C 847 -6.33 6.65 37.10
N PHE C 848 -5.66 5.93 38.01
CA PHE C 848 -4.75 4.85 37.61
C PHE C 848 -5.55 3.70 37.02
N LYS C 849 -6.76 3.51 37.54
CA LYS C 849 -7.66 2.49 37.03
C LYS C 849 -8.05 2.83 35.59
N LEU C 850 -8.23 4.12 35.30
CA LEU C 850 -8.52 4.59 33.95
C LEU C 850 -7.32 4.39 33.03
N PHE C 851 -6.13 4.55 33.59
CA PHE C 851 -4.90 4.38 32.83
C PHE C 851 -4.83 2.94 32.34
N VAL C 852 -5.14 2.00 33.23
CA VAL C 852 -5.16 0.58 32.87
C VAL C 852 -6.24 0.30 31.83
N ASP C 853 -7.41 0.90 32.03
CA ASP C 853 -8.50 0.77 31.07
C ASP C 853 -8.08 1.30 29.71
N ALA C 854 -7.34 2.40 29.72
CA ALA C 854 -6.90 3.05 28.50
C ALA C 854 -5.92 2.15 27.72
N ILE C 855 -5.02 1.49 28.44
CA ILE C 855 -4.05 0.59 27.82
C ILE C 855 -4.74 -0.58 27.15
N CYS C 856 -5.66 -1.23 27.86
CA CYS C 856 -6.40 -2.36 27.30
C CYS C 856 -7.25 -1.91 26.11
N TRP C 857 -7.88 -0.75 26.24
CA TRP C 857 -8.67 -0.17 25.16
C TRP C 857 -7.82 -0.05 23.89
N ALA C 858 -6.53 0.22 24.04
CA ALA C 858 -5.62 0.28 22.91
C ALA C 858 -5.39 -1.09 22.26
N PHE C 859 -5.42 -2.16 23.05
CA PHE C 859 -5.27 -3.51 22.49
C PHE C 859 -6.33 -3.78 21.43
N LYS C 860 -7.57 -3.39 21.73
CA LYS C 860 -8.72 -3.76 20.94
C LYS C 860 -8.81 -3.01 19.62
N HIS C 861 -7.89 -2.07 19.39
CA HIS C 861 -7.87 -1.33 18.14
C HIS C 861 -7.33 -2.19 17.01
N ASN C 862 -7.87 -2.00 15.80
CA ASN C 862 -7.27 -2.55 14.60
C ASN C 862 -6.21 -1.60 14.09
N ASN C 863 -6.38 -0.33 14.42
CA ASN C 863 -5.42 0.71 14.08
C ASN C 863 -4.02 0.32 14.56
N ARG C 864 -3.11 0.16 13.61
CA ARG C 864 -1.75 -0.24 13.91
C ARG C 864 -1.06 0.77 14.83
N ASP C 865 -1.25 2.06 14.55
CA ASP C 865 -0.59 3.12 15.30
C ASP C 865 -0.97 3.08 16.78
N VAL C 866 -2.20 2.66 17.06
CA VAL C 866 -2.70 2.61 18.43
C VAL C 866 -2.41 1.28 19.10
N GLU C 867 -2.62 0.19 18.37
CA GLU C 867 -2.46 -1.16 18.92
C GLU C 867 -1.05 -1.42 19.42
N VAL C 868 -0.06 -1.13 18.59
CA VAL C 868 1.34 -1.37 18.93
C VAL C 868 1.75 -0.61 20.19
N ASN C 869 1.42 0.67 20.24
CA ASN C 869 1.74 1.48 21.42
C ASN C 869 1.04 0.95 22.66
N GLY C 870 -0.21 0.56 22.51
CA GLY C 870 -0.96 -0.01 23.61
C GLY C 870 -0.26 -1.21 24.21
N LEU C 871 0.23 -2.09 23.34
CA LEU C 871 0.91 -3.30 23.77
C LEU C 871 2.27 -2.99 24.39
N GLN C 872 2.95 -1.99 23.85
CA GLN C 872 4.25 -1.60 24.37
C GLN C 872 4.10 -0.95 25.74
N ILE C 873 3.09 -0.10 25.90
CA ILE C 873 2.84 0.56 27.18
C ILE C 873 2.59 -0.49 28.25
N ALA C 874 1.77 -1.48 27.91
CA ALA C 874 1.45 -2.57 28.83
C ALA C 874 2.73 -3.29 29.26
N LEU C 875 3.55 -3.65 28.27
CA LEU C 875 4.81 -4.34 28.54
C LEU C 875 5.73 -3.50 29.42
N ASP C 876 5.89 -2.22 29.08
CA ASP C 876 6.75 -1.33 29.84
C ASP C 876 6.20 -1.08 31.25
N LEU C 877 4.89 -1.07 31.38
CA LEU C 877 4.25 -0.87 32.68
C LEU C 877 4.55 -2.04 33.62
N VAL C 878 4.44 -3.25 33.08
CA VAL C 878 4.77 -4.45 33.84
C VAL C 878 6.21 -4.41 34.31
N LYS C 879 7.11 -3.97 33.44
CA LYS C 879 8.52 -3.84 33.79
C LYS C 879 8.72 -2.75 34.84
N ASN C 880 7.98 -1.65 34.72
CA ASN C 880 8.04 -0.59 35.72
C ASN C 880 7.64 -1.11 37.10
N ILE C 881 6.51 -1.81 37.17
CA ILE C 881 6.03 -2.38 38.42
C ILE C 881 7.02 -3.40 38.99
N GLU C 882 7.62 -4.20 38.11
CA GLU C 882 8.58 -5.21 38.53
C GLU C 882 9.79 -4.58 39.22
N ARG C 883 10.30 -3.50 38.64
CA ARG C 883 11.48 -2.83 39.16
C ARG C 883 11.26 -2.20 40.53
N MET C 884 10.01 -2.11 40.97
CA MET C 884 9.69 -1.53 42.26
C MET C 884 9.97 -2.50 43.39
N GLY C 885 10.01 -3.79 43.07
CA GLY C 885 10.29 -4.81 44.05
C GLY C 885 9.09 -5.08 44.93
N ASN C 886 9.33 -5.69 46.09
CA ASN C 886 8.26 -6.07 46.99
C ASN C 886 7.77 -4.87 47.81
N VAL C 887 7.04 -3.98 47.15
CA VAL C 887 6.48 -2.80 47.81
C VAL C 887 4.96 -2.76 47.63
N PRO C 888 4.25 -2.09 48.57
CA PRO C 888 2.78 -2.04 48.59
C PRO C 888 2.12 -1.67 47.27
N PHE C 889 2.71 -0.75 46.52
CA PHE C 889 2.10 -0.32 45.26
C PHE C 889 2.16 -1.44 44.23
N ALA C 890 3.32 -2.10 44.13
CA ALA C 890 3.51 -3.19 43.17
C ALA C 890 2.60 -4.37 43.50
N ASN C 891 2.51 -4.69 44.79
CA ASN C 891 1.68 -5.80 45.23
C ASN C 891 0.20 -5.55 44.97
N GLU C 892 -0.24 -4.31 45.20
CA GLU C 892 -1.63 -3.94 44.93
C GLU C 892 -1.93 -3.96 43.43
N PHE C 893 -0.93 -3.58 42.64
CA PHE C 893 -1.10 -3.56 41.19
C PHE C 893 -1.38 -4.96 40.69
N HIS C 894 -0.63 -5.93 41.16
CA HIS C 894 -0.80 -7.32 40.76
C HIS C 894 -2.16 -7.85 41.20
N LYS C 895 -2.52 -7.54 42.44
CA LYS C 895 -3.81 -7.97 42.98
C LYS C 895 -4.97 -7.41 42.17
N ASN C 896 -4.79 -6.22 41.63
CA ASN C 896 -5.86 -5.52 40.94
C ASN C 896 -5.90 -5.76 39.44
N TYR C 897 -4.73 -5.88 38.82
CA TYR C 897 -4.65 -5.74 37.37
C TYR C 897 -3.92 -6.86 36.64
N PHE C 898 -3.30 -7.77 37.37
CA PHE C 898 -2.56 -8.86 36.74
C PHE C 898 -3.46 -9.72 35.85
N PHE C 899 -4.53 -10.27 36.42
CA PHE C 899 -5.41 -11.15 35.66
C PHE C 899 -6.24 -10.38 34.63
N ILE C 900 -6.40 -9.09 34.86
CA ILE C 900 -7.02 -8.24 33.85
C ILE C 900 -6.16 -8.18 32.60
N PHE C 901 -4.85 -7.97 32.78
CA PHE C 901 -3.93 -7.92 31.65
C PHE C 901 -3.75 -9.28 31.00
N VAL C 902 -3.82 -10.34 31.80
CA VAL C 902 -3.68 -11.69 31.26
C VAL C 902 -4.89 -12.05 30.40
N SER C 903 -6.10 -11.79 30.90
CA SER C 903 -7.31 -12.16 30.19
C SER C 903 -7.56 -11.25 28.98
N GLU C 904 -7.26 -9.97 29.13
CA GLU C 904 -7.45 -9.02 28.03
C GLU C 904 -6.46 -9.31 26.91
N THR C 905 -5.23 -9.67 27.27
CA THR C 905 -4.22 -10.05 26.29
C THR C 905 -4.64 -11.32 25.55
N PHE C 906 -5.13 -12.29 26.30
CA PHE C 906 -5.58 -13.55 25.73
C PHE C 906 -6.75 -13.34 24.78
N PHE C 907 -7.65 -12.42 25.14
CA PHE C 907 -8.84 -12.16 24.33
C PHE C 907 -8.48 -11.69 22.92
N VAL C 908 -7.60 -10.71 22.79
CA VAL C 908 -7.22 -10.21 21.47
C VAL C 908 -6.33 -11.22 20.74
N LEU C 909 -5.68 -12.10 21.48
CA LEU C 909 -4.87 -13.16 20.88
C LEU C 909 -5.72 -14.19 20.13
N THR C 910 -6.96 -14.39 20.59
CA THR C 910 -7.78 -15.50 20.14
C THR C 910 -9.02 -15.12 19.34
N ASP C 911 -9.34 -13.83 19.29
CA ASP C 911 -10.61 -13.40 18.68
C ASP C 911 -10.51 -13.24 17.16
N SER C 912 -9.34 -13.50 16.60
CA SER C 912 -9.14 -13.51 15.15
C SER C 912 -9.34 -12.14 14.49
N ASP C 913 -9.31 -11.08 15.28
CA ASP C 913 -9.51 -9.72 14.77
C ASP C 913 -8.31 -8.82 15.05
N HIS C 914 -7.27 -9.38 15.66
CA HIS C 914 -6.05 -8.63 15.97
C HIS C 914 -4.81 -9.45 15.64
N LYS C 915 -4.82 -10.09 14.49
CA LYS C 915 -3.73 -10.99 14.10
C LYS C 915 -2.45 -10.21 13.77
N SER C 916 -2.58 -8.93 13.48
CA SER C 916 -1.44 -8.08 13.18
C SER C 916 -0.59 -7.77 14.43
N GLY C 917 -1.12 -8.15 15.60
CA GLY C 917 -0.44 -7.85 16.86
C GLY C 917 -0.01 -9.09 17.61
N PHE C 918 -0.03 -10.24 16.94
CA PHE C 918 0.28 -11.52 17.55
C PHE C 918 1.61 -11.54 18.31
N SER C 919 2.67 -11.06 17.67
CA SER C 919 4.00 -11.11 18.27
C SER C 919 4.07 -10.37 19.60
N LYS C 920 3.63 -9.12 19.61
CA LYS C 920 3.69 -8.31 20.83
C LYS C 920 2.71 -8.83 21.87
N GLN C 921 1.58 -9.36 21.42
CA GLN C 921 0.64 -10.01 22.32
C GLN C 921 1.30 -11.21 22.97
N ALA C 922 2.00 -12.00 22.16
CA ALA C 922 2.71 -13.18 22.65
C ALA C 922 3.77 -12.80 23.67
N LEU C 923 4.53 -11.75 23.36
CA LEU C 923 5.58 -11.27 24.24
C LEU C 923 5.03 -10.79 25.58
N LEU C 924 3.96 -9.99 25.53
CA LEU C 924 3.31 -9.48 26.73
C LEU C 924 2.78 -10.61 27.58
N LEU C 925 2.19 -11.60 26.94
CA LEU C 925 1.63 -12.74 27.64
C LEU C 925 2.75 -13.59 28.26
N MET C 926 3.85 -13.75 27.52
CA MET C 926 4.96 -14.54 28.01
C MET C 926 5.56 -13.87 29.25
N LYS C 927 5.65 -12.55 29.21
CA LYS C 927 6.16 -11.78 30.35
C LYS C 927 5.29 -11.96 31.58
N LEU C 928 3.96 -11.87 31.39
CA LEU C 928 3.01 -12.02 32.49
C LEU C 928 3.08 -13.40 33.15
N ILE C 929 3.18 -14.45 32.35
CA ILE C 929 3.28 -15.81 32.86
C ILE C 929 4.63 -16.06 33.55
N SER C 930 5.69 -15.46 33.04
CA SER C 930 7.02 -15.67 33.62
C SER C 930 7.11 -15.08 35.02
N LEU C 931 6.39 -13.99 35.25
CA LEU C 931 6.37 -13.34 36.56
C LEU C 931 5.97 -14.31 37.65
N VAL C 932 4.99 -15.16 37.36
CA VAL C 932 4.48 -16.08 38.35
C VAL C 932 5.42 -17.28 38.52
N TYR C 933 5.97 -17.78 37.42
CA TYR C 933 6.83 -18.96 37.47
C TYR C 933 8.28 -18.63 37.83
N ASP C 934 8.57 -17.33 37.99
CA ASP C 934 9.83 -16.88 38.57
C ASP C 934 9.60 -16.34 39.98
N ASN C 935 8.35 -16.40 40.44
CA ASN C 935 7.97 -15.92 41.75
C ASN C 935 8.42 -14.48 41.99
N LYS C 936 8.01 -13.61 41.08
CA LYS C 936 8.31 -12.17 41.17
C LYS C 936 7.14 -11.44 41.83
N ILE C 937 5.98 -12.10 41.85
CA ILE C 937 4.81 -11.57 42.55
C ILE C 937 4.79 -12.15 43.96
N SER C 938 5.12 -11.32 44.94
CA SER C 938 5.30 -11.76 46.31
C SER C 938 3.97 -12.12 46.99
N VAL C 939 2.92 -11.36 46.68
CA VAL C 939 1.62 -11.58 47.29
C VAL C 939 0.81 -12.61 46.52
N PRO C 940 -0.12 -13.30 47.20
CA PRO C 940 -1.01 -14.22 46.50
C PRO C 940 -2.00 -13.48 45.60
N LEU C 941 -2.25 -14.03 44.42
CA LEU C 941 -3.14 -13.40 43.43
C LEU C 941 -4.58 -13.88 43.56
N TYR C 942 -4.91 -14.45 44.72
CA TYR C 942 -6.24 -15.02 44.93
C TYR C 942 -6.82 -14.57 46.27
N GLN C 943 -8.14 -14.65 46.38
CA GLN C 943 -8.81 -14.34 47.63
C GLN C 943 -8.47 -15.42 48.66
N GLU C 944 -8.33 -15.02 49.91
CA GLU C 944 -7.90 -15.94 50.97
C GLU C 944 -8.89 -17.07 51.18
N ALA C 945 -10.10 -16.91 50.65
CA ALA C 945 -11.17 -17.88 50.83
C ALA C 945 -11.32 -18.83 49.65
N GLU C 946 -11.12 -18.32 48.44
CA GLU C 946 -11.43 -19.08 47.23
C GLU C 946 -10.44 -20.22 46.97
N VAL C 947 -9.33 -20.24 47.70
CA VAL C 947 -8.32 -21.27 47.53
C VAL C 947 -7.59 -21.50 48.85
N PRO C 948 -7.17 -22.75 49.12
CA PRO C 948 -6.47 -23.04 50.38
C PRO C 948 -5.17 -22.25 50.52
N GLN C 949 -4.81 -21.93 51.75
CA GLN C 949 -3.60 -21.16 52.01
C GLN C 949 -2.35 -21.97 51.69
N GLY C 950 -1.28 -21.28 51.31
CA GLY C 950 -0.04 -21.92 50.95
C GLY C 950 0.05 -22.23 49.47
N THR C 951 -1.09 -22.11 48.79
CA THR C 951 -1.14 -22.37 47.35
C THR C 951 -0.30 -21.36 46.59
N SER C 952 0.56 -21.86 45.72
CA SER C 952 1.41 -20.99 44.91
C SER C 952 0.60 -20.30 43.83
N ASN C 953 1.03 -19.11 43.44
CA ASN C 953 0.41 -18.40 42.34
C ASN C 953 0.43 -19.24 41.07
N GLN C 954 1.46 -20.07 40.96
CA GLN C 954 1.63 -20.94 39.79
C GLN C 954 0.45 -21.89 39.64
N VAL C 955 0.08 -22.54 40.74
CA VAL C 955 -1.08 -23.43 40.76
C VAL C 955 -2.34 -22.64 40.47
N TYR C 956 -2.54 -21.54 41.18
CA TYR C 956 -3.74 -20.73 41.01
C TYR C 956 -3.82 -20.15 39.60
N LEU C 957 -2.68 -19.83 39.01
CA LEU C 957 -2.65 -19.30 37.64
C LEU C 957 -3.16 -20.34 36.64
N SER C 958 -2.78 -21.61 36.83
CA SER C 958 -3.24 -22.69 35.98
C SER C 958 -4.76 -22.84 36.09
N GLN C 959 -5.27 -22.74 37.31
CA GLN C 959 -6.69 -22.90 37.56
C GLN C 959 -7.49 -21.77 36.91
N TYR C 960 -7.03 -20.54 37.12
CA TYR C 960 -7.67 -19.37 36.56
C TYR C 960 -7.78 -19.48 35.05
N LEU C 961 -6.66 -19.80 34.41
CA LEU C 961 -6.62 -19.90 32.96
C LEU C 961 -7.47 -21.06 32.45
N ALA C 962 -7.40 -22.20 33.15
CA ALA C 962 -8.20 -23.36 32.77
C ALA C 962 -9.68 -23.01 32.79
N ASN C 963 -10.11 -22.33 33.86
CA ASN C 963 -11.50 -21.93 33.98
C ASN C 963 -11.86 -20.89 32.93
N MET C 964 -10.94 -19.97 32.68
CA MET C 964 -11.15 -18.89 31.72
C MET C 964 -11.36 -19.46 30.32
N LEU C 965 -10.46 -20.35 29.90
CA LEU C 965 -10.52 -20.93 28.57
C LEU C 965 -11.71 -21.87 28.43
N SER C 966 -12.05 -22.56 29.51
CA SER C 966 -13.18 -23.47 29.50
C SER C 966 -14.48 -22.74 29.19
N ASN C 967 -14.67 -21.55 29.76
CA ASN C 967 -15.89 -20.78 29.53
C ASN C 967 -15.83 -20.02 28.21
N ALA C 968 -14.63 -19.64 27.79
CA ALA C 968 -14.46 -18.89 26.55
C ALA C 968 -14.50 -19.80 25.32
N PHE C 969 -14.07 -21.04 25.50
CA PHE C 969 -14.04 -22.02 24.43
C PHE C 969 -14.56 -23.35 24.97
N PRO C 970 -15.89 -23.46 25.13
CA PRO C 970 -16.49 -24.63 25.77
C PRO C 970 -16.38 -25.92 24.95
N HIS C 971 -16.07 -25.79 23.66
CA HIS C 971 -15.95 -26.96 22.78
C HIS C 971 -14.60 -27.65 22.91
N LEU C 972 -13.69 -27.05 23.68
CA LEU C 972 -12.40 -27.67 23.97
C LEU C 972 -12.55 -28.63 25.13
N THR C 973 -11.86 -29.76 25.06
CA THR C 973 -11.88 -30.72 26.15
C THR C 973 -10.97 -30.22 27.26
N SER C 974 -11.22 -30.70 28.47
CA SER C 974 -10.42 -30.33 29.62
C SER C 974 -8.96 -30.70 29.41
N GLU C 975 -8.73 -31.81 28.72
CA GLU C 975 -7.39 -32.30 28.47
C GLU C 975 -6.63 -31.37 27.53
N GLN C 976 -7.33 -30.86 26.51
CA GLN C 976 -6.75 -29.88 25.60
C GLN C 976 -6.27 -28.65 26.36
N ILE C 977 -7.18 -28.05 27.13
CA ILE C 977 -6.88 -26.84 27.89
C ILE C 977 -5.71 -27.08 28.84
N ALA C 978 -5.73 -28.23 29.49
CA ALA C 978 -4.68 -28.60 30.44
C ALA C 978 -3.32 -28.77 29.77
N SER C 979 -3.29 -29.46 28.63
CA SER C 979 -2.02 -29.72 27.93
C SER C 979 -1.45 -28.43 27.37
N PHE C 980 -2.33 -27.60 26.81
CA PHE C 980 -1.95 -26.32 26.25
C PHE C 980 -1.32 -25.41 27.30
N LEU C 981 -1.97 -25.29 28.45
CA LEU C 981 -1.48 -24.45 29.53
C LEU C 981 -0.19 -25.04 30.11
N SER C 982 -0.13 -26.36 30.19
CA SER C 982 1.05 -27.02 30.72
C SER C 982 2.25 -26.74 29.79
N ALA C 983 2.00 -26.76 28.48
CA ALA C 983 3.04 -26.49 27.51
C ALA C 983 3.38 -25.00 27.47
N LEU C 984 2.34 -24.16 27.44
CA LEU C 984 2.54 -22.72 27.41
C LEU C 984 3.41 -22.24 28.59
N THR C 985 3.03 -22.61 29.81
CA THR C 985 3.72 -22.12 31.00
C THR C 985 5.15 -22.61 31.10
N LYS C 986 5.40 -23.85 30.68
CA LYS C 986 6.74 -24.42 30.76
C LYS C 986 7.66 -23.87 29.67
N GLN C 987 7.06 -23.20 28.68
CA GLN C 987 7.80 -22.66 27.53
C GLN C 987 7.90 -21.14 27.57
N CYS C 988 7.65 -20.56 28.74
CA CYS C 988 7.60 -19.10 28.87
C CYS C 988 8.99 -18.46 28.96
N LYS C 989 10.03 -19.19 28.57
CA LYS C 989 11.39 -18.63 28.47
C LYS C 989 11.89 -18.72 27.03
N ASP C 990 11.08 -19.30 26.15
CA ASP C 990 11.44 -19.52 24.76
C ASP C 990 10.34 -18.95 23.86
N LEU C 991 10.56 -17.73 23.36
CA LEU C 991 9.51 -16.98 22.66
C LEU C 991 9.04 -17.66 21.37
N VAL C 992 9.97 -18.17 20.58
CA VAL C 992 9.61 -18.78 19.31
C VAL C 992 8.80 -20.06 19.51
N VAL C 993 9.11 -20.79 20.59
CA VAL C 993 8.38 -22.02 20.92
C VAL C 993 7.01 -21.70 21.51
N PHE C 994 7.02 -20.77 22.47
CA PHE C 994 5.82 -20.19 23.07
C PHE C 994 4.81 -19.77 21.99
N LYS C 995 5.30 -19.04 21.00
CA LYS C 995 4.45 -18.57 19.91
C LYS C 995 3.93 -19.76 19.11
N GLY C 996 4.77 -20.77 18.94
CA GLY C 996 4.35 -22.00 18.27
C GLY C 996 3.16 -22.62 18.97
N THR C 997 3.26 -22.73 20.28
CA THR C 997 2.19 -23.30 21.09
C THR C 997 0.91 -22.46 20.97
N LEU C 998 1.05 -21.14 20.92
CA LEU C 998 -0.11 -20.28 20.75
C LEU C 998 -0.76 -20.49 19.38
N ARG C 999 0.06 -20.62 18.34
N ARG C 999 0.06 -20.60 18.34
CA ARG C 999 -0.47 -20.85 16.99
CA ARG C 999 -0.44 -20.86 16.99
C ARG C 999 -1.21 -22.18 16.93
C ARG C 999 -1.23 -22.16 16.95
N ASP C 1000 -0.70 -23.19 17.61
CA ASP C 1000 -1.35 -24.49 17.65
C ASP C 1000 -2.71 -24.38 18.34
N PHE C 1001 -2.77 -23.54 19.37
CA PHE C 1001 -4.02 -23.30 20.09
C PHE C 1001 -5.04 -22.59 19.20
N LEU C 1002 -4.59 -21.58 18.47
CA LEU C 1002 -5.47 -20.83 17.57
C LEU C 1002 -6.04 -21.74 16.49
N VAL C 1003 -5.29 -22.77 16.08
CA VAL C 1003 -5.81 -23.76 15.14
C VAL C 1003 -6.86 -24.66 15.80
N GLN C 1004 -6.56 -25.15 17.00
CA GLN C 1004 -7.43 -26.12 17.65
C GLN C 1004 -8.79 -25.55 18.04
N ILE C 1005 -8.85 -24.24 18.29
CA ILE C 1005 -10.12 -23.62 18.68
C ILE C 1005 -11.04 -23.40 17.49
N LYS C 1006 -10.51 -23.54 16.28
CA LYS C 1006 -11.31 -23.41 15.06
C LYS C 1006 -12.04 -24.71 14.74
N GLU C 1007 -11.69 -25.79 15.45
CA GLU C 1007 -12.27 -27.11 15.20
C GLU C 1007 -12.65 -27.82 16.48
N VAL C 1008 -13.26 -28.98 16.34
CA VAL C 1008 -13.64 -29.82 17.46
C VAL C 1008 -12.77 -31.08 17.47
N GLY C 1009 -12.41 -31.52 18.66
CA GLY C 1009 -11.70 -32.78 18.81
C GLY C 1009 -10.22 -32.70 18.50
N GLY C 1010 -9.63 -31.53 18.72
CA GLY C 1010 -8.19 -31.39 18.56
C GLY C 1010 -7.45 -32.34 19.48
N ASP C 1011 -6.23 -32.71 19.10
CA ASP C 1011 -5.44 -33.67 19.87
C ASP C 1011 -4.62 -32.97 20.97
N PRO C 1012 -4.87 -33.33 22.24
CA PRO C 1012 -4.10 -32.68 23.32
C PRO C 1012 -2.60 -32.96 23.27
N THR C 1013 -2.20 -34.07 22.66
CA THR C 1013 -0.79 -34.42 22.59
C THR C 1013 -0.02 -33.51 21.62
N ASP C 1014 -0.74 -32.79 20.77
CA ASP C 1014 -0.10 -31.86 19.85
C ASP C 1014 0.82 -30.87 20.57
N TYR C 1015 0.45 -30.52 21.80
CA TYR C 1015 1.19 -29.52 22.57
C TYR C 1015 2.49 -30.05 23.16
N LEU C 1016 2.77 -31.33 22.90
CA LEU C 1016 4.04 -31.93 23.30
C LEU C 1016 5.04 -31.92 22.15
N PHE C 1017 4.77 -31.10 21.14
CA PHE C 1017 5.59 -31.06 19.93
C PHE C 1017 7.02 -30.63 20.22
N ALA C 1018 7.18 -29.60 21.04
CA ALA C 1018 8.50 -29.11 21.42
C ALA C 1018 8.99 -29.79 22.69
N SER D 6 15.21 36.15 -19.46
CA SER D 6 14.40 34.96 -19.24
C SER D 6 15.30 33.73 -19.11
N PHE D 7 15.37 32.92 -20.17
CA PHE D 7 16.26 31.77 -20.22
C PHE D 7 17.50 32.12 -21.03
N ASP D 8 18.59 32.43 -20.33
CA ASP D 8 19.85 32.80 -20.96
C ASP D 8 21.02 32.33 -20.11
N MET D 9 21.62 31.21 -20.51
CA MET D 9 22.67 30.58 -19.71
C MET D 9 24.06 31.00 -20.20
N ASN D 10 24.14 32.18 -20.81
CA ASN D 10 25.40 32.64 -21.40
C ASN D 10 26.50 32.78 -20.37
N GLU D 11 26.15 33.26 -19.18
CA GLU D 11 27.12 33.44 -18.11
C GLU D 11 27.70 32.11 -17.67
N LEU D 12 26.89 31.05 -17.73
CA LEU D 12 27.37 29.72 -17.39
C LEU D 12 28.37 29.23 -18.44
N ALA D 13 28.06 29.50 -19.71
CA ALA D 13 28.96 29.15 -20.79
C ALA D 13 30.29 29.88 -20.61
N LEU D 14 30.20 31.14 -20.17
CA LEU D 14 31.38 31.96 -19.93
C LEU D 14 32.29 31.37 -18.85
N LYS D 15 31.75 31.23 -17.65
CA LYS D 15 32.54 30.79 -16.50
C LYS D 15 33.05 29.37 -16.67
N LEU D 16 32.42 28.61 -17.55
CA LEU D 16 32.82 27.23 -17.79
C LEU D 16 33.93 27.19 -18.85
N ALA D 17 33.90 28.14 -19.77
CA ALA D 17 34.89 28.18 -20.84
C ALA D 17 36.24 28.68 -20.35
N GLY D 18 36.30 29.14 -19.11
CA GLY D 18 37.55 29.58 -18.50
C GLY D 18 38.10 28.48 -17.62
N LEU D 19 37.80 28.56 -16.33
CA LEU D 19 38.13 27.49 -15.38
C LEU D 19 39.63 27.26 -15.29
#